data_8SWQ
#
_entry.id   8SWQ
#
_cell.length_a   89.963
_cell.length_b   110.788
_cell.length_c   98.043
_cell.angle_alpha   90.00
_cell.angle_beta   108.95
_cell.angle_gamma   90.00
#
_symmetry.space_group_name_H-M   'P 1 21 1'
#
loop_
_entity.id
_entity.type
_entity.pdbx_description
1 polymer 'Purine nucleoside phosphorylase'
2 non-polymer 7-[[(3R,4R)-3-(hydroxymethyl)-4-oxidanyl-pyrrolidin-1-ium-1-yl]methyl]-3,5-dihydropyrrolo[3,2-d]pyrimidin-4-one
3 non-polymer 'SULFATE ION'
4 non-polymer GLYCEROL
5 water water
#
_entity_poly.entity_id   1
_entity_poly.type   'polypeptide(L)'
_entity_poly.pdbx_seq_one_letter_code
;S(MSE)SSLDINEQRALIKSAHRYISEKLEDHFSSEFLPKALVICGSGLSGISTKIADEPKPLILSYSTIPGFKVSTVPG
HSGELIFGY(MSE)NGAPVVL(MSE)NGRLHSYEGHSLAETVHPIRALHLLGSINVLIVTNAAGGINASFKAGDL(MSE)
CVYDHINFPGLCGFHPLRGANFDEFGPRFLATSDAYDLELRKLLFSKKKELNIERKIHEGTYSYVHGPTFESRAESRFLR
LAGTDAVG(MSE)STVPEVVTARHCGWRVLALSLITNECVVDPPASAHDENPVPIQEGKATHEEVLENSAKASKDVQELI
FSVVAEI
;
_entity_poly.pdbx_strand_id   A,B,C,D,E,F
#
loop_
_chem_comp.id
_chem_comp.type
_chem_comp.name
_chem_comp.formula
DIH non-polymer 7-[[(3R,4R)-3-(hydroxymethyl)-4-oxidanyl-pyrrolidin-1-ium-1-yl]methyl]-3,5-dihydropyrrolo[3,2-d]pyrimidin-4-one 'C12 H17 N4 O3 1'
GOL non-polymer GLYCEROL 'C3 H8 O3'
SO4 non-polymer 'SULFATE ION' 'O4 S -2'
#
# COMPACT_ATOMS: atom_id res chain seq x y z
N ASP A 6 -1.31 -31.24 20.11
CA ASP A 6 -0.91 -31.92 21.33
C ASP A 6 0.01 -31.04 22.18
N ILE A 7 -0.14 -31.10 23.50
CA ILE A 7 0.64 -30.22 24.38
C ILE A 7 2.10 -30.67 24.50
N ASN A 8 2.33 -31.98 24.59
CA ASN A 8 3.70 -32.47 24.67
C ASN A 8 4.46 -32.24 23.37
N GLU A 9 3.71 -32.17 22.28
CA GLU A 9 4.27 -31.78 20.99
C GLU A 9 4.53 -30.26 20.95
N GLN A 10 3.60 -29.49 21.52
CA GLN A 10 3.76 -28.04 21.59
C GLN A 10 4.92 -27.67 22.50
N ARG A 11 5.04 -28.37 23.63
CA ARG A 11 6.16 -28.16 24.53
C ARG A 11 7.49 -28.42 23.83
N ALA A 12 7.55 -29.50 23.06
CA ALA A 12 8.78 -29.86 22.37
C ALA A 12 9.18 -28.77 21.36
N LEU A 13 8.19 -28.24 20.65
CA LEU A 13 8.42 -27.19 19.66
C LEU A 13 8.87 -25.89 20.33
N ILE A 14 8.27 -25.58 21.47
CA ILE A 14 8.64 -24.40 22.24
C ILE A 14 10.07 -24.54 22.77
N LYS A 15 10.37 -25.69 23.36
CA LYS A 15 11.70 -25.93 23.92
C LYS A 15 12.76 -25.93 22.83
N SER A 16 12.39 -26.42 21.65
CA SER A 16 13.26 -26.45 20.48
C SER A 16 13.57 -25.03 19.98
N ALA A 17 12.53 -24.22 19.85
CA ALA A 17 12.68 -22.83 19.43
C ALA A 17 13.58 -22.09 20.40
N HIS A 18 13.32 -22.26 21.69
CA HIS A 18 14.15 -21.65 22.73
C HIS A 18 15.62 -22.05 22.59
N ARG A 19 15.89 -23.34 22.46
CA ARG A 19 17.26 -23.83 22.37
C ARG A 19 18.00 -23.21 21.18
N TYR A 20 17.32 -23.15 20.04
CA TYR A 20 17.88 -22.52 18.84
C TYR A 20 18.22 -21.06 19.10
N ILE A 21 17.25 -20.32 19.61
CA ILE A 21 17.41 -18.91 19.89
C ILE A 21 18.52 -18.66 20.93
N SER A 22 18.49 -19.44 22.01
CA SER A 22 19.44 -19.28 23.10
C SER A 22 20.87 -19.52 22.61
N GLU A 23 21.06 -20.53 21.77
CA GLU A 23 22.38 -20.89 21.26
C GLU A 23 22.90 -19.84 20.29
N LYS A 24 22.00 -19.31 19.46
CA LYS A 24 22.30 -18.17 18.60
C LYS A 24 22.81 -16.97 19.40
N LEU A 25 22.10 -16.64 20.46
CA LEU A 25 22.48 -15.49 21.29
C LEU A 25 23.85 -15.68 21.93
N GLU A 26 24.03 -16.82 22.59
CA GLU A 26 25.27 -17.14 23.30
C GLU A 26 26.49 -17.07 22.37
N ASP A 27 26.29 -17.35 21.09
CA ASP A 27 27.38 -17.32 20.11
C ASP A 27 27.59 -15.94 19.49
N HIS A 28 26.57 -15.09 19.55
CA HIS A 28 26.64 -13.78 18.91
C HIS A 28 27.12 -12.68 19.85
N PHE A 29 26.58 -12.66 21.06
CA PHE A 29 26.92 -11.62 22.02
C PHE A 29 27.99 -12.06 23.01
N SER A 30 28.93 -11.19 23.33
CA SER A 30 30.00 -11.53 24.28
C SER A 30 29.51 -11.49 25.72
N SER A 31 28.53 -10.65 26.01
CA SER A 31 27.85 -10.66 27.30
C SER A 31 26.53 -11.41 27.15
N GLU A 32 26.07 -12.05 28.22
CA GLU A 32 24.80 -12.77 28.19
C GLU A 32 23.68 -11.82 27.77
N PHE A 33 22.94 -12.18 26.72
CA PHE A 33 21.88 -11.30 26.24
C PHE A 33 20.53 -11.64 26.86
N LEU A 34 20.05 -10.75 27.73
CA LEU A 34 18.82 -11.00 28.48
C LEU A 34 17.81 -9.88 28.25
N PRO A 35 17.01 -9.99 27.18
CA PRO A 35 16.10 -8.89 26.86
C PRO A 35 15.06 -8.73 27.95
N LYS A 36 14.69 -7.48 28.23
CA LYS A 36 13.72 -7.19 29.28
C LYS A 36 12.33 -7.02 28.68
N ALA A 37 12.27 -6.74 27.39
CA ALA A 37 10.99 -6.50 26.72
C ALA A 37 10.95 -7.20 25.38
N LEU A 38 9.77 -7.67 25.01
CA LEU A 38 9.52 -8.04 23.64
C LEU A 38 8.69 -6.93 23.04
N VAL A 39 9.13 -6.38 21.90
CA VAL A 39 8.35 -5.35 21.24
C VAL A 39 7.78 -5.93 19.96
N ILE A 40 6.45 -5.90 19.82
CA ILE A 40 5.81 -6.41 18.61
C ILE A 40 5.44 -5.25 17.70
N CYS A 41 6.03 -5.20 16.52
CA CYS A 41 5.82 -4.04 15.61
C CYS A 41 4.62 -4.27 14.69
N GLY A 42 3.66 -3.36 14.71
CA GLY A 42 2.43 -3.53 13.93
C GLY A 42 2.53 -3.08 12.47
N SER A 43 1.40 -3.02 11.78
CA SER A 43 1.39 -2.70 10.33
C SER A 43 1.93 -1.29 10.07
N GLY A 44 2.94 -1.19 9.20
CA GLY A 44 3.54 0.12 8.85
C GLY A 44 4.50 0.65 9.90
N LEU A 45 4.83 -0.14 10.93
CA LEU A 45 5.65 0.36 12.05
C LEU A 45 6.99 -0.40 12.14
N SER A 46 7.40 -1.04 11.05
CA SER A 46 8.69 -1.74 11.08
C SER A 46 9.87 -0.76 11.30
N GLY A 47 9.64 0.53 11.14
CA GLY A 47 10.65 1.54 11.43
C GLY A 47 11.18 1.50 12.86
N ILE A 48 10.44 0.88 13.76
CA ILE A 48 10.89 0.69 15.15
C ILE A 48 12.26 0.01 15.19
N SER A 49 12.55 -0.81 14.18
CA SER A 49 13.84 -1.50 14.12
C SER A 49 15.03 -0.57 13.88
N THR A 50 14.77 0.63 13.37
CA THR A 50 15.86 1.60 13.18
C THR A 50 16.38 2.18 14.50
N LYS A 51 15.65 1.91 15.59
CA LYS A 51 16.03 2.39 16.91
C LYS A 51 16.98 1.41 17.62
N ILE A 52 17.20 0.25 17.02
CA ILE A 52 18.18 -0.71 17.53
C ILE A 52 19.57 -0.19 17.19
N ALA A 53 20.44 -0.14 18.18
CA ALA A 53 21.78 0.43 17.99
C ALA A 53 22.66 -0.45 17.09
N ASP A 54 23.64 0.18 16.43
CA ASP A 54 24.61 -0.55 15.62
C ASP A 54 25.58 -1.37 16.47
N GLU A 55 25.84 -0.88 17.68
CA GLU A 55 26.81 -1.50 18.58
C GLU A 55 26.20 -1.64 19.96
N PRO A 56 26.30 -2.83 20.59
CA PRO A 56 26.82 -4.09 20.02
C PRO A 56 25.97 -4.54 18.83
N LYS A 57 26.59 -5.25 17.90
CA LYS A 57 25.90 -5.70 16.69
C LYS A 57 24.66 -6.51 17.02
N PRO A 58 23.52 -6.10 16.47
CA PRO A 58 22.28 -6.81 16.75
C PRO A 58 22.29 -8.18 16.06
N LEU A 59 21.44 -9.07 16.51
CA LEU A 59 21.31 -10.38 15.89
C LEU A 59 19.95 -10.49 15.22
N ILE A 60 19.93 -10.90 13.96
CA ILE A 60 18.65 -11.04 13.26
C ILE A 60 18.37 -12.49 12.88
N LEU A 61 17.26 -13.01 13.38
CA LEU A 61 16.83 -14.37 13.09
C LEU A 61 15.54 -14.37 12.28
N SER A 62 15.60 -14.87 11.06
CA SER A 62 14.41 -14.97 10.24
C SER A 62 13.46 -16.02 10.84
N TYR A 63 12.15 -15.73 10.80
CA TYR A 63 11.15 -16.70 11.25
C TYR A 63 11.30 -18.05 10.56
N SER A 64 11.69 -18.02 9.29
CA SER A 64 11.82 -19.25 8.50
C SER A 64 12.90 -20.19 9.02
N THR A 65 13.80 -19.68 9.88
CA THR A 65 14.90 -20.49 10.41
C THR A 65 14.66 -21.01 11.84
N ILE A 66 13.62 -20.50 12.51
CA ILE A 66 13.35 -20.89 13.89
C ILE A 66 12.21 -21.91 13.96
N PRO A 67 12.44 -23.02 14.68
CA PRO A 67 11.45 -24.10 14.86
C PRO A 67 10.11 -23.65 15.43
N GLY A 68 9.02 -24.04 14.77
CA GLY A 68 7.69 -23.72 15.24
C GLY A 68 7.20 -22.37 14.74
N PHE A 69 8.14 -21.49 14.41
CA PHE A 69 7.74 -20.21 13.86
C PHE A 69 7.15 -20.43 12.48
N LYS A 70 6.05 -19.72 12.21
CA LYS A 70 5.43 -19.74 10.90
C LYS A 70 5.79 -18.39 10.30
N VAL A 71 5.91 -18.33 8.98
CA VAL A 71 6.22 -17.06 8.34
C VAL A 71 4.92 -16.39 7.90
N SER A 72 4.97 -15.08 7.65
CA SER A 72 3.84 -14.39 7.04
C SER A 72 3.56 -14.99 5.67
N THR A 73 2.28 -15.00 5.30
CA THR A 73 1.89 -15.36 3.92
C THR A 73 2.09 -14.14 3.04
N VAL A 74 2.35 -13.00 3.67
CA VAL A 74 2.59 -11.76 2.95
C VAL A 74 4.05 -11.61 2.53
N PRO A 75 4.28 -11.42 1.24
CA PRO A 75 5.60 -11.23 0.65
C PRO A 75 5.93 -9.75 0.53
N GLY A 76 7.20 -9.37 0.67
CA GLY A 76 8.25 -10.28 1.10
C GLY A 76 8.58 -10.00 2.55
N HIS A 77 7.58 -9.48 3.28
CA HIS A 77 7.70 -9.27 4.71
C HIS A 77 7.38 -10.59 5.41
N SER A 78 8.39 -11.47 5.51
CA SER A 78 8.20 -12.81 6.04
C SER A 78 8.33 -12.87 7.56
N GLY A 79 8.97 -11.86 8.14
CA GLY A 79 9.05 -11.75 9.58
C GLY A 79 10.38 -12.19 10.16
N GLU A 80 10.84 -11.47 11.18
CA GLU A 80 12.13 -11.72 11.80
C GLU A 80 12.14 -11.26 13.25
N LEU A 81 12.97 -11.91 14.05
CA LEU A 81 13.25 -11.50 15.42
C LEU A 81 14.56 -10.73 15.38
N ILE A 82 14.57 -9.55 15.98
CA ILE A 82 15.78 -8.74 16.06
C ILE A 82 16.17 -8.57 17.51
N PHE A 83 17.35 -9.06 17.86
CA PHE A 83 17.88 -8.93 19.22
C PHE A 83 18.96 -7.86 19.23
N GLY A 84 18.79 -6.83 20.06
CA GLY A 84 19.81 -5.79 20.17
C GLY A 84 19.53 -4.82 21.29
N TYR A 85 20.27 -3.72 21.30
CA TYR A 85 20.10 -2.72 22.36
C TYR A 85 19.39 -1.52 21.80
N MSE A 86 18.33 -1.12 22.51
CA MSE A 86 17.58 0.07 22.16
C MSE A 86 17.62 1.04 23.33
O MSE A 86 17.16 0.71 24.42
CB MSE A 86 16.13 -0.30 21.83
CG MSE A 86 15.27 0.93 21.61
SE MSE A 86 13.47 0.42 21.06
CE MSE A 86 13.26 -1.19 22.05
N ASN A 87 18.19 2.23 23.12
CA ASN A 87 18.41 3.20 24.22
C ASN A 87 19.14 2.53 25.40
N GLY A 88 20.11 1.68 25.10
CA GLY A 88 20.85 0.97 26.13
C GLY A 88 20.22 -0.29 26.71
N ALA A 89 18.94 -0.54 26.41
CA ALA A 89 18.22 -1.69 26.97
C ALA A 89 18.22 -2.86 26.00
N PRO A 90 18.57 -4.07 26.50
CA PRO A 90 18.45 -5.26 25.66
C PRO A 90 16.98 -5.55 25.39
N VAL A 91 16.61 -5.67 24.12
CA VAL A 91 15.21 -5.95 23.78
C VAL A 91 15.18 -6.98 22.67
N VAL A 92 14.02 -7.59 22.46
CA VAL A 92 13.79 -8.37 21.25
C VAL A 92 12.60 -7.76 20.52
N LEU A 93 12.74 -7.54 19.22
CA LEU A 93 11.65 -7.02 18.42
C LEU A 93 11.14 -8.12 17.53
N MSE A 94 9.82 -8.28 17.47
CA MSE A 94 9.18 -9.11 16.46
C MSE A 94 8.85 -8.16 15.34
O MSE A 94 7.97 -7.30 15.48
CB MSE A 94 7.90 -9.76 16.97
CG MSE A 94 8.12 -11.09 17.66
SE MSE A 94 6.41 -11.88 18.22
CE MSE A 94 5.43 -11.55 16.58
N ASN A 95 9.59 -8.28 14.25
CA ASN A 95 9.43 -7.38 13.14
C ASN A 95 8.53 -8.07 12.15
N GLY A 96 7.23 -7.88 12.35
CA GLY A 96 6.24 -8.71 11.69
C GLY A 96 5.55 -9.55 12.74
N ARG A 97 4.25 -9.71 12.59
CA ARG A 97 3.50 -10.60 13.45
C ARG A 97 2.69 -11.54 12.56
N LEU A 98 2.14 -12.59 13.15
CA LEU A 98 1.28 -13.50 12.40
C LEU A 98 -0.17 -13.16 12.70
N HIS A 99 -1.03 -13.29 11.69
CA HIS A 99 -2.46 -13.08 11.93
C HIS A 99 -3.22 -14.36 11.66
N SER A 100 -4.27 -14.60 12.44
CA SER A 100 -5.10 -15.78 12.20
C SER A 100 -5.78 -15.75 10.82
N TYR A 101 -6.09 -14.56 10.29
CA TYR A 101 -6.69 -14.51 8.94
C TYR A 101 -5.81 -15.10 7.82
N GLU A 102 -4.51 -15.19 8.07
CA GLU A 102 -3.59 -15.77 7.07
C GLU A 102 -3.76 -17.28 7.02
N GLY A 103 -4.45 -17.84 8.00
CA GLY A 103 -4.61 -19.29 8.05
C GLY A 103 -3.84 -19.95 9.19
N HIS A 104 -3.23 -19.15 10.06
CA HIS A 104 -2.51 -19.71 11.23
C HIS A 104 -3.48 -19.91 12.41
N SER A 105 -3.28 -20.97 13.21
CA SER A 105 -4.05 -21.08 14.45
C SER A 105 -3.61 -20.00 15.43
N LEU A 106 -4.46 -19.66 16.39
CA LEU A 106 -4.05 -18.70 17.41
C LEU A 106 -2.80 -19.19 18.16
N ALA A 107 -2.73 -20.49 18.46
CA ALA A 107 -1.56 -21.06 19.13
C ALA A 107 -0.26 -20.79 18.37
N GLU A 108 -0.33 -20.90 17.03
CA GLU A 108 0.81 -20.55 16.18
C GLU A 108 1.17 -19.07 16.24
N THR A 109 0.19 -18.19 16.32
CA THR A 109 0.50 -16.76 16.32
C THR A 109 1.17 -16.32 17.60
N VAL A 110 0.99 -17.06 18.69
CA VAL A 110 1.55 -16.67 20.00
C VAL A 110 2.71 -17.54 20.45
N HIS A 111 3.04 -18.56 19.67
CA HIS A 111 4.18 -19.43 19.93
C HIS A 111 5.49 -18.67 20.20
N PRO A 112 5.78 -17.60 19.42
CA PRO A 112 7.03 -16.89 19.74
C PRO A 112 7.10 -16.33 21.16
N ILE A 113 5.98 -15.93 21.74
CA ILE A 113 5.94 -15.44 23.12
C ILE A 113 6.34 -16.53 24.12
N ARG A 114 5.79 -17.73 23.95
CA ARG A 114 6.15 -18.89 24.76
C ARG A 114 7.65 -19.21 24.67
N ALA A 115 8.15 -19.29 23.44
CA ALA A 115 9.58 -19.57 23.21
C ALA A 115 10.48 -18.53 23.86
N LEU A 116 10.11 -17.27 23.74
CA LEU A 116 10.95 -16.21 24.26
C LEU A 116 10.88 -16.16 25.78
N HIS A 117 9.72 -16.52 26.34
CA HIS A 117 9.56 -16.57 27.79
C HIS A 117 10.63 -17.43 28.43
N LEU A 118 11.01 -18.50 27.74
CA LEU A 118 12.03 -19.42 28.24
C LEU A 118 13.42 -18.82 28.39
N LEU A 119 13.68 -17.66 27.79
CA LEU A 119 14.96 -16.99 28.04
C LEU A 119 15.07 -16.57 29.51
N GLY A 120 13.92 -16.41 30.18
CA GLY A 120 13.89 -16.10 31.59
C GLY A 120 14.18 -14.66 31.97
N SER A 121 14.15 -13.74 31.01
CA SER A 121 14.49 -12.35 31.31
C SER A 121 13.38 -11.35 30.98
N ILE A 122 12.56 -11.67 29.98
CA ILE A 122 11.52 -10.74 29.55
C ILE A 122 10.40 -10.61 30.58
N ASN A 123 10.08 -9.39 31.01
CA ASN A 123 8.91 -9.26 31.87
C ASN A 123 7.90 -8.24 31.36
N VAL A 124 8.14 -7.70 30.16
CA VAL A 124 7.21 -6.74 29.56
C VAL A 124 6.95 -7.03 28.10
N LEU A 125 5.68 -7.02 27.70
CA LEU A 125 5.33 -7.01 26.28
C LEU A 125 4.93 -5.60 25.92
N ILE A 126 5.56 -5.05 24.89
CA ILE A 126 5.11 -3.78 24.32
C ILE A 126 4.57 -4.11 22.94
N VAL A 127 3.26 -4.00 22.78
CA VAL A 127 2.68 -4.41 21.52
C VAL A 127 2.07 -3.21 20.81
N THR A 128 2.41 -3.04 19.53
CA THR A 128 1.81 -1.98 18.73
C THR A 128 0.93 -2.57 17.64
N ASN A 129 -0.03 -1.78 17.16
CA ASN A 129 -0.86 -2.18 16.03
C ASN A 129 -1.49 -0.97 15.35
N ALA A 130 -2.06 -1.20 14.18
CA ALA A 130 -2.91 -0.19 13.54
C ALA A 130 -4.34 -0.61 13.88
N ALA A 131 -5.26 0.35 13.95
CA ALA A 131 -6.64 0.01 14.27
C ALA A 131 -7.60 0.99 13.65
N GLY A 132 -8.84 0.55 13.44
CA GLY A 132 -9.87 1.44 12.95
C GLY A 132 -10.54 2.10 14.15
N GLY A 133 -10.84 3.38 14.04
CA GLY A 133 -11.44 4.10 15.15
C GLY A 133 -12.93 3.86 15.16
N ILE A 134 -13.44 3.36 16.27
CA ILE A 134 -14.87 3.09 16.40
C ILE A 134 -15.48 4.21 17.24
N ASN A 135 -14.73 4.64 18.26
CA ASN A 135 -15.11 5.80 19.05
C ASN A 135 -15.18 7.04 18.15
N ALA A 136 -16.32 7.72 18.14
CA ALA A 136 -16.59 8.80 17.18
C ALA A 136 -15.63 9.97 17.32
N SER A 137 -14.98 10.08 18.48
CA SER A 137 -14.14 11.23 18.74
C SER A 137 -12.72 11.01 18.23
N PHE A 138 -12.40 9.76 17.89
CA PHE A 138 -11.06 9.46 17.38
C PHE A 138 -10.90 9.94 15.96
N LYS A 139 -9.69 10.34 15.60
CA LYS A 139 -9.38 10.71 14.24
C LYS A 139 -8.14 9.96 13.78
N ALA A 140 -8.06 9.70 12.48
CA ALA A 140 -6.86 9.11 11.89
C ALA A 140 -5.64 9.94 12.30
N GLY A 141 -4.59 9.30 12.78
CA GLY A 141 -3.42 10.05 13.23
C GLY A 141 -3.30 10.02 14.74
N ASP A 142 -4.42 9.84 15.44
CA ASP A 142 -4.39 9.75 16.90
C ASP A 142 -3.83 8.39 17.34
N LEU A 143 -3.24 8.35 18.53
CA LEU A 143 -2.82 7.08 19.10
C LEU A 143 -3.85 6.73 20.14
N MSE A 144 -3.93 5.46 20.50
CA MSE A 144 -4.72 5.06 21.65
C MSE A 144 -3.94 4.08 22.50
O MSE A 144 -3.55 2.99 22.05
CB MSE A 144 -6.06 4.44 21.24
CG MSE A 144 -6.97 4.16 22.45
SE MSE A 144 -8.47 2.96 21.99
CE MSE A 144 -7.55 1.25 21.95
N CYS A 145 -3.72 4.47 23.74
CA CYS A 145 -3.15 3.56 24.71
C CYS A 145 -4.27 2.60 25.14
N VAL A 146 -4.03 1.30 24.99
CA VAL A 146 -5.04 0.30 25.32
C VAL A 146 -5.09 0.05 26.81
N TYR A 147 -6.26 0.23 27.42
CA TYR A 147 -6.36 -0.09 28.85
C TYR A 147 -7.34 -1.22 29.13
N ASP A 148 -7.92 -1.76 28.06
CA ASP A 148 -8.90 -2.83 28.16
C ASP A 148 -9.15 -3.43 26.79
N HIS A 149 -9.72 -4.62 26.74
CA HIS A 149 -10.03 -5.20 25.45
C HIS A 149 -11.34 -5.98 25.46
N ILE A 150 -11.83 -6.27 24.26
CA ILE A 150 -12.92 -7.21 24.09
C ILE A 150 -12.41 -8.31 23.19
N ASN A 151 -12.46 -9.54 23.69
CA ASN A 151 -12.06 -10.71 22.90
C ASN A 151 -13.29 -11.50 22.49
N PHE A 152 -14.07 -10.92 21.57
CA PHE A 152 -15.29 -11.57 21.10
C PHE A 152 -15.01 -12.95 20.47
N PRO A 153 -13.98 -13.07 19.61
CA PRO A 153 -13.67 -14.42 19.10
C PRO A 153 -13.38 -15.41 20.24
N GLY A 154 -12.72 -14.94 21.30
CA GLY A 154 -12.45 -15.78 22.46
C GLY A 154 -13.70 -16.27 23.17
N LEU A 155 -14.67 -15.40 23.33
CA LEU A 155 -15.94 -15.77 23.97
C LEU A 155 -16.63 -16.84 23.17
N CYS A 156 -16.44 -16.79 21.85
CA CYS A 156 -17.14 -17.64 20.91
C CYS A 156 -16.39 -18.89 20.49
N GLY A 157 -15.26 -19.18 21.13
CA GLY A 157 -14.61 -20.45 20.85
C GLY A 157 -13.25 -20.44 20.20
N PHE A 158 -12.72 -19.26 19.88
CA PHE A 158 -11.40 -19.13 19.26
C PHE A 158 -10.48 -18.41 20.23
N HIS A 159 -9.75 -19.17 21.03
CA HIS A 159 -9.03 -18.60 22.17
C HIS A 159 -7.61 -19.19 22.18
N PRO A 160 -6.59 -18.35 22.41
CA PRO A 160 -5.23 -18.90 22.37
C PRO A 160 -4.90 -19.84 23.53
N LEU A 161 -5.67 -19.81 24.61
CA LEU A 161 -5.36 -20.71 25.74
C LEU A 161 -6.17 -22.02 25.71
N ARG A 162 -7.01 -22.19 24.69
CA ARG A 162 -7.77 -23.46 24.58
C ARG A 162 -6.80 -24.66 24.51
N GLY A 163 -7.13 -25.73 25.23
CA GLY A 163 -6.30 -26.92 25.24
C GLY A 163 -5.78 -27.17 26.65
N ALA A 164 -4.97 -28.20 26.82
CA ALA A 164 -4.35 -28.45 28.11
C ALA A 164 -3.56 -27.18 28.48
N ASN A 165 -3.51 -26.88 29.76
CA ASN A 165 -2.83 -25.68 30.24
C ASN A 165 -1.32 -25.90 30.34
N PHE A 166 -0.53 -24.89 29.98
CA PHE A 166 0.91 -24.94 30.26
C PHE A 166 1.15 -24.58 31.72
N ASP A 167 1.02 -25.55 32.61
CA ASP A 167 1.17 -25.29 34.04
C ASP A 167 2.54 -24.72 34.44
N GLU A 168 3.58 -25.00 33.66
CA GLU A 168 4.92 -24.44 33.91
C GLU A 168 4.92 -22.92 33.73
N PHE A 169 3.96 -22.43 32.95
CA PHE A 169 3.95 -21.01 32.56
C PHE A 169 2.97 -20.16 33.36
N GLY A 170 1.78 -20.69 33.60
CA GLY A 170 0.75 -19.89 34.22
C GLY A 170 -0.49 -20.68 34.60
N PRO A 171 -1.50 -19.98 35.14
CA PRO A 171 -2.71 -20.58 35.71
C PRO A 171 -3.69 -21.09 34.67
N ARG A 172 -4.46 -22.10 35.03
CA ARG A 172 -5.50 -22.63 34.13
C ARG A 172 -6.52 -21.54 33.83
N PHE A 173 -6.80 -20.70 34.83
CA PHE A 173 -7.82 -19.64 34.71
C PHE A 173 -7.20 -18.28 34.92
N LEU A 174 -7.13 -17.50 33.86
CA LEU A 174 -6.41 -16.25 33.88
C LEU A 174 -7.40 -15.09 33.89
N ALA A 175 -7.26 -14.18 34.86
CA ALA A 175 -8.10 -12.98 34.88
C ALA A 175 -7.61 -12.03 33.81
N THR A 176 -8.52 -11.26 33.24
CA THR A 176 -8.10 -10.23 32.30
C THR A 176 -8.60 -8.83 32.70
N SER A 177 -9.24 -8.71 33.87
CA SER A 177 -9.61 -7.40 34.38
C SER A 177 -8.38 -6.56 34.78
N ASP A 178 -7.21 -7.20 34.84
CA ASP A 178 -5.95 -6.51 35.19
C ASP A 178 -4.88 -6.66 34.11
N ALA A 179 -5.30 -6.71 32.87
CA ALA A 179 -4.36 -7.04 31.78
C ALA A 179 -3.43 -5.88 31.42
N TYR A 180 -3.85 -4.64 31.64
CA TYR A 180 -3.08 -3.49 31.13
C TYR A 180 -2.48 -2.63 32.25
N ASP A 181 -1.25 -3.01 32.65
CA ASP A 181 -0.49 -2.39 33.74
C ASP A 181 -0.66 -0.88 33.83
N LEU A 182 -1.03 -0.38 35.00
CA LEU A 182 -1.21 1.07 35.16
C LEU A 182 0.12 1.82 35.06
N GLU A 183 1.17 1.32 35.70
CA GLU A 183 2.42 2.08 35.73
C GLU A 183 3.07 2.24 34.37
N LEU A 184 2.91 1.24 33.50
CA LEU A 184 3.45 1.35 32.15
C LEU A 184 2.67 2.38 31.33
N ARG A 185 1.36 2.46 31.53
CA ARG A 185 0.57 3.46 30.81
C ARG A 185 0.93 4.87 31.29
N LYS A 186 1.21 5.00 32.58
CA LYS A 186 1.66 6.29 33.11
C LYS A 186 3.03 6.64 32.56
N LEU A 187 3.89 5.63 32.43
CA LEU A 187 5.21 5.81 31.83
C LEU A 187 5.07 6.31 30.40
N LEU A 188 4.21 5.66 29.62
CA LEU A 188 3.96 6.11 28.25
C LEU A 188 3.57 7.59 28.19
N PHE A 189 2.61 8.01 29.01
CA PHE A 189 2.21 9.40 29.00
C PHE A 189 3.30 10.33 29.51
N SER A 190 4.13 9.88 30.46
CA SER A 190 5.27 10.71 30.90
C SER A 190 6.25 10.96 29.77
N LYS A 191 6.45 9.96 28.94
CA LYS A 191 7.38 10.10 27.81
C LYS A 191 6.80 11.03 26.74
N LYS A 192 5.50 10.97 26.51
CA LYS A 192 4.86 11.92 25.60
CA LYS A 192 4.84 11.92 25.61
C LYS A 192 5.15 13.35 26.06
N LYS A 193 5.03 13.59 27.35
CA LYS A 193 5.35 14.90 27.92
C LYS A 193 6.84 15.24 27.76
N GLU A 194 7.72 14.31 28.15
CA GLU A 194 9.16 14.55 28.08
C GLU A 194 9.59 14.90 26.65
N LEU A 195 8.98 14.22 25.68
CA LEU A 195 9.40 14.38 24.28
C LEU A 195 8.66 15.51 23.58
N ASN A 196 7.70 16.12 24.26
CA ASN A 196 6.90 17.22 23.68
C ASN A 196 6.19 16.75 22.40
N ILE A 197 5.72 15.51 22.43
CA ILE A 197 4.95 15.00 21.33
C ILE A 197 3.53 15.53 21.42
N GLU A 198 3.05 16.16 20.35
CA GLU A 198 1.72 16.77 20.38
C GLU A 198 0.61 15.83 19.92
N ARG A 199 0.99 14.76 19.22
CA ARG A 199 0.01 13.78 18.75
C ARG A 199 -0.86 13.30 19.91
N LYS A 200 -2.17 13.21 19.70
CA LYS A 200 -3.08 12.76 20.75
C LYS A 200 -2.85 11.32 21.14
N ILE A 201 -2.93 11.03 22.44
CA ILE A 201 -2.96 9.66 22.89
C ILE A 201 -4.18 9.48 23.77
N HIS A 202 -5.17 8.80 23.23
CA HIS A 202 -6.40 8.48 23.97
C HIS A 202 -6.10 7.28 24.85
N GLU A 203 -7.07 6.93 25.70
CA GLU A 203 -7.01 5.67 26.45
C GLU A 203 -8.34 4.99 26.17
N GLY A 204 -8.33 3.70 25.85
CA GLY A 204 -9.59 3.03 25.60
C GLY A 204 -9.50 1.56 25.32
N THR A 205 -10.58 1.02 24.76
CA THR A 205 -10.79 -0.42 24.62
C THR A 205 -10.59 -0.86 23.19
N TYR A 206 -9.70 -1.85 23.01
CA TYR A 206 -9.40 -2.42 21.72
C TYR A 206 -10.19 -3.69 21.55
N SER A 207 -10.81 -3.91 20.38
CA SER A 207 -11.46 -5.18 20.11
C SER A 207 -10.76 -5.95 18.99
N TYR A 208 -10.51 -7.22 19.25
CA TYR A 208 -9.92 -8.12 18.28
C TYR A 208 -11.02 -8.77 17.44
N VAL A 209 -10.93 -8.65 16.11
CA VAL A 209 -11.80 -9.41 15.20
C VAL A 209 -10.92 -10.16 14.22
N HIS A 210 -11.44 -11.22 13.64
CA HIS A 210 -10.59 -12.12 12.86
C HIS A 210 -10.12 -11.56 11.52
N GLY A 211 -11.00 -10.86 10.81
CA GLY A 211 -10.69 -10.39 9.46
C GLY A 211 -10.81 -11.51 8.44
N PRO A 212 -10.29 -11.31 7.21
CA PRO A 212 -9.53 -10.14 6.74
C PRO A 212 -10.38 -9.03 6.10
N THR A 213 -11.71 -9.14 6.16
CA THR A 213 -12.53 -8.03 5.67
C THR A 213 -12.46 -6.89 6.67
N PHE A 214 -12.54 -5.67 6.18
CA PHE A 214 -12.81 -4.54 7.05
C PHE A 214 -14.30 -4.66 7.42
N GLU A 215 -14.67 -4.08 8.56
CA GLU A 215 -16.02 -4.23 9.12
C GLU A 215 -17.11 -3.56 8.30
N SER A 216 -18.26 -4.20 8.20
CA SER A 216 -19.40 -3.54 7.61
C SER A 216 -19.90 -2.45 8.56
N ARG A 217 -20.86 -1.66 8.11
CA ARG A 217 -21.41 -0.62 8.96
C ARG A 217 -22.08 -1.20 10.20
N ALA A 218 -22.88 -2.23 10.01
CA ALA A 218 -23.58 -2.89 11.12
C ALA A 218 -22.63 -3.57 12.10
N GLU A 219 -21.57 -4.17 11.58
CA GLU A 219 -20.55 -4.79 12.45
C GLU A 219 -19.89 -3.71 13.30
N SER A 220 -19.58 -2.58 12.70
CA SER A 220 -18.92 -1.49 13.43
C SER A 220 -19.84 -0.89 14.48
N ARG A 221 -21.12 -0.78 14.13
CA ARG A 221 -22.12 -0.30 15.08
C ARG A 221 -22.26 -1.28 16.23
N PHE A 222 -22.20 -2.57 15.91
CA PHE A 222 -22.22 -3.63 16.94
C PHE A 222 -21.02 -3.51 17.87
N LEU A 223 -19.82 -3.42 17.29
CA LEU A 223 -18.62 -3.24 18.11
C LEU A 223 -18.73 -2.01 19.01
N ARG A 224 -19.32 -0.94 18.47
CA ARG A 224 -19.46 0.32 19.20
CA ARG A 224 -19.44 0.30 19.22
C ARG A 224 -20.36 0.15 20.42
N LEU A 225 -21.53 -0.45 20.19
CA LEU A 225 -22.48 -0.65 21.29
C LEU A 225 -21.92 -1.64 22.31
N ALA A 226 -21.04 -2.53 21.85
CA ALA A 226 -20.40 -3.49 22.75
C ALA A 226 -19.32 -2.85 23.60
N GLY A 227 -18.93 -1.61 23.27
CA GLY A 227 -17.95 -0.86 24.06
C GLY A 227 -16.55 -0.71 23.43
N THR A 228 -16.45 -1.00 22.14
CA THR A 228 -15.17 -0.94 21.43
C THR A 228 -14.79 0.51 21.15
N ASP A 229 -13.54 0.89 21.38
CA ASP A 229 -13.09 2.22 20.96
C ASP A 229 -12.29 2.15 19.65
N ALA A 230 -11.54 1.06 19.49
CA ALA A 230 -10.76 0.79 18.26
C ALA A 230 -10.83 -0.69 17.96
N VAL A 231 -10.78 -1.05 16.68
CA VAL A 231 -10.86 -2.44 16.26
C VAL A 231 -9.64 -2.82 15.42
N GLY A 232 -9.10 -4.01 15.64
CA GLY A 232 -8.01 -4.50 14.83
C GLY A 232 -8.07 -6.01 14.69
N MSE A 233 -7.09 -6.60 13.99
CA MSE A 233 -7.13 -8.04 13.71
C MSE A 233 -5.99 -8.82 14.37
O MSE A 233 -5.56 -9.84 13.87
CB MSE A 233 -7.11 -8.26 12.18
CG MSE A 233 -8.21 -7.51 11.42
SE MSE A 233 -7.93 -7.79 9.50
CE MSE A 233 -9.27 -6.59 8.77
N SER A 234 -5.49 -8.33 15.50
CA SER A 234 -4.35 -8.95 16.18
C SER A 234 -4.36 -8.59 17.66
N THR A 235 -3.18 -8.66 18.27
CA THR A 235 -2.91 -8.04 19.58
C THR A 235 -3.53 -8.74 20.80
N VAL A 236 -4.85 -8.89 20.82
CA VAL A 236 -5.45 -9.53 22.01
C VAL A 236 -4.93 -10.94 22.34
N PRO A 237 -4.77 -11.82 21.34
CA PRO A 237 -4.21 -13.13 21.71
C PRO A 237 -2.79 -13.06 22.27
N GLU A 238 -1.97 -12.15 21.76
CA GLU A 238 -0.60 -11.94 22.27
C GLU A 238 -0.61 -11.41 23.71
N VAL A 239 -1.48 -10.44 23.97
CA VAL A 239 -1.64 -9.89 25.33
C VAL A 239 -2.02 -10.99 26.31
N VAL A 240 -3.06 -11.75 25.95
CA VAL A 240 -3.51 -12.85 26.81
C VAL A 240 -2.41 -13.85 27.09
N THR A 241 -1.64 -14.19 26.05
CA THR A 241 -0.56 -15.15 26.24
C THR A 241 0.58 -14.59 27.08
N ALA A 242 0.94 -13.34 26.85
CA ALA A 242 1.96 -12.68 27.67
C ALA A 242 1.51 -12.64 29.14
N ARG A 243 0.25 -12.30 29.37
CA ARG A 243 -0.30 -12.28 30.71
C ARG A 243 -0.25 -13.67 31.35
N HIS A 244 -0.50 -14.71 30.55
CA HIS A 244 -0.44 -16.08 31.04
C HIS A 244 0.98 -16.39 31.51
N CYS A 245 1.96 -15.87 30.78
CA CYS A 245 3.37 -16.02 31.16
C CYS A 245 3.78 -15.12 32.34
N GLY A 246 2.90 -14.22 32.74
CA GLY A 246 3.19 -13.36 33.88
C GLY A 246 3.86 -12.03 33.54
N TRP A 247 3.90 -11.68 32.25
CA TRP A 247 4.50 -10.40 31.85
C TRP A 247 3.54 -9.25 32.08
N ARG A 248 4.12 -8.08 32.22
CA ARG A 248 3.30 -6.85 32.22
C ARG A 248 3.12 -6.50 30.75
N VAL A 249 2.08 -5.77 30.41
CA VAL A 249 1.76 -5.44 29.03
C VAL A 249 1.51 -3.95 28.86
N LEU A 250 2.16 -3.34 27.86
CA LEU A 250 1.81 -2.01 27.38
C LEU A 250 1.41 -2.15 25.92
N ALA A 251 0.23 -1.63 25.55
CA ALA A 251 -0.28 -1.81 24.19
C ALA A 251 -0.68 -0.48 23.65
N LEU A 252 -0.22 -0.19 22.43
CA LEU A 252 -0.40 1.12 21.83
C LEU A 252 -0.97 0.97 20.41
N SER A 253 -2.15 1.51 20.18
CA SER A 253 -2.78 1.46 18.85
C SER A 253 -2.59 2.77 18.13
N LEU A 254 -2.37 2.69 16.82
CA LEU A 254 -2.41 3.87 15.97
C LEU A 254 -3.73 3.85 15.21
N ILE A 255 -4.51 4.91 15.34
CA ILE A 255 -5.77 4.97 14.63
C ILE A 255 -5.46 5.38 13.19
N THR A 256 -5.63 4.45 12.26
CA THR A 256 -5.21 4.68 10.89
C THR A 256 -6.37 5.06 9.99
N ASN A 257 -7.59 4.93 10.50
CA ASN A 257 -8.80 5.19 9.72
C ASN A 257 -10.01 5.27 10.66
N GLU A 258 -11.04 5.93 10.21
CA GLU A 258 -12.28 6.05 11.02
C GLU A 258 -13.31 5.10 10.42
N CYS A 259 -13.72 4.11 11.21
CA CYS A 259 -14.65 3.10 10.69
C CYS A 259 -15.95 3.74 10.25
N VAL A 260 -16.50 3.27 9.13
CA VAL A 260 -17.76 3.84 8.70
C VAL A 260 -18.90 3.10 9.38
N VAL A 261 -19.71 3.85 10.13
CA VAL A 261 -20.71 3.25 11.01
C VAL A 261 -22.13 3.69 10.69
N ASP A 262 -22.27 4.78 9.95
CA ASP A 262 -23.59 5.25 9.54
C ASP A 262 -24.26 4.20 8.69
N PRO A 263 -25.60 4.09 8.80
CA PRO A 263 -26.36 3.21 7.90
C PRO A 263 -26.11 3.62 6.44
N PRO A 264 -26.04 2.65 5.52
CA PRO A 264 -25.83 2.98 4.11
C PRO A 264 -27.01 3.78 3.58
N ALA A 265 -26.83 4.44 2.43
CA ALA A 265 -27.93 5.14 1.79
C ALA A 265 -29.11 4.20 1.60
N SER A 266 -30.30 4.69 1.94
CA SER A 266 -31.52 3.92 1.74
C SER A 266 -32.01 4.08 0.31
N ALA A 267 -32.78 3.10 -0.16
CA ALA A 267 -33.38 3.20 -1.48
C ALA A 267 -34.37 4.37 -1.53
N HIS A 268 -34.86 4.77 -0.36
CA HIS A 268 -35.92 5.78 -0.28
C HIS A 268 -35.36 7.20 -0.12
N ASP A 269 -34.04 7.32 -0.03
CA ASP A 269 -33.39 8.62 0.20
C ASP A 269 -33.35 9.45 -1.08
N GLU A 270 -33.66 10.74 -0.95
CA GLU A 270 -33.73 11.64 -2.10
C GLU A 270 -32.34 12.13 -2.54
N ASN A 271 -31.45 12.32 -1.57
CA ASN A 271 -30.08 12.71 -1.87
C ASN A 271 -29.09 11.81 -1.14
N PRO A 272 -28.84 10.61 -1.70
CA PRO A 272 -28.06 9.59 -1.00
C PRO A 272 -26.54 9.86 -0.99
N VAL A 273 -25.92 9.48 0.12
CA VAL A 273 -24.47 9.46 0.24
C VAL A 273 -23.99 8.17 -0.41
N PRO A 274 -23.07 8.26 -1.39
CA PRO A 274 -22.53 7.06 -2.01
C PRO A 274 -22.00 6.06 -0.99
N ILE A 275 -22.37 4.79 -1.14
CA ILE A 275 -22.01 3.77 -0.16
C ILE A 275 -20.51 3.48 -0.12
N GLN A 276 -19.82 3.90 -1.18
CA GLN A 276 -18.36 3.76 -1.23
C GLN A 276 -17.60 4.87 -0.49
N GLU A 277 -18.27 5.99 -0.18
CA GLU A 277 -17.60 7.13 0.48
C GLU A 277 -16.98 6.77 1.83
N GLY A 278 -15.67 6.98 1.95
CA GLY A 278 -14.97 6.77 3.21
C GLY A 278 -14.51 5.34 3.47
N LYS A 279 -14.68 4.45 2.50
CA LYS A 279 -14.35 3.03 2.72
C LYS A 279 -12.89 2.83 3.07
N ALA A 280 -12.63 1.89 3.96
CA ALA A 280 -11.28 1.56 4.38
C ALA A 280 -10.50 0.94 3.22
N THR A 281 -9.20 1.23 3.15
CA THR A 281 -8.32 0.53 2.22
C THR A 281 -7.01 0.23 2.94
N HIS A 282 -6.31 -0.81 2.51
CA HIS A 282 -5.02 -1.13 3.12
C HIS A 282 -4.03 0.00 2.86
N GLU A 283 -4.13 0.64 1.70
CA GLU A 283 -3.18 1.70 1.38
C GLU A 283 -3.33 2.88 2.33
N GLU A 284 -4.56 3.19 2.74
CA GLU A 284 -4.78 4.26 3.73
C GLU A 284 -4.17 3.88 5.07
N VAL A 285 -4.34 2.62 5.48
CA VAL A 285 -3.75 2.17 6.74
C VAL A 285 -2.23 2.33 6.74
N LEU A 286 -1.59 1.84 5.68
CA LEU A 286 -0.13 1.89 5.60
C LEU A 286 0.40 3.32 5.56
N GLU A 287 -0.25 4.19 4.80
CA GLU A 287 0.22 5.58 4.70
C GLU A 287 0.05 6.32 6.03
N ASN A 288 -1.05 6.06 6.72
CA ASN A 288 -1.23 6.67 8.04
C ASN A 288 -0.28 6.10 9.11
N SER A 289 0.03 4.81 9.02
CA SER A 289 1.05 4.23 9.90
C SER A 289 2.40 4.89 9.66
N ALA A 290 2.74 5.06 8.39
CA ALA A 290 3.98 5.71 8.01
C ALA A 290 4.10 7.14 8.58
N LYS A 291 3.01 7.90 8.54
CA LYS A 291 3.04 9.27 9.08
C LYS A 291 3.29 9.33 10.58
N ALA A 292 2.73 8.38 11.32
CA ALA A 292 2.82 8.39 12.78
C ALA A 292 4.00 7.61 13.33
N SER A 293 4.74 6.95 12.43
CA SER A 293 5.78 6.01 12.84
C SER A 293 6.89 6.64 13.69
N LYS A 294 7.37 7.81 13.31
CA LYS A 294 8.44 8.46 14.06
C LYS A 294 8.03 8.74 15.51
N ASP A 295 6.81 9.21 15.72
CA ASP A 295 6.33 9.44 17.08
C ASP A 295 6.26 8.14 17.86
N VAL A 296 5.76 7.07 17.24
CA VAL A 296 5.68 5.78 17.90
C VAL A 296 7.06 5.26 18.24
N GLN A 297 7.99 5.37 17.29
CA GLN A 297 9.37 4.95 17.50
C GLN A 297 10.01 5.65 18.70
N GLU A 298 9.86 6.96 18.76
CA GLU A 298 10.47 7.73 19.86
C GLU A 298 9.86 7.44 21.23
N LEU A 299 8.56 7.23 21.27
CA LEU A 299 7.89 6.84 22.52
C LEU A 299 8.42 5.50 23.03
N ILE A 300 8.52 4.52 22.15
CA ILE A 300 9.01 3.21 22.56
C ILE A 300 10.48 3.25 22.96
N PHE A 301 11.28 3.98 22.19
CA PHE A 301 12.69 4.19 22.47
C PHE A 301 12.87 4.73 23.89
N SER A 302 12.01 5.68 24.27
CA SER A 302 12.10 6.26 25.61
C SER A 302 11.61 5.30 26.68
N VAL A 303 10.55 4.56 26.38
CA VAL A 303 9.94 3.68 27.36
C VAL A 303 10.88 2.56 27.78
N VAL A 304 11.59 1.97 26.81
CA VAL A 304 12.39 0.79 27.13
C VAL A 304 13.59 1.07 28.03
N ALA A 305 14.03 2.31 28.09
CA ALA A 305 15.10 2.68 29.01
C ALA A 305 14.63 2.71 30.47
N GLU A 306 13.31 2.69 30.68
CA GLU A 306 12.77 2.83 32.04
C GLU A 306 11.94 1.65 32.53
N ILE A 307 12.04 0.53 31.85
CA ILE A 307 11.38 -0.68 32.34
C ILE A 307 12.33 -1.58 33.12
N ASP B 6 -17.21 -41.23 10.79
CA ASP B 6 -17.21 -40.59 12.10
C ASP B 6 -18.56 -40.78 12.81
N ILE B 7 -19.64 -40.39 12.14
CA ILE B 7 -20.98 -40.40 12.73
C ILE B 7 -21.54 -41.80 12.99
N ASN B 8 -21.46 -42.69 12.00
CA ASN B 8 -21.85 -44.08 12.19
C ASN B 8 -20.88 -44.81 13.13
N GLU B 9 -19.77 -44.13 13.43
CA GLU B 9 -18.78 -44.62 14.37
C GLU B 9 -18.88 -43.92 15.73
N GLN B 10 -19.33 -42.68 15.72
CA GLN B 10 -19.66 -41.98 16.96
C GLN B 10 -20.75 -42.79 17.66
N ARG B 11 -21.72 -43.24 16.87
CA ARG B 11 -22.80 -44.09 17.34
C ARG B 11 -22.28 -45.35 18.04
N ALA B 12 -21.21 -45.91 17.50
CA ALA B 12 -20.64 -47.15 18.04
C ALA B 12 -20.04 -46.94 19.43
N LEU B 13 -19.37 -45.81 19.62
CA LEU B 13 -18.72 -45.48 20.88
C LEU B 13 -19.76 -45.23 21.99
N ILE B 14 -20.86 -44.58 21.62
CA ILE B 14 -21.96 -44.35 22.54
C ILE B 14 -22.61 -45.68 22.94
N LYS B 15 -22.79 -46.57 21.97
CA LYS B 15 -23.33 -47.90 22.27
C LYS B 15 -22.35 -48.71 23.09
N SER B 16 -21.08 -48.55 22.79
CA SER B 16 -20.04 -49.24 23.54
C SER B 16 -20.05 -48.77 25.01
N ALA B 17 -20.24 -47.48 25.21
CA ALA B 17 -20.31 -46.93 26.57
C ALA B 17 -21.53 -47.47 27.30
N HIS B 18 -22.68 -47.45 26.64
CA HIS B 18 -23.90 -47.99 27.21
C HIS B 18 -23.76 -49.46 27.57
N ARG B 19 -23.10 -50.24 26.73
CA ARG B 19 -22.95 -51.67 26.98
C ARG B 19 -22.12 -51.87 28.24
N TYR B 20 -21.02 -51.14 28.33
CA TYR B 20 -20.14 -51.21 29.50
C TYR B 20 -20.90 -50.89 30.78
N ILE B 21 -21.56 -49.74 30.80
CA ILE B 21 -22.33 -49.29 31.95
C ILE B 21 -23.47 -50.24 32.29
N SER B 22 -24.21 -50.67 31.27
CA SER B 22 -25.41 -51.48 31.50
C SER B 22 -25.05 -52.81 32.17
N GLU B 23 -23.92 -53.38 31.76
CA GLU B 23 -23.45 -54.64 32.32
C GLU B 23 -22.88 -54.47 33.72
N LYS B 24 -22.23 -53.34 33.98
CA LYS B 24 -21.73 -53.06 35.31
C LYS B 24 -22.89 -52.90 36.30
N LEU B 25 -23.97 -52.26 35.84
CA LEU B 25 -25.19 -52.11 36.64
C LEU B 25 -25.86 -53.45 36.91
N GLU B 26 -25.95 -54.29 35.89
CA GLU B 26 -26.54 -55.61 36.02
C GLU B 26 -25.75 -56.43 37.04
N ASP B 27 -24.42 -56.35 36.94
CA ASP B 27 -23.52 -57.09 37.80
C ASP B 27 -23.62 -56.62 39.25
N HIS B 28 -23.87 -55.32 39.44
CA HIS B 28 -23.80 -54.71 40.76
C HIS B 28 -25.09 -54.78 41.58
N PHE B 29 -26.21 -54.33 41.00
CA PHE B 29 -27.47 -54.30 41.73
C PHE B 29 -28.28 -55.58 41.64
N SER B 30 -28.96 -55.95 42.72
CA SER B 30 -29.77 -57.16 42.75
C SER B 30 -31.00 -56.99 41.88
N SER B 31 -31.62 -55.81 42.01
CA SER B 31 -32.77 -55.46 41.20
C SER B 31 -32.32 -54.54 40.08
N GLU B 32 -33.07 -54.54 38.99
CA GLU B 32 -32.80 -53.67 37.86
C GLU B 32 -32.60 -52.25 38.38
N PHE B 33 -31.49 -51.62 37.98
CA PHE B 33 -31.28 -50.24 38.36
C PHE B 33 -31.54 -49.31 37.19
N LEU B 34 -32.64 -48.57 37.27
CA LEU B 34 -33.02 -47.66 36.19
C LEU B 34 -33.13 -46.23 36.71
N PRO B 35 -32.05 -45.45 36.56
CA PRO B 35 -32.01 -44.07 37.05
C PRO B 35 -33.03 -43.18 36.36
N LYS B 36 -33.69 -42.31 37.12
CA LYS B 36 -34.69 -41.39 36.55
C LYS B 36 -34.14 -40.00 36.34
N ALA B 37 -33.03 -39.71 37.00
CA ALA B 37 -32.39 -38.41 36.85
C ALA B 37 -30.89 -38.58 36.72
N LEU B 38 -30.29 -37.71 35.92
CA LEU B 38 -28.84 -37.52 35.91
C LEU B 38 -28.55 -36.18 36.57
N VAL B 39 -27.67 -36.18 37.56
CA VAL B 39 -27.26 -34.94 38.19
C VAL B 39 -25.81 -34.65 37.83
N ILE B 40 -25.57 -33.51 37.21
CA ILE B 40 -24.19 -33.13 36.89
C ILE B 40 -23.70 -32.17 37.94
N CYS B 41 -22.66 -32.58 38.67
CA CYS B 41 -22.14 -31.79 39.78
C CYS B 41 -21.01 -30.89 39.31
N GLY B 42 -21.31 -29.60 39.22
CA GLY B 42 -20.34 -28.62 38.78
C GLY B 42 -19.31 -28.23 39.82
N SER B 43 -18.57 -27.15 39.52
CA SER B 43 -17.39 -26.70 40.25
C SER B 43 -17.59 -26.67 41.75
N GLY B 44 -16.77 -27.44 42.46
CA GLY B 44 -16.79 -27.47 43.91
C GLY B 44 -18.04 -28.08 44.52
N LEU B 45 -18.79 -28.85 43.75
CA LEU B 45 -20.05 -29.43 44.23
C LEU B 45 -20.06 -30.96 44.34
N SER B 46 -18.88 -31.57 44.53
CA SER B 46 -18.78 -33.02 44.62
C SER B 46 -19.56 -33.56 45.83
N GLY B 47 -19.80 -32.69 46.81
CA GLY B 47 -20.56 -33.04 48.00
C GLY B 47 -21.92 -33.69 47.77
N ILE B 48 -22.52 -33.48 46.60
CA ILE B 48 -23.77 -34.16 46.25
C ILE B 48 -23.69 -35.65 46.54
N SER B 49 -22.50 -36.21 46.34
CA SER B 49 -22.26 -37.66 46.48
C SER B 49 -22.65 -38.21 47.84
N THR B 50 -22.60 -37.36 48.87
CA THR B 50 -22.94 -37.78 50.23
C THR B 50 -24.43 -38.01 50.42
N LYS B 51 -25.25 -37.48 49.51
CA LYS B 51 -26.69 -37.66 49.59
C LYS B 51 -27.16 -39.01 49.04
N ILE B 52 -26.26 -39.74 48.39
CA ILE B 52 -26.54 -41.10 47.92
C ILE B 52 -26.59 -42.04 49.11
N ALA B 53 -27.67 -42.82 49.21
CA ALA B 53 -27.88 -43.73 50.32
C ALA B 53 -26.91 -44.90 50.35
N ASP B 54 -26.68 -45.46 51.55
CA ASP B 54 -25.74 -46.56 51.74
C ASP B 54 -26.29 -47.89 51.23
N GLU B 55 -27.60 -48.09 51.37
CA GLU B 55 -28.26 -49.31 50.94
C GLU B 55 -29.34 -49.00 49.90
N PRO B 56 -29.24 -49.64 48.71
CA PRO B 56 -28.18 -50.56 48.29
C PRO B 56 -26.88 -49.80 48.04
N LYS B 57 -25.74 -50.47 48.20
CA LYS B 57 -24.44 -49.87 47.94
C LYS B 57 -24.40 -49.23 46.55
N PRO B 58 -23.95 -47.98 46.48
CA PRO B 58 -23.84 -47.34 45.16
C PRO B 58 -22.69 -47.90 44.31
N LEU B 59 -22.84 -47.80 43.00
CA LEU B 59 -21.78 -48.18 42.07
C LEU B 59 -21.04 -46.94 41.58
N ILE B 60 -19.71 -46.95 41.70
CA ILE B 60 -18.88 -45.86 41.18
C ILE B 60 -18.07 -46.35 39.99
N LEU B 61 -18.13 -45.62 38.88
CA LEU B 61 -17.34 -45.94 37.70
C LEU B 61 -16.48 -44.77 37.30
N SER B 62 -15.16 -44.95 37.32
CA SER B 62 -14.26 -43.87 36.91
C SER B 62 -14.38 -43.62 35.41
N TYR B 63 -14.41 -42.34 35.02
CA TYR B 63 -14.48 -41.96 33.61
C TYR B 63 -13.43 -42.69 32.76
N SER B 64 -12.31 -43.04 33.37
CA SER B 64 -11.19 -43.65 32.66
C SER B 64 -11.43 -45.10 32.22
N THR B 65 -12.43 -45.74 32.82
CA THR B 65 -12.74 -47.13 32.48
C THR B 65 -13.91 -47.25 31.51
N ILE B 66 -14.65 -46.16 31.32
CA ILE B 66 -15.81 -46.17 30.44
C ILE B 66 -15.43 -45.74 29.03
N PRO B 67 -15.81 -46.55 28.02
CA PRO B 67 -15.51 -46.26 26.62
C PRO B 67 -15.92 -44.84 26.21
N GLY B 68 -15.01 -44.12 25.58
CA GLY B 68 -15.31 -42.80 25.04
C GLY B 68 -15.31 -41.63 26.01
N PHE B 69 -15.34 -41.92 27.32
CA PHE B 69 -15.29 -40.87 28.33
C PHE B 69 -13.89 -40.27 28.36
N LYS B 70 -13.78 -38.94 28.34
CA LYS B 70 -12.47 -38.28 28.37
C LYS B 70 -12.03 -37.95 29.80
N GLY B 79 -12.74 -37.80 36.70
CA GLY B 79 -14.14 -37.79 37.10
C GLY B 79 -14.74 -39.17 37.27
N GLU B 80 -15.97 -39.24 37.76
CA GLU B 80 -16.63 -40.52 37.99
C GLU B 80 -18.15 -40.45 37.86
N LEU B 81 -18.74 -41.60 37.55
CA LEU B 81 -20.19 -41.74 37.50
C LEU B 81 -20.61 -42.48 38.77
N ILE B 82 -21.62 -41.97 39.47
CA ILE B 82 -22.11 -42.64 40.67
C ILE B 82 -23.58 -43.01 40.51
N PHE B 83 -23.88 -44.30 40.63
CA PHE B 83 -25.23 -44.80 40.49
C PHE B 83 -25.72 -45.23 41.85
N GLY B 84 -26.84 -44.67 42.30
CA GLY B 84 -27.36 -45.03 43.60
C GLY B 84 -28.72 -44.42 43.86
N TYR B 85 -29.22 -44.60 45.08
CA TYR B 85 -30.50 -44.03 45.46
C TYR B 85 -30.31 -42.75 46.25
N MSE B 86 -31.02 -41.70 45.87
CA MSE B 86 -31.00 -40.45 46.62
C MSE B 86 -32.43 -40.09 47.04
O MSE B 86 -33.29 -39.92 46.19
CB MSE B 86 -30.43 -39.31 45.77
CG MSE B 86 -30.28 -38.00 46.54
SE MSE B 86 -29.54 -36.61 45.39
CE MSE B 86 -27.68 -37.27 45.29
N ASN B 87 -32.67 -40.00 48.35
CA ASN B 87 -34.01 -39.74 48.85
C ASN B 87 -35.04 -40.69 48.21
N GLY B 88 -34.66 -41.96 48.10
CA GLY B 88 -35.52 -43.00 47.52
C GLY B 88 -35.55 -43.10 45.99
N ALA B 89 -34.97 -42.12 45.30
CA ALA B 89 -34.99 -42.10 43.83
C ALA B 89 -33.70 -42.66 43.23
N PRO B 90 -33.79 -43.53 42.20
CA PRO B 90 -32.55 -44.00 41.60
C PRO B 90 -32.00 -42.93 40.67
N VAL B 91 -30.74 -42.56 40.84
CA VAL B 91 -30.17 -41.47 40.05
C VAL B 91 -28.77 -41.83 39.58
N VAL B 92 -28.25 -41.07 38.62
CA VAL B 92 -26.84 -41.13 38.28
C VAL B 92 -26.29 -39.78 38.56
N LEU B 93 -25.10 -39.73 39.17
CA LEU B 93 -24.39 -38.46 39.34
C LEU B 93 -23.16 -38.44 38.45
N MSE B 94 -22.96 -37.33 37.74
CA MSE B 94 -21.68 -37.07 37.08
C MSE B 94 -20.86 -36.21 38.02
O MSE B 94 -21.16 -35.03 38.24
CB MSE B 94 -21.86 -36.34 35.74
CG MSE B 94 -21.97 -37.28 34.56
SE MSE B 94 -22.27 -36.29 32.91
CE MSE B 94 -20.57 -35.34 32.82
N ASN B 95 -19.83 -36.81 38.60
CA ASN B 95 -18.96 -36.10 39.51
C ASN B 95 -17.74 -35.65 38.74
N GLY B 96 -17.84 -34.47 38.14
CA GLY B 96 -16.88 -34.01 37.17
C GLY B 96 -17.53 -33.90 35.80
N ARG B 97 -17.34 -32.76 35.15
CA ARG B 97 -17.83 -32.56 33.80
C ARG B 97 -16.64 -32.19 32.93
N LEU B 98 -16.83 -32.12 31.61
CA LEU B 98 -15.74 -31.75 30.72
C LEU B 98 -16.06 -30.36 30.16
N HIS B 99 -15.04 -29.60 29.81
CA HIS B 99 -15.26 -28.25 29.31
C HIS B 99 -14.57 -28.10 27.98
N SER B 100 -15.16 -27.37 27.06
CA SER B 100 -14.53 -27.15 25.78
C SER B 100 -13.18 -26.41 25.88
N TYR B 101 -12.98 -25.58 26.91
CA TYR B 101 -11.69 -24.89 26.99
C TYR B 101 -10.51 -25.86 27.20
N GLU B 102 -10.83 -27.08 27.61
CA GLU B 102 -9.79 -28.07 27.88
C GLU B 102 -9.28 -28.67 26.59
N GLY B 103 -9.92 -28.34 25.48
CA GLY B 103 -9.52 -28.89 24.19
C GLY B 103 -10.42 -30.04 23.72
N HIS B 104 -11.46 -30.35 24.50
CA HIS B 104 -12.37 -31.42 24.13
C HIS B 104 -13.42 -30.84 23.18
N SER B 105 -13.80 -31.60 22.16
CA SER B 105 -14.92 -31.21 21.31
C SER B 105 -16.20 -31.19 22.12
N LEU B 106 -17.17 -30.38 21.70
CA LEU B 106 -18.46 -30.34 22.40
C LEU B 106 -19.12 -31.73 22.41
N ALA B 107 -18.92 -32.51 21.35
CA ALA B 107 -19.45 -33.87 21.29
C ALA B 107 -18.89 -34.75 22.42
N GLU B 108 -17.59 -34.66 22.64
CA GLU B 108 -16.93 -35.39 23.74
C GLU B 108 -17.45 -34.93 25.10
N THR B 109 -17.77 -33.64 25.23
CA THR B 109 -18.24 -33.18 26.53
C THR B 109 -19.66 -33.68 26.85
N VAL B 110 -20.44 -34.07 25.84
CA VAL B 110 -21.80 -34.54 26.12
C VAL B 110 -21.99 -36.03 25.90
N HIS B 111 -20.91 -36.70 25.46
CA HIS B 111 -20.89 -38.16 25.31
C HIS B 111 -21.52 -38.94 26.48
N PRO B 112 -21.24 -38.52 27.74
CA PRO B 112 -21.87 -39.28 28.83
C PRO B 112 -23.38 -39.18 28.81
N ILE B 113 -23.94 -38.03 28.43
CA ILE B 113 -25.39 -37.89 28.37
C ILE B 113 -25.97 -38.82 27.33
N ARG B 114 -25.34 -38.84 26.16
CA ARG B 114 -25.83 -39.69 25.07
C ARG B 114 -25.70 -41.17 25.42
N ALA B 115 -24.64 -41.54 26.13
CA ALA B 115 -24.52 -42.94 26.58
C ALA B 115 -25.62 -43.33 27.57
N LEU B 116 -25.83 -42.47 28.57
CA LEU B 116 -26.82 -42.73 29.61
C LEU B 116 -28.25 -42.68 29.09
N HIS B 117 -28.47 -41.91 28.02
CA HIS B 117 -29.78 -41.87 27.38
C HIS B 117 -30.18 -43.27 26.92
N LEU B 118 -29.20 -44.06 26.53
CA LEU B 118 -29.49 -45.41 26.03
C LEU B 118 -30.05 -46.38 27.09
N LEU B 119 -30.08 -45.97 28.36
CA LEU B 119 -30.69 -46.83 29.38
C LEU B 119 -32.21 -46.73 29.26
N GLY B 120 -32.67 -45.67 28.59
CA GLY B 120 -34.09 -45.49 28.33
C GLY B 120 -34.92 -45.13 29.56
N SER B 121 -34.25 -44.73 30.65
CA SER B 121 -34.97 -44.47 31.91
C SER B 121 -34.85 -43.04 32.44
N ILE B 122 -33.77 -42.34 32.11
CA ILE B 122 -33.62 -40.99 32.64
C ILE B 122 -34.62 -40.06 31.92
N ASN B 123 -35.33 -39.22 32.67
CA ASN B 123 -36.15 -38.21 32.00
C ASN B 123 -35.91 -36.79 32.52
N VAL B 124 -34.99 -36.63 33.46
CA VAL B 124 -34.60 -35.30 33.96
C VAL B 124 -33.08 -35.11 34.05
N LEU B 125 -32.60 -34.00 33.51
CA LEU B 125 -31.24 -33.52 33.82
C LEU B 125 -31.30 -32.42 34.87
N ILE B 126 -30.61 -32.63 35.99
CA ILE B 126 -30.39 -31.55 36.95
C ILE B 126 -28.92 -31.16 36.85
N VAL B 127 -28.67 -29.96 36.37
CA VAL B 127 -27.30 -29.57 36.14
C VAL B 127 -26.94 -28.35 37.01
N THR B 128 -25.80 -28.43 37.69
CA THR B 128 -25.32 -27.29 38.47
C THR B 128 -24.00 -26.75 37.91
N ASN B 129 -23.69 -25.49 38.20
CA ASN B 129 -22.41 -24.93 37.80
C ASN B 129 -22.07 -23.76 38.71
N ALA B 130 -20.83 -23.30 38.63
CA ALA B 130 -20.46 -22.02 39.25
C ALA B 130 -20.60 -20.99 38.14
N ALA B 131 -20.88 -19.74 38.48
CA ALA B 131 -21.01 -18.70 37.45
C ALA B 131 -20.62 -17.38 38.03
N GLY B 132 -20.17 -16.47 37.16
CA GLY B 132 -19.89 -15.11 37.59
C GLY B 132 -21.14 -14.26 37.50
N GLY B 133 -21.31 -13.37 38.46
CA GLY B 133 -22.50 -12.54 38.50
C GLY B 133 -22.35 -11.34 37.59
N ILE B 134 -23.23 -11.25 36.59
CA ILE B 134 -23.20 -10.14 35.64
C ILE B 134 -24.28 -9.10 35.96
N ASN B 135 -25.46 -9.58 36.34
CA ASN B 135 -26.53 -8.72 36.83
C ASN B 135 -25.99 -7.99 38.06
N ALA B 136 -26.16 -6.67 38.08
CA ALA B 136 -25.55 -5.81 39.11
C ALA B 136 -26.06 -6.06 40.52
N SER B 137 -27.25 -6.65 40.62
CA SER B 137 -27.87 -6.90 41.93
C SER B 137 -27.46 -8.25 42.54
N PHE B 138 -26.76 -9.10 41.78
CA PHE B 138 -26.36 -10.42 42.29
C PHE B 138 -25.16 -10.31 43.20
N LYS B 139 -25.08 -11.17 44.22
CA LYS B 139 -23.94 -11.17 45.12
C LYS B 139 -23.39 -12.58 45.18
N ALA B 140 -22.07 -12.71 45.35
CA ALA B 140 -21.44 -14.01 45.59
C ALA B 140 -22.21 -14.71 46.70
N GLY B 141 -22.59 -15.96 46.49
CA GLY B 141 -23.38 -16.67 47.47
C GLY B 141 -24.83 -16.85 47.07
N ASP B 142 -25.35 -15.99 46.20
CA ASP B 142 -26.70 -16.18 45.66
C ASP B 142 -26.71 -17.35 44.70
N LEU B 143 -27.87 -17.97 44.52
CA LEU B 143 -28.03 -18.97 43.47
C LEU B 143 -28.86 -18.34 42.37
N MSE B 144 -28.81 -18.93 41.18
CA MSE B 144 -29.71 -18.54 40.11
C MSE B 144 -30.27 -19.75 39.41
O MSE B 144 -29.53 -20.57 38.86
CB MSE B 144 -29.02 -17.64 39.08
CG MSE B 144 -30.03 -17.16 38.02
SE MSE B 144 -29.17 -16.21 36.53
CE MSE B 144 -28.54 -17.80 35.55
N CYS B 145 -31.58 -19.87 39.43
CA CYS B 145 -32.27 -20.86 38.64
C CYS B 145 -32.25 -20.36 37.20
N VAL B 146 -31.68 -21.15 36.28
CA VAL B 146 -31.60 -20.74 34.88
C VAL B 146 -32.93 -20.91 34.15
N TYR B 147 -33.40 -19.86 33.48
CA TYR B 147 -34.63 -20.00 32.67
C TYR B 147 -34.43 -19.74 31.19
N ASP B 148 -33.22 -19.32 30.81
CA ASP B 148 -32.88 -19.10 29.39
C ASP B 148 -31.37 -19.01 29.27
N HIS B 149 -30.86 -19.09 28.05
CA HIS B 149 -29.40 -18.99 27.86
C HIS B 149 -29.01 -18.28 26.59
N ILE B 150 -27.75 -17.84 26.54
CA ILE B 150 -27.16 -17.38 25.29
C ILE B 150 -25.94 -18.24 25.03
N ASN B 151 -25.91 -18.89 23.88
CA ASN B 151 -24.85 -19.81 23.54
C ASN B 151 -23.88 -19.10 22.59
N PHE B 152 -22.87 -18.43 23.14
CA PHE B 152 -21.94 -17.67 22.30
C PHE B 152 -21.12 -18.49 21.28
N PRO B 153 -20.49 -19.60 21.71
CA PRO B 153 -19.83 -20.45 20.69
C PRO B 153 -20.79 -20.99 19.62
N GLY B 154 -22.05 -21.16 19.97
CA GLY B 154 -23.06 -21.63 19.03
C GLY B 154 -23.30 -20.68 17.88
N LEU B 155 -23.04 -19.39 18.09
CA LEU B 155 -23.06 -18.39 17.01
C LEU B 155 -22.12 -18.76 15.86
N CYS B 156 -21.02 -19.42 16.20
CA CYS B 156 -19.99 -19.79 15.22
C CYS B 156 -20.13 -21.21 14.73
N GLY B 157 -21.09 -21.93 15.30
CA GLY B 157 -21.35 -23.28 14.85
C GLY B 157 -20.77 -24.34 15.74
N PHE B 158 -20.20 -23.95 16.87
CA PHE B 158 -19.77 -24.97 17.82
C PHE B 158 -21.01 -25.56 18.51
N HIS B 159 -21.23 -26.85 18.28
CA HIS B 159 -22.45 -27.53 18.73
C HIS B 159 -22.20 -28.99 19.09
N PRO B 160 -22.86 -29.47 20.16
CA PRO B 160 -22.63 -30.83 20.66
C PRO B 160 -23.17 -31.91 19.72
N LEU B 161 -24.13 -31.55 18.87
CA LEU B 161 -24.77 -32.53 17.99
C LEU B 161 -24.63 -32.14 16.52
N ASP B 178 -37.98 -22.63 26.20
CA ASP B 178 -38.57 -23.96 26.20
C ASP B 178 -37.60 -25.00 26.77
N ALA B 179 -36.35 -24.60 26.96
CA ALA B 179 -35.33 -25.55 27.41
C ALA B 179 -35.43 -25.86 28.90
N TYR B 180 -35.82 -24.86 29.68
CA TYR B 180 -35.77 -24.99 31.14
C TYR B 180 -37.16 -25.14 31.75
N ASP B 181 -37.53 -26.40 32.02
CA ASP B 181 -38.87 -26.78 32.44
C ASP B 181 -39.47 -25.87 33.52
N LEU B 182 -40.59 -25.24 33.22
CA LEU B 182 -41.25 -24.35 34.18
C LEU B 182 -41.65 -25.08 35.46
N GLU B 183 -42.21 -26.28 35.33
CA GLU B 183 -42.69 -27.00 36.51
C GLU B 183 -41.54 -27.38 37.44
N LEU B 184 -40.39 -27.73 36.88
CA LEU B 184 -39.22 -28.01 37.73
C LEU B 184 -38.72 -26.74 38.42
N ARG B 185 -38.78 -25.62 37.72
CA ARG B 185 -38.36 -24.37 38.36
C ARG B 185 -39.28 -24.06 39.53
N LYS B 186 -40.57 -24.25 39.34
CA LYS B 186 -41.52 -24.01 40.43
C LYS B 186 -41.29 -24.98 41.58
N LEU B 187 -40.93 -26.22 41.26
CA LEU B 187 -40.61 -27.24 42.27
C LEU B 187 -39.39 -26.80 43.10
N LEU B 188 -38.38 -26.28 42.42
CA LEU B 188 -37.18 -25.80 43.11
C LEU B 188 -37.52 -24.70 44.11
N PHE B 189 -38.32 -23.73 43.69
CA PHE B 189 -38.72 -22.66 44.60
C PHE B 189 -39.61 -23.14 45.75
N SER B 190 -40.46 -24.13 45.50
CA SER B 190 -41.32 -24.66 46.56
C SER B 190 -40.47 -25.39 47.60
N LYS B 191 -39.41 -26.04 47.15
CA LYS B 191 -38.50 -26.71 48.07
C LYS B 191 -37.65 -25.72 48.90
N LYS B 192 -37.25 -24.60 48.29
CA LYS B 192 -36.52 -23.56 49.02
C LYS B 192 -37.36 -23.08 50.19
N LYS B 193 -38.65 -22.95 49.94
CA LYS B 193 -39.60 -22.45 50.94
C LYS B 193 -39.87 -23.52 52.01
N GLU B 194 -40.01 -24.76 51.58
CA GLU B 194 -40.31 -25.87 52.49
C GLU B 194 -39.12 -26.14 53.41
N LEU B 195 -37.91 -25.93 52.89
CA LEU B 195 -36.69 -26.21 53.64
C LEU B 195 -36.18 -25.00 54.40
N ASN B 196 -36.90 -23.88 54.31
CA ASN B 196 -36.52 -22.65 55.02
C ASN B 196 -35.13 -22.14 54.67
N ILE B 197 -34.71 -22.41 53.44
CA ILE B 197 -33.42 -21.92 52.96
C ILE B 197 -33.50 -20.41 52.69
N GLU B 198 -32.70 -19.63 53.43
CA GLU B 198 -32.67 -18.18 53.29
C GLU B 198 -31.90 -17.69 52.08
N ARG B 199 -30.94 -18.49 51.61
CA ARG B 199 -30.13 -18.13 50.44
C ARG B 199 -31.01 -17.67 49.26
N LYS B 200 -30.58 -16.60 48.58
CA LYS B 200 -31.33 -16.05 47.46
C LYS B 200 -31.26 -16.95 46.25
N ILE B 201 -32.39 -17.13 45.59
CA ILE B 201 -32.37 -17.83 44.31
C ILE B 201 -33.01 -16.89 43.32
N HIS B 202 -32.18 -16.36 42.43
CA HIS B 202 -32.66 -15.48 41.37
C HIS B 202 -33.16 -16.37 40.24
N GLU B 203 -33.72 -15.75 39.20
CA GLU B 203 -34.13 -16.49 38.03
C GLU B 203 -33.65 -15.67 36.86
N GLY B 204 -32.94 -16.26 35.90
CA GLY B 204 -32.43 -15.44 34.82
C GLY B 204 -31.63 -16.19 33.79
N THR B 205 -30.90 -15.41 32.98
CA THR B 205 -30.24 -15.90 31.78
C THR B 205 -28.77 -16.21 32.00
N TYR B 206 -28.36 -17.40 31.59
CA TYR B 206 -26.97 -17.81 31.70
C TYR B 206 -26.33 -17.69 30.32
N SER B 207 -25.17 -17.04 30.25
CA SER B 207 -24.43 -16.95 29.00
C SER B 207 -23.25 -17.90 29.05
N TYR B 208 -23.19 -18.78 28.06
CA TYR B 208 -22.09 -19.72 27.92
C TYR B 208 -21.04 -19.07 27.04
N VAL B 209 -19.84 -18.89 27.60
CA VAL B 209 -18.69 -18.39 26.85
C VAL B 209 -17.57 -19.42 26.97
N HIS B 210 -16.65 -19.41 26.03
CA HIS B 210 -15.73 -20.53 25.91
C HIS B 210 -14.68 -20.61 27.04
N GLY B 211 -14.14 -19.48 27.47
CA GLY B 211 -13.03 -19.48 28.43
C GLY B 211 -11.72 -19.84 27.74
N PRO B 212 -10.65 -20.11 28.51
CA PRO B 212 -10.60 -20.22 29.98
C PRO B 212 -10.25 -18.92 30.73
N THR B 213 -10.17 -17.79 30.05
CA THR B 213 -9.96 -16.53 30.79
C THR B 213 -11.23 -16.08 31.49
N PHE B 214 -11.07 -15.44 32.63
CA PHE B 214 -12.20 -14.67 33.18
C PHE B 214 -12.37 -13.43 32.32
N GLU B 215 -13.59 -12.89 32.29
CA GLU B 215 -13.94 -11.77 31.41
C GLU B 215 -13.23 -10.46 31.79
N SER B 216 -12.87 -9.68 30.78
CA SER B 216 -12.35 -8.34 30.97
C SER B 216 -13.50 -7.46 31.40
N ARG B 217 -13.20 -6.25 31.86
CA ARG B 217 -14.25 -5.34 32.31
C ARG B 217 -15.17 -5.04 31.15
N ALA B 218 -14.62 -4.73 29.99
CA ALA B 218 -15.45 -4.41 28.83
C ALA B 218 -16.28 -5.59 28.36
N GLU B 219 -15.70 -6.79 28.45
CA GLU B 219 -16.44 -8.01 28.10
C GLU B 219 -17.63 -8.21 29.03
N SER B 220 -17.41 -8.03 30.33
CA SER B 220 -18.52 -8.16 31.28
C SER B 220 -19.60 -7.11 31.10
N ARG B 221 -19.21 -5.87 30.77
CA ARG B 221 -20.23 -4.85 30.46
C ARG B 221 -20.99 -5.22 29.19
N PHE B 222 -20.27 -5.74 28.21
CA PHE B 222 -20.91 -6.26 26.99
C PHE B 222 -21.95 -7.35 27.33
N LEU B 223 -21.55 -8.36 28.09
CA LEU B 223 -22.47 -9.42 28.48
C LEU B 223 -23.69 -8.88 29.20
N ARG B 224 -23.51 -7.87 30.04
CA ARG B 224 -24.64 -7.27 30.73
C ARG B 224 -25.62 -6.62 29.75
N LEU B 225 -25.10 -5.81 28.84
CA LEU B 225 -25.97 -5.20 27.85
C LEU B 225 -26.60 -6.23 26.88
N ALA B 226 -25.96 -7.38 26.75
CA ALA B 226 -26.52 -8.46 25.90
C ALA B 226 -27.68 -9.21 26.58
N GLY B 227 -27.92 -8.95 27.86
CA GLY B 227 -29.01 -9.59 28.56
C GLY B 227 -28.57 -10.74 29.49
N THR B 228 -27.27 -10.83 29.75
CA THR B 228 -26.73 -11.87 30.63
C THR B 228 -26.96 -11.57 32.09
N ASP B 229 -27.42 -12.55 32.87
CA ASP B 229 -27.47 -12.41 34.32
C ASP B 229 -26.28 -13.11 35.01
N ALA B 230 -25.88 -14.27 34.49
CA ALA B 230 -24.68 -14.95 34.98
C ALA B 230 -23.91 -15.53 33.81
N VAL B 231 -22.59 -15.64 33.97
CA VAL B 231 -21.73 -16.13 32.90
C VAL B 231 -20.94 -17.34 33.37
N GLY B 232 -20.77 -18.33 32.50
CA GLY B 232 -19.96 -19.48 32.86
C GLY B 232 -19.45 -20.16 31.61
N MSE B 233 -18.74 -21.28 31.78
CA MSE B 233 -18.03 -21.87 30.66
C MSE B 233 -18.48 -23.30 30.40
O MSE B 233 -17.71 -24.10 29.88
CB MSE B 233 -16.51 -21.86 30.92
CG MSE B 233 -15.96 -20.49 31.31
SE MSE B 233 -14.06 -20.63 31.84
CE MSE B 233 -13.77 -18.85 32.61
N SER B 234 -19.71 -23.62 30.77
CA SER B 234 -20.17 -24.99 30.62
C SER B 234 -21.67 -25.02 30.43
N THR B 235 -22.25 -26.19 30.67
CA THR B 235 -23.67 -26.35 30.89
C THR B 235 -24.57 -26.28 29.66
N VAL B 236 -24.50 -25.19 28.90
CA VAL B 236 -25.38 -25.07 27.74
C VAL B 236 -25.33 -26.28 26.76
N PRO B 237 -24.12 -26.78 26.44
CA PRO B 237 -24.13 -27.96 25.55
C PRO B 237 -24.81 -29.19 26.15
N GLU B 238 -24.68 -29.35 27.46
CA GLU B 238 -25.35 -30.46 28.14
C GLU B 238 -26.86 -30.30 28.08
N VAL B 239 -27.33 -29.08 28.31
CA VAL B 239 -28.76 -28.78 28.27
C VAL B 239 -29.34 -29.10 26.90
N VAL B 240 -28.66 -28.61 25.85
CA VAL B 240 -29.09 -28.81 24.48
C VAL B 240 -29.16 -30.30 24.15
N THR B 241 -28.16 -31.03 24.60
CA THR B 241 -28.13 -32.48 24.36
C THR B 241 -29.25 -33.17 25.12
N ALA B 242 -29.44 -32.81 26.38
CA ALA B 242 -30.52 -33.42 27.18
C ALA B 242 -31.88 -33.18 26.51
N ARG B 243 -32.13 -31.95 26.06
CA ARG B 243 -33.38 -31.65 25.36
C ARG B 243 -33.53 -32.50 24.09
N HIS B 244 -32.43 -32.68 23.37
CA HIS B 244 -32.44 -33.49 22.15
C HIS B 244 -32.80 -34.94 22.46
N CYS B 245 -32.38 -35.42 23.61
CA CYS B 245 -32.69 -36.77 24.08
C CYS B 245 -34.08 -36.90 24.68
N GLY B 246 -34.81 -35.79 24.74
CA GLY B 246 -36.18 -35.81 25.25
C GLY B 246 -36.29 -35.63 26.76
N TRP B 247 -35.24 -35.13 27.39
CA TRP B 247 -35.26 -34.99 28.84
C TRP B 247 -35.72 -33.60 29.23
N ARG B 248 -36.28 -33.48 30.43
CA ARG B 248 -36.54 -32.18 31.05
C ARG B 248 -35.26 -31.70 31.72
N VAL B 249 -35.10 -30.38 31.84
CA VAL B 249 -33.87 -29.81 32.39
C VAL B 249 -34.17 -28.82 33.51
N LEU B 250 -33.49 -28.98 34.62
CA LEU B 250 -33.43 -27.97 35.69
C LEU B 250 -31.96 -27.58 35.84
N ALA B 251 -31.66 -26.29 35.73
CA ALA B 251 -30.28 -25.80 35.83
C ALA B 251 -30.12 -24.76 36.94
N LEU B 252 -29.13 -24.96 37.79
CA LEU B 252 -28.91 -24.09 38.94
C LEU B 252 -27.47 -23.61 38.96
N SER B 253 -27.29 -22.29 38.88
CA SER B 253 -25.98 -21.68 38.97
C SER B 253 -25.73 -21.19 40.38
N LEU B 254 -24.51 -21.38 40.86
CA LEU B 254 -24.08 -20.80 42.12
C LEU B 254 -23.28 -19.55 41.76
N ILE B 255 -23.74 -18.38 42.17
CA ILE B 255 -22.96 -17.17 41.88
C ILE B 255 -21.75 -17.11 42.80
N THR B 256 -20.55 -17.28 42.22
CA THR B 256 -19.35 -17.43 43.03
C THR B 256 -18.50 -16.15 43.15
N ASN B 257 -18.80 -15.17 42.32
CA ASN B 257 -18.03 -13.94 42.29
C ASN B 257 -18.83 -12.93 41.49
N GLU B 258 -18.58 -11.65 41.72
CA GLU B 258 -19.25 -10.60 40.98
C GLU B 258 -18.26 -10.07 39.93
N CYS B 259 -18.63 -10.17 38.65
CA CYS B 259 -17.72 -9.82 37.57
C CYS B 259 -17.36 -8.36 37.61
N VAL B 260 -16.06 -8.06 37.42
CA VAL B 260 -15.61 -6.67 37.45
C VAL B 260 -16.07 -5.95 36.18
N VAL B 261 -16.77 -4.82 36.34
CA VAL B 261 -17.30 -4.08 35.19
C VAL B 261 -16.78 -2.65 35.06
N ASP B 262 -16.31 -2.07 36.17
CA ASP B 262 -15.84 -0.69 36.14
C ASP B 262 -14.68 -0.55 35.20
N PRO B 263 -14.62 0.57 34.45
CA PRO B 263 -13.44 0.81 33.61
C PRO B 263 -12.19 0.83 34.49
N PRO B 264 -11.05 0.38 33.96
CA PRO B 264 -9.85 0.34 34.79
C PRO B 264 -9.34 1.74 35.07
N ALA B 265 -8.43 1.87 36.04
CA ALA B 265 -7.86 3.17 36.38
C ALA B 265 -7.25 3.85 35.15
N SER B 266 -7.49 5.15 34.99
CA SER B 266 -6.88 5.90 33.90
C SER B 266 -5.47 6.31 34.29
N ALA B 267 -4.60 6.46 33.29
CA ALA B 267 -3.24 6.95 33.55
C ALA B 267 -3.26 8.37 34.09
N HIS B 268 -4.40 9.05 33.95
CA HIS B 268 -4.50 10.44 34.39
C HIS B 268 -5.09 10.56 35.80
N ASP B 269 -5.52 9.44 36.37
CA ASP B 269 -6.14 9.45 37.71
C ASP B 269 -5.05 9.67 38.75
N GLU B 270 -5.20 10.65 39.64
CA GLU B 270 -4.17 10.80 40.67
C GLU B 270 -4.50 9.97 41.91
N ASN B 271 -5.70 9.41 41.94
CA ASN B 271 -6.10 8.50 43.00
C ASN B 271 -6.73 7.24 42.43
N PRO B 272 -5.93 6.43 41.73
CA PRO B 272 -6.51 5.28 41.02
C PRO B 272 -6.87 4.10 41.91
N VAL B 273 -7.97 3.44 41.56
CA VAL B 273 -8.29 2.13 42.07
C VAL B 273 -7.37 1.13 41.38
N PRO B 274 -6.62 0.32 42.14
CA PRO B 274 -5.67 -0.65 41.57
C PRO B 274 -6.38 -1.63 40.63
N ILE B 275 -5.79 -1.88 39.45
CA ILE B 275 -6.47 -2.75 38.48
C ILE B 275 -6.63 -4.18 38.97
N GLN B 276 -5.84 -4.58 39.96
CA GLN B 276 -5.94 -5.93 40.52
C GLN B 276 -7.15 -6.10 41.44
N GLU B 277 -7.66 -4.99 41.95
CA GLU B 277 -8.74 -5.07 42.95
C GLU B 277 -9.99 -5.78 42.42
N GLY B 278 -10.47 -6.74 43.19
CA GLY B 278 -11.68 -7.48 42.84
C GLY B 278 -11.52 -8.57 41.79
N LYS B 279 -10.30 -8.83 41.34
CA LYS B 279 -10.11 -9.79 40.24
C LYS B 279 -10.57 -11.21 40.59
N ALA B 280 -11.13 -11.89 39.60
CA ALA B 280 -11.59 -13.26 39.76
C ALA B 280 -10.41 -14.23 39.87
N THR B 281 -10.55 -15.26 40.72
CA THR B 281 -9.57 -16.35 40.79
C THR B 281 -10.32 -17.67 40.92
N HIS B 282 -9.71 -18.76 40.47
CA HIS B 282 -10.31 -20.09 40.66
C HIS B 282 -10.46 -20.39 42.14
N GLU B 283 -9.53 -19.88 42.94
CA GLU B 283 -9.57 -20.11 44.39
C GLU B 283 -10.86 -19.58 45.03
N GLU B 284 -11.22 -18.35 44.67
CA GLU B 284 -12.48 -17.76 45.14
C GLU B 284 -13.66 -18.57 44.65
N VAL B 285 -13.66 -18.96 43.37
CA VAL B 285 -14.74 -19.80 42.83
C VAL B 285 -14.94 -21.07 43.65
N LEU B 286 -13.85 -21.80 43.92
CA LEU B 286 -13.93 -23.04 44.68
C LEU B 286 -14.42 -22.83 46.11
N GLU B 287 -13.88 -21.81 46.77
CA GLU B 287 -14.27 -21.54 48.15
C GLU B 287 -15.77 -21.19 48.20
N ASN B 288 -16.23 -20.36 47.27
CA ASN B 288 -17.63 -19.94 47.34
C ASN B 288 -18.60 -21.02 46.90
N SER B 289 -18.16 -21.86 45.97
CA SER B 289 -18.92 -23.05 45.60
C SER B 289 -19.13 -23.96 46.79
N ALA B 290 -18.07 -24.21 47.54
CA ALA B 290 -18.16 -25.06 48.73
C ALA B 290 -19.08 -24.49 49.81
N LYS B 291 -19.08 -23.16 49.98
CA LYS B 291 -19.93 -22.55 51.01
C LYS B 291 -21.42 -22.74 50.72
N ALA B 292 -21.78 -22.69 49.45
CA ALA B 292 -23.18 -22.80 49.04
C ALA B 292 -23.60 -24.26 48.84
N SER B 293 -22.63 -25.16 48.90
CA SER B 293 -22.87 -26.55 48.53
C SER B 293 -23.91 -27.27 49.39
N LYS B 294 -23.92 -27.02 50.70
CA LYS B 294 -24.91 -27.67 51.57
C LYS B 294 -26.36 -27.34 51.17
N ASP B 295 -26.63 -26.05 50.96
CA ASP B 295 -27.95 -25.61 50.52
C ASP B 295 -28.34 -26.26 49.19
N VAL B 296 -27.41 -26.26 48.24
CA VAL B 296 -27.66 -26.84 46.93
C VAL B 296 -27.94 -28.34 47.05
N GLN B 297 -27.14 -29.03 47.85
CA GLN B 297 -27.38 -30.45 48.11
C GLN B 297 -28.77 -30.74 48.69
N GLU B 298 -29.20 -29.93 49.65
CA GLU B 298 -30.51 -30.10 50.29
C GLU B 298 -31.65 -29.88 49.31
N LEU B 299 -31.50 -28.87 48.45
CA LEU B 299 -32.45 -28.60 47.38
C LEU B 299 -32.57 -29.75 46.40
N ILE B 300 -31.44 -30.23 45.88
CA ILE B 300 -31.45 -31.33 44.92
C ILE B 300 -32.00 -32.61 45.57
N PHE B 301 -31.62 -32.87 46.81
CA PHE B 301 -32.11 -34.02 47.54
C PHE B 301 -33.65 -34.00 47.62
N SER B 302 -34.22 -32.85 47.94
CA SER B 302 -35.68 -32.72 48.04
C SER B 302 -36.36 -32.85 46.68
N VAL B 303 -35.75 -32.27 45.67
CA VAL B 303 -36.31 -32.25 44.32
C VAL B 303 -36.40 -33.65 43.65
N VAL B 304 -35.35 -34.46 43.76
CA VAL B 304 -35.33 -35.73 43.04
C VAL B 304 -36.43 -36.67 43.49
N ALA B 305 -36.95 -36.45 44.69
CA ALA B 305 -38.00 -37.33 45.21
C ALA B 305 -39.36 -37.03 44.57
N GLU B 306 -39.46 -35.90 43.88
CA GLU B 306 -40.70 -35.51 43.23
C GLU B 306 -40.52 -35.32 41.72
N ILE B 307 -39.49 -35.99 41.21
CA ILE B 307 -39.11 -35.86 39.80
C ILE B 307 -39.98 -36.74 38.90
N ASP C 6 -2.54 -25.96 -0.86
CA ASP C 6 -3.85 -25.61 -0.33
C ASP C 6 -4.56 -24.57 -1.20
N ILE C 7 -3.95 -23.40 -1.39
CA ILE C 7 -4.49 -22.46 -2.36
C ILE C 7 -4.14 -22.93 -3.77
N ASN C 8 -2.99 -23.57 -3.93
CA ASN C 8 -2.60 -24.13 -5.22
C ASN C 8 -3.59 -25.17 -5.70
N GLU C 9 -4.04 -26.04 -4.80
CA GLU C 9 -5.04 -27.04 -5.16
C GLU C 9 -6.41 -26.40 -5.36
N GLN C 10 -6.76 -25.44 -4.52
CA GLN C 10 -8.01 -24.71 -4.68
C GLN C 10 -8.07 -23.97 -6.02
N ARG C 11 -6.95 -23.39 -6.43
CA ARG C 11 -6.88 -22.67 -7.73
C ARG C 11 -7.09 -23.62 -8.89
N ALA C 12 -6.46 -24.79 -8.80
CA ALA C 12 -6.56 -25.81 -9.83
C ALA C 12 -7.99 -26.36 -9.95
N LEU C 13 -8.68 -26.48 -8.82
CA LEU C 13 -10.05 -26.98 -8.82
C LEU C 13 -11.01 -25.94 -9.39
N ILE C 14 -10.75 -24.67 -9.06
CA ILE C 14 -11.51 -23.58 -9.65
C ILE C 14 -11.32 -23.55 -11.18
N LYS C 15 -10.08 -23.68 -11.62
CA LYS C 15 -9.81 -23.72 -13.06
C LYS C 15 -10.40 -24.96 -13.74
N SER C 16 -10.43 -26.09 -13.04
CA SER C 16 -11.01 -27.31 -13.62
C SER C 16 -12.51 -27.13 -13.78
N ALA C 17 -13.13 -26.53 -12.77
CA ALA C 17 -14.58 -26.31 -12.79
C ALA C 17 -14.93 -25.37 -13.95
N HIS C 18 -14.19 -24.27 -14.07
CA HIS C 18 -14.39 -23.35 -15.19
C HIS C 18 -14.20 -24.04 -16.53
N ARG C 19 -13.08 -24.75 -16.66
CA ARG C 19 -12.74 -25.51 -17.86
C ARG C 19 -13.91 -26.41 -18.29
N TYR C 20 -14.45 -27.15 -17.34
CA TYR C 20 -15.58 -28.04 -17.59
C TYR C 20 -16.81 -27.24 -18.03
N ILE C 21 -17.19 -26.26 -17.22
CA ILE C 21 -18.37 -25.42 -17.48
C ILE C 21 -18.31 -24.71 -18.83
N SER C 22 -17.17 -24.08 -19.13
CA SER C 22 -16.99 -23.33 -20.37
C SER C 22 -17.13 -24.24 -21.59
N GLU C 23 -16.62 -25.46 -21.47
CA GLU C 23 -16.74 -26.42 -22.56
C GLU C 23 -18.20 -26.82 -22.77
N LYS C 24 -18.91 -27.08 -21.68
CA LYS C 24 -20.31 -27.51 -21.77
C LYS C 24 -21.21 -26.43 -22.37
N LEU C 25 -20.93 -25.17 -22.01
CA LEU C 25 -21.64 -24.03 -22.60
C LEU C 25 -21.44 -23.98 -24.12
N GLU C 26 -20.17 -24.02 -24.56
CA GLU C 26 -19.85 -23.94 -25.99
C GLU C 26 -20.46 -25.07 -26.82
N ASP C 27 -20.60 -26.25 -26.23
CA ASP C 27 -21.20 -27.38 -26.93
C ASP C 27 -22.71 -27.25 -26.98
N HIS C 28 -23.26 -26.51 -26.02
CA HIS C 28 -24.71 -26.44 -25.87
C HIS C 28 -25.34 -25.30 -26.66
N PHE C 29 -24.72 -24.12 -26.56
CA PHE C 29 -25.30 -22.93 -27.17
C PHE C 29 -24.73 -22.59 -28.55
N SER C 30 -25.62 -22.16 -29.45
CA SER C 30 -25.23 -21.80 -30.82
C SER C 30 -24.39 -20.53 -30.84
N SER C 31 -24.68 -19.63 -29.91
CA SER C 31 -23.92 -18.40 -29.75
C SER C 31 -23.21 -18.43 -28.40
N GLU C 32 -22.25 -17.53 -28.21
CA GLU C 32 -21.53 -17.45 -26.95
C GLU C 32 -22.50 -17.20 -25.81
N PHE C 33 -22.40 -18.00 -24.75
CA PHE C 33 -23.22 -17.77 -23.58
C PHE C 33 -22.36 -17.11 -22.51
N LEU C 34 -22.69 -15.86 -22.22
CA LEU C 34 -21.95 -15.04 -21.28
C LEU C 34 -22.93 -14.42 -20.29
N PRO C 35 -23.19 -15.13 -19.18
CA PRO C 35 -24.22 -14.72 -18.23
C PRO C 35 -23.87 -13.41 -17.54
N LYS C 36 -24.84 -12.52 -17.35
CA LYS C 36 -24.59 -11.23 -16.68
C LYS C 36 -24.78 -11.33 -15.17
N ALA C 37 -25.50 -12.34 -14.72
CA ALA C 37 -25.80 -12.51 -13.30
C ALA C 37 -25.79 -13.96 -12.89
N LEU C 38 -25.44 -14.18 -11.63
CA LEU C 38 -25.63 -15.45 -10.95
C LEU C 38 -26.79 -15.23 -9.97
N VAL C 39 -27.80 -16.08 -10.05
CA VAL C 39 -28.90 -16.01 -9.09
C VAL C 39 -28.86 -17.22 -8.16
N ILE C 40 -28.72 -16.96 -6.87
CA ILE C 40 -28.72 -18.04 -5.90
C ILE C 40 -30.11 -18.12 -5.29
N CYS C 41 -30.78 -19.25 -5.55
CA CYS C 41 -32.13 -19.48 -5.05
C CYS C 41 -32.06 -20.17 -3.70
N GLY C 42 -32.51 -19.47 -2.67
CA GLY C 42 -32.51 -20.01 -1.33
C GLY C 42 -33.65 -21.00 -1.13
N SER C 43 -33.82 -21.43 0.12
CA SER C 43 -34.86 -22.40 0.49
C SER C 43 -36.28 -21.93 0.18
N GLY C 44 -37.00 -22.74 -0.60
CA GLY C 44 -38.39 -22.45 -0.92
C GLY C 44 -38.53 -21.54 -2.12
N LEU C 45 -37.39 -21.18 -2.71
CA LEU C 45 -37.38 -20.24 -3.84
C LEU C 45 -36.86 -20.91 -5.12
N SER C 46 -36.91 -22.24 -5.17
CA SER C 46 -36.42 -22.98 -6.34
C SER C 46 -37.26 -22.70 -7.60
N GLY C 47 -38.39 -22.04 -7.42
CA GLY C 47 -39.27 -21.68 -8.52
C GLY C 47 -38.76 -20.56 -9.40
N ILE C 48 -37.61 -19.97 -9.03
CA ILE C 48 -36.97 -18.95 -9.87
C ILE C 48 -36.63 -19.59 -11.21
N SER C 49 -36.34 -20.89 -11.17
CA SER C 49 -35.98 -21.66 -12.36
C SER C 49 -37.08 -21.67 -13.43
N THR C 50 -38.35 -21.62 -13.01
CA THR C 50 -39.48 -21.60 -13.93
C THR C 50 -39.42 -20.35 -14.80
N LYS C 51 -38.78 -19.30 -14.29
CA LYS C 51 -38.68 -18.03 -15.02
C LYS C 51 -37.65 -18.07 -16.16
N ILE C 52 -36.87 -19.14 -16.24
CA ILE C 52 -35.93 -19.32 -17.34
C ILE C 52 -36.63 -19.79 -18.63
N ALA C 53 -36.44 -19.03 -19.70
CA ALA C 53 -37.10 -19.30 -20.98
C ALA C 53 -36.72 -20.67 -21.55
N ASP C 54 -37.69 -21.31 -22.19
CA ASP C 54 -37.48 -22.64 -22.78
C ASP C 54 -36.71 -22.61 -24.10
N GLU C 55 -36.52 -21.42 -24.67
CA GLU C 55 -35.73 -21.28 -25.90
C GLU C 55 -34.78 -20.08 -25.86
N PRO C 56 -33.47 -20.32 -26.05
CA PRO C 56 -32.89 -21.64 -26.36
C PRO C 56 -32.95 -22.57 -25.15
N LYS C 57 -32.86 -23.88 -25.39
CA LYS C 57 -32.92 -24.86 -24.32
C LYS C 57 -31.83 -24.57 -23.29
N PRO C 58 -32.24 -24.36 -22.03
CA PRO C 58 -31.25 -24.08 -21.00
C PRO C 58 -30.31 -25.26 -20.80
N LEU C 59 -29.12 -25.00 -20.26
CA LEU C 59 -28.17 -26.06 -19.95
C LEU C 59 -28.22 -26.38 -18.47
N ILE C 60 -28.34 -27.67 -18.15
CA ILE C 60 -28.38 -28.09 -16.75
C ILE C 60 -27.20 -28.99 -16.39
N LEU C 61 -26.37 -28.53 -15.45
CA LEU C 61 -25.26 -29.33 -14.93
C LEU C 61 -25.47 -29.66 -13.46
N SER C 62 -25.52 -30.95 -13.14
CA SER C 62 -25.59 -31.37 -11.75
C SER C 62 -24.25 -31.05 -11.08
N TYR C 63 -24.29 -30.67 -9.81
CA TYR C 63 -23.06 -30.39 -9.06
C TYR C 63 -22.13 -31.59 -9.05
N SER C 64 -22.72 -32.80 -9.06
CA SER C 64 -21.96 -34.05 -9.03
C SER C 64 -20.99 -34.15 -10.19
N THR C 65 -21.34 -33.48 -11.27
CA THR C 65 -20.64 -33.58 -12.53
C THR C 65 -19.52 -32.54 -12.67
N ILE C 66 -19.56 -31.50 -11.84
CA ILE C 66 -18.61 -30.41 -11.93
C ILE C 66 -17.44 -30.58 -10.96
N PRO C 67 -16.20 -30.56 -11.49
CA PRO C 67 -14.99 -30.69 -10.68
C PRO C 67 -14.96 -29.80 -9.46
N GLY C 68 -14.79 -30.41 -8.29
CA GLY C 68 -14.62 -29.65 -7.06
C GLY C 68 -15.89 -29.13 -6.43
N PHE C 69 -17.04 -29.31 -7.07
CA PHE C 69 -18.29 -28.88 -6.45
C PHE C 69 -18.72 -29.91 -5.41
N LYS C 70 -18.86 -29.47 -4.16
CA LYS C 70 -19.28 -30.34 -3.07
C LYS C 70 -20.73 -30.76 -3.27
N GLY C 79 -28.17 -30.84 -6.08
CA GLY C 79 -28.02 -29.47 -6.56
C GLY C 79 -27.64 -29.39 -8.03
N GLU C 80 -27.86 -28.22 -8.64
CA GLU C 80 -27.55 -28.05 -10.04
C GLU C 80 -27.32 -26.60 -10.43
N LEU C 81 -26.58 -26.40 -11.52
CA LEU C 81 -26.36 -25.10 -12.12
C LEU C 81 -27.29 -25.01 -13.33
N ILE C 82 -28.03 -23.90 -13.46
CA ILE C 82 -28.91 -23.74 -14.62
C ILE C 82 -28.50 -22.53 -15.45
N PHE C 83 -28.16 -22.78 -16.72
CA PHE C 83 -27.77 -21.72 -17.63
C PHE C 83 -28.85 -21.49 -18.68
N GLY C 84 -29.41 -20.30 -18.71
CA GLY C 84 -30.41 -19.97 -19.72
C GLY C 84 -30.74 -18.50 -19.69
N TYR C 85 -31.79 -18.12 -20.42
CA TYR C 85 -32.22 -16.72 -20.48
C TYR C 85 -33.43 -16.45 -19.58
N MSE C 86 -33.39 -15.31 -18.90
CA MSE C 86 -34.51 -14.85 -18.07
C MSE C 86 -34.85 -13.41 -18.46
O MSE C 86 -34.02 -12.51 -18.28
CB MSE C 86 -34.12 -14.88 -16.59
CG MSE C 86 -34.89 -15.89 -15.75
SE MSE C 86 -34.53 -15.69 -13.84
CE MSE C 86 -34.76 -13.79 -13.73
N ASN C 87 -36.05 -13.21 -19.00
CA ASN C 87 -36.50 -11.89 -19.45
C ASN C 87 -35.50 -11.25 -20.42
N GLY C 88 -34.95 -12.06 -21.32
CA GLY C 88 -34.02 -11.57 -22.32
C GLY C 88 -32.55 -11.50 -21.89
N ALA C 89 -32.28 -11.69 -20.60
CA ALA C 89 -30.90 -11.67 -20.13
C ALA C 89 -30.37 -13.08 -19.84
N PRO C 90 -29.12 -13.36 -20.25
CA PRO C 90 -28.50 -14.65 -19.94
C PRO C 90 -28.04 -14.69 -18.48
N VAL C 91 -28.39 -15.75 -17.77
CA VAL C 91 -28.05 -15.86 -16.35
C VAL C 91 -27.61 -17.28 -16.02
N VAL C 92 -27.04 -17.45 -14.84
CA VAL C 92 -26.84 -18.76 -14.26
C VAL C 92 -27.63 -18.80 -12.95
N LEU C 93 -28.34 -19.89 -12.72
CA LEU C 93 -28.98 -20.09 -11.44
C LEU C 93 -28.22 -21.15 -10.68
N MSE C 94 -27.97 -20.91 -9.40
CA MSE C 94 -27.57 -21.96 -8.48
C MSE C 94 -28.80 -22.44 -7.73
O MSE C 94 -29.33 -21.72 -6.87
CB MSE C 94 -26.52 -21.46 -7.50
CG MSE C 94 -25.13 -21.41 -8.06
SE MSE C 94 -23.83 -21.02 -6.68
CE MSE C 94 -24.52 -22.20 -5.28
N ASN C 95 -29.26 -23.63 -8.07
CA ASN C 95 -30.38 -24.28 -7.42
C ASN C 95 -29.88 -25.13 -6.26
N GLY C 96 -29.96 -24.59 -5.05
CA GLY C 96 -29.37 -25.22 -3.88
C GLY C 96 -27.97 -24.68 -3.64
N ARG C 97 -27.43 -24.93 -2.45
CA ARG C 97 -26.06 -24.52 -2.12
C ARG C 97 -25.52 -25.26 -0.89
N LEU C 106 -15.92 -23.08 4.40
CA LEU C 106 -16.52 -21.94 3.71
C LEU C 106 -15.88 -21.70 2.34
N ALA C 107 -14.59 -21.95 2.25
CA ALA C 107 -13.86 -21.82 1.00
C ALA C 107 -14.52 -22.65 -0.10
N GLU C 108 -14.91 -23.88 0.24
CA GLU C 108 -15.53 -24.78 -0.72
C GLU C 108 -16.96 -24.38 -1.02
N THR C 109 -17.63 -23.73 -0.07
CA THR C 109 -19.01 -23.30 -0.32
C THR C 109 -19.09 -22.15 -1.32
N VAL C 110 -17.98 -21.42 -1.50
CA VAL C 110 -17.94 -20.28 -2.40
C VAL C 110 -17.08 -20.52 -3.65
N HIS C 111 -16.44 -21.69 -3.70
CA HIS C 111 -15.77 -22.20 -4.90
C HIS C 111 -16.57 -21.99 -6.22
N PRO C 112 -17.90 -22.23 -6.21
CA PRO C 112 -18.64 -22.02 -7.45
C PRO C 112 -18.64 -20.57 -7.94
N ILE C 113 -18.70 -19.62 -7.02
CA ILE C 113 -18.66 -18.21 -7.38
C ILE C 113 -17.37 -17.89 -8.12
N ARG C 114 -16.25 -18.40 -7.60
CA ARG C 114 -14.95 -18.16 -8.21
CA ARG C 114 -14.96 -18.15 -8.23
C ARG C 114 -14.85 -18.85 -9.57
N ALA C 115 -15.36 -20.08 -9.64
CA ALA C 115 -15.30 -20.80 -10.92
C ALA C 115 -16.09 -20.05 -11.99
N LEU C 116 -17.25 -19.53 -11.59
CA LEU C 116 -18.10 -18.81 -12.53
C LEU C 116 -17.53 -17.43 -12.89
N HIS C 117 -16.83 -16.81 -11.95
CA HIS C 117 -16.14 -15.54 -12.23
C HIS C 117 -15.18 -15.65 -13.41
N LEU C 118 -14.59 -16.83 -13.60
CA LEU C 118 -13.66 -17.05 -14.73
C LEU C 118 -14.33 -17.00 -16.10
N LEU C 119 -15.66 -17.05 -16.13
CA LEU C 119 -16.35 -16.88 -17.41
C LEU C 119 -16.15 -15.45 -17.93
N GLY C 120 -15.89 -14.52 -17.02
CA GLY C 120 -15.56 -13.14 -17.35
C GLY C 120 -16.73 -12.30 -17.80
N SER C 121 -17.95 -12.71 -17.45
CA SER C 121 -19.15 -11.98 -17.86
C SER C 121 -20.03 -11.54 -16.70
N ILE C 122 -20.07 -12.32 -15.62
CA ILE C 122 -20.96 -12.01 -14.49
C ILE C 122 -20.49 -10.78 -13.73
N ASN C 123 -21.38 -9.82 -13.52
CA ASN C 123 -21.05 -8.65 -12.70
C ASN C 123 -22.06 -8.38 -11.59
N VAL C 124 -23.05 -9.27 -11.45
CA VAL C 124 -24.03 -9.15 -10.38
C VAL C 124 -24.37 -10.51 -9.76
N LEU C 125 -24.36 -10.55 -8.43
CA LEU C 125 -24.89 -11.67 -7.68
C LEU C 125 -26.25 -11.24 -7.13
N ILE C 126 -27.28 -12.01 -7.45
CA ILE C 126 -28.57 -11.84 -6.80
C ILE C 126 -28.80 -13.06 -5.93
N VAL C 127 -28.87 -12.86 -4.62
CA VAL C 127 -29.00 -13.98 -3.70
C VAL C 127 -30.27 -13.83 -2.86
N THR C 128 -31.08 -14.88 -2.83
CA THR C 128 -32.28 -14.90 -2.03
C THR C 128 -32.14 -15.94 -0.93
N ASN C 129 -32.80 -15.69 0.20
CA ASN C 129 -32.83 -16.66 1.29
C ASN C 129 -34.13 -16.59 2.08
N ALA C 130 -34.36 -17.60 2.94
CA ALA C 130 -35.43 -17.54 3.92
C ALA C 130 -34.76 -17.18 5.25
N ALA C 131 -35.38 -16.31 6.04
CA ALA C 131 -34.74 -15.81 7.26
C ALA C 131 -35.72 -15.68 8.41
N GLY C 132 -35.21 -15.62 9.63
CA GLY C 132 -36.08 -15.36 10.77
C GLY C 132 -36.19 -13.86 11.00
N GLY C 133 -37.39 -13.38 11.32
CA GLY C 133 -37.58 -11.96 11.58
C GLY C 133 -37.12 -11.61 12.99
N ILE C 134 -36.21 -10.64 13.08
CA ILE C 134 -35.72 -10.17 14.37
C ILE C 134 -36.26 -8.77 14.68
N ASN C 135 -36.28 -7.91 13.66
CA ASN C 135 -36.90 -6.60 13.79
C ASN C 135 -38.36 -6.74 14.21
N ALA C 136 -38.78 -6.01 15.24
CA ALA C 136 -40.14 -6.16 15.78
C ALA C 136 -41.24 -5.76 14.82
N SER C 137 -40.90 -4.99 13.79
CA SER C 137 -41.90 -4.58 12.81
C SER C 137 -42.23 -5.66 11.77
N PHE C 138 -41.35 -6.64 11.62
CA PHE C 138 -41.51 -7.64 10.56
C PHE C 138 -42.55 -8.70 10.93
N LYS C 139 -43.30 -9.14 9.93
CA LYS C 139 -44.27 -10.22 10.08
C LYS C 139 -43.94 -11.30 9.06
N ALA C 140 -44.34 -12.54 9.32
CA ALA C 140 -44.08 -13.63 8.39
C ALA C 140 -44.63 -13.28 7.02
N GLY C 141 -43.90 -13.60 5.96
CA GLY C 141 -44.37 -13.29 4.62
C GLY C 141 -43.81 -12.00 4.06
N ASP C 142 -43.33 -11.12 4.93
CA ASP C 142 -42.70 -9.88 4.50
C ASP C 142 -41.38 -10.18 3.77
N LEU C 143 -40.97 -9.28 2.88
CA LEU C 143 -39.65 -9.37 2.27
C LEU C 143 -38.71 -8.36 2.94
N MSE C 144 -37.41 -8.67 2.92
CA MSE C 144 -36.40 -7.69 3.32
C MSE C 144 -35.27 -7.62 2.33
O MSE C 144 -34.51 -8.59 2.15
CB MSE C 144 -35.82 -7.98 4.70
CG MSE C 144 -34.88 -6.86 5.15
SE MSE C 144 -33.84 -7.27 6.74
CE MSE C 144 -32.42 -8.34 5.93
N CYS C 145 -35.14 -6.47 1.69
CA CYS C 145 -33.96 -6.16 0.89
C CYS C 145 -32.80 -5.92 1.86
N VAL C 146 -31.71 -6.65 1.69
CA VAL C 146 -30.56 -6.52 2.56
C VAL C 146 -29.68 -5.34 2.18
N TYR C 147 -29.45 -4.41 3.12
CA TYR C 147 -28.53 -3.33 2.79
C TYR C 147 -27.28 -3.31 3.65
N ASP C 148 -27.20 -4.28 4.57
CA ASP C 148 -26.03 -4.40 5.44
C ASP C 148 -26.06 -5.79 6.06
N HIS C 149 -24.92 -6.22 6.59
CA HIS C 149 -24.91 -7.51 7.27
C HIS C 149 -24.02 -7.53 8.49
N ILE C 150 -24.25 -8.51 9.36
CA ILE C 150 -23.30 -8.81 10.42
C ILE C 150 -22.83 -10.24 10.20
N ASN C 151 -21.54 -10.39 9.96
CA ASN C 151 -20.97 -11.70 9.71
C ASN C 151 -20.38 -12.22 11.01
N PHE C 152 -21.23 -12.75 11.89
CA PHE C 152 -20.75 -13.24 13.20
C PHE C 152 -19.63 -14.29 13.16
N PRO C 153 -19.79 -15.38 12.37
CA PRO C 153 -18.66 -16.32 12.36
C PRO C 153 -17.38 -15.70 11.81
N GLY C 154 -17.52 -14.78 10.86
CA GLY C 154 -16.38 -14.13 10.24
C GLY C 154 -15.65 -13.18 11.18
N LEU C 155 -16.36 -12.58 12.13
CA LEU C 155 -15.71 -11.79 13.17
C LEU C 155 -14.83 -12.67 14.06
N CYS C 156 -15.19 -13.95 14.14
CA CYS C 156 -14.53 -14.86 15.10
C CYS C 156 -13.44 -15.75 14.55
N GLY C 157 -13.63 -16.30 13.36
CA GLY C 157 -12.63 -17.18 12.80
C GLY C 157 -13.04 -18.12 11.68
N PHE C 158 -14.31 -18.13 11.30
CA PHE C 158 -14.77 -18.90 10.13
C PHE C 158 -15.17 -17.88 9.05
N HIS C 159 -14.32 -17.73 8.05
CA HIS C 159 -14.46 -16.63 7.09
C HIS C 159 -14.09 -17.19 5.72
N PRO C 160 -14.90 -16.90 4.68
CA PRO C 160 -14.59 -17.43 3.35
C PRO C 160 -13.25 -16.96 2.77
N LEU C 161 -12.71 -15.86 3.27
CA LEU C 161 -11.45 -15.32 2.75
C LEU C 161 -10.27 -15.71 3.63
N ARG C 162 -10.53 -16.47 4.68
CA ARG C 162 -9.44 -16.91 5.55
C ARG C 162 -8.43 -17.73 4.76
N GLY C 163 -7.13 -17.54 5.02
CA GLY C 163 -6.09 -18.25 4.30
C GLY C 163 -5.37 -17.33 3.32
N ALA C 164 -4.51 -17.89 2.50
CA ALA C 164 -3.81 -17.08 1.50
C ALA C 164 -4.82 -16.39 0.58
N ASN C 165 -4.54 -15.14 0.21
CA ASN C 165 -5.46 -14.40 -0.65
C ASN C 165 -5.35 -14.88 -2.07
N PHE C 166 -6.49 -14.93 -2.76
CA PHE C 166 -6.49 -15.17 -4.20
C PHE C 166 -6.25 -13.83 -4.89
N ASP C 167 -4.99 -13.51 -5.14
CA ASP C 167 -4.60 -12.20 -5.65
C ASP C 167 -5.18 -11.89 -7.03
N GLU C 168 -5.45 -12.94 -7.82
CA GLU C 168 -6.01 -12.75 -9.16
C GLU C 168 -7.46 -12.29 -9.11
N PHE C 169 -8.13 -12.60 -8.01
CA PHE C 169 -9.56 -12.29 -7.87
C PHE C 169 -9.82 -10.94 -7.20
N GLY C 170 -9.08 -10.65 -6.12
CA GLY C 170 -9.33 -9.44 -5.37
C GLY C 170 -8.31 -9.15 -4.29
N PRO C 171 -8.55 -8.11 -3.48
CA PRO C 171 -7.57 -7.61 -2.51
C PRO C 171 -7.47 -8.47 -1.25
N ARG C 172 -6.31 -8.46 -0.62
CA ARG C 172 -6.11 -9.12 0.68
C ARG C 172 -7.10 -8.63 1.75
N PHE C 173 -7.38 -7.33 1.74
CA PHE C 173 -8.28 -6.72 2.71
C PHE C 173 -9.43 -6.03 2.01
N LEU C 174 -10.62 -6.58 2.19
CA LEU C 174 -11.78 -6.15 1.44
C LEU C 174 -12.71 -5.32 2.32
N ALA C 175 -13.05 -4.11 1.90
CA ALA C 175 -14.03 -3.30 2.61
C ALA C 175 -15.41 -3.94 2.41
N THR C 176 -16.26 -3.91 3.44
CA THR C 176 -17.63 -4.39 3.27
C THR C 176 -18.68 -3.33 3.63
N SER C 177 -18.22 -2.10 3.85
CA SER C 177 -19.13 -0.98 4.08
C SER C 177 -19.87 -0.58 2.81
N ASP C 178 -19.42 -1.09 1.66
CA ASP C 178 -20.11 -0.80 0.41
C ASP C 178 -20.57 -2.08 -0.28
N ALA C 179 -20.98 -3.07 0.50
CA ALA C 179 -21.33 -4.39 -0.06
C ALA C 179 -22.65 -4.43 -0.84
N TYR C 180 -23.61 -3.61 -0.46
CA TYR C 180 -24.95 -3.73 -1.07
C TYR C 180 -25.34 -2.55 -1.95
N ASP C 181 -25.08 -2.73 -3.25
CA ASP C 181 -25.24 -1.72 -4.30
C ASP C 181 -26.53 -0.90 -4.18
N LEU C 182 -26.41 0.43 -4.12
CA LEU C 182 -27.60 1.26 -3.92
C LEU C 182 -28.52 1.21 -5.12
N GLU C 183 -27.93 1.25 -6.31
CA GLU C 183 -28.74 1.25 -7.54
C GLU C 183 -29.59 -0.01 -7.73
N LEU C 184 -29.04 -1.17 -7.36
CA LEU C 184 -29.78 -2.42 -7.48
C LEU C 184 -30.96 -2.43 -6.52
N ARG C 185 -30.75 -1.87 -5.32
CA ARG C 185 -31.82 -1.74 -4.34
C ARG C 185 -32.89 -0.76 -4.83
N LYS C 186 -32.48 0.38 -5.37
CA LYS C 186 -33.45 1.32 -5.94
C LYS C 186 -34.23 0.67 -7.06
N LEU C 187 -33.55 -0.15 -7.86
CA LEU C 187 -34.16 -0.87 -8.96
C LEU C 187 -35.21 -1.88 -8.47
N LEU C 188 -34.86 -2.65 -7.46
CA LEU C 188 -35.79 -3.64 -6.89
C LEU C 188 -37.08 -2.99 -6.39
N PHE C 189 -36.95 -1.92 -5.61
CA PHE C 189 -38.12 -1.21 -5.11
C PHE C 189 -38.94 -0.57 -6.22
N SER C 190 -38.25 -0.03 -7.23
CA SER C 190 -38.96 0.56 -8.36
C SER C 190 -39.79 -0.49 -9.07
N LYS C 191 -39.25 -1.70 -9.20
CA LYS C 191 -39.96 -2.79 -9.86
C LYS C 191 -41.15 -3.30 -9.06
N LYS C 192 -41.03 -3.26 -7.74
CA LYS C 192 -42.14 -3.64 -6.88
C LYS C 192 -43.33 -2.69 -7.05
N LYS C 193 -43.05 -1.39 -7.09
CA LYS C 193 -44.12 -0.41 -7.21
C LYS C 193 -44.78 -0.48 -8.58
N GLU C 194 -44.05 -1.01 -9.57
CA GLU C 194 -44.55 -1.07 -10.94
C GLU C 194 -45.41 -2.30 -11.22
N LEU C 195 -45.09 -3.39 -10.57
CA LEU C 195 -45.90 -4.60 -10.69
C LEU C 195 -47.01 -4.55 -9.63
N ASN C 196 -47.06 -3.41 -8.94
CA ASN C 196 -47.94 -3.19 -7.79
C ASN C 196 -48.07 -4.42 -6.89
N ILE C 197 -46.94 -4.88 -6.37
CA ILE C 197 -46.94 -5.97 -5.40
C ILE C 197 -47.27 -5.37 -4.03
N GLU C 198 -48.26 -5.93 -3.35
CA GLU C 198 -48.70 -5.37 -2.07
C GLU C 198 -47.86 -5.90 -0.91
N ARG C 199 -47.10 -6.96 -1.17
CA ARG C 199 -46.29 -7.58 -0.13
C ARG C 199 -45.37 -6.57 0.52
N LYS C 200 -45.28 -6.60 1.85
CA LYS C 200 -44.44 -5.66 2.56
C LYS C 200 -42.96 -5.93 2.28
N ILE C 201 -42.21 -4.87 2.00
CA ILE C 201 -40.78 -5.02 1.80
C ILE C 201 -40.03 -3.98 2.62
N HIS C 202 -39.11 -4.47 3.44
CA HIS C 202 -38.34 -3.61 4.32
C HIS C 202 -36.95 -3.55 3.77
N GLU C 203 -36.12 -2.70 4.35
CA GLU C 203 -34.71 -2.65 4.02
C GLU C 203 -34.01 -2.80 5.35
N GLY C 204 -33.07 -3.72 5.46
CA GLY C 204 -32.38 -3.89 6.73
C GLY C 204 -31.14 -4.78 6.75
N THR C 205 -30.71 -5.09 7.96
CA THR C 205 -29.47 -5.79 8.22
C THR C 205 -29.69 -7.28 8.45
N TYR C 206 -29.00 -8.10 7.67
CA TYR C 206 -29.06 -9.56 7.80
C TYR C 206 -27.90 -10.03 8.67
N SER C 207 -28.18 -10.81 9.71
CA SER C 207 -27.09 -11.37 10.50
C SER C 207 -26.87 -12.82 10.12
N TYR C 208 -25.63 -13.17 9.82
CA TYR C 208 -25.27 -14.54 9.49
C TYR C 208 -24.78 -15.21 10.76
N VAL C 209 -25.38 -16.36 11.09
CA VAL C 209 -24.91 -17.14 12.22
C VAL C 209 -24.77 -18.59 11.77
N HIS C 210 -24.00 -19.39 12.48
CA HIS C 210 -24.02 -20.83 12.19
C HIS C 210 -24.88 -21.54 13.22
N GLU C 215 -33.29 -21.70 18.71
CA GLU C 215 -32.89 -20.32 18.97
C GLU C 215 -33.64 -19.77 20.17
N SER C 216 -32.93 -19.52 21.25
CA SER C 216 -33.58 -19.11 22.49
C SER C 216 -34.11 -17.67 22.43
N ARG C 217 -35.05 -17.39 23.31
CA ARG C 217 -35.59 -16.05 23.46
C ARG C 217 -34.46 -15.06 23.76
N ALA C 218 -33.55 -15.45 24.64
CA ALA C 218 -32.42 -14.59 25.01
C ALA C 218 -31.48 -14.31 23.85
N GLU C 219 -31.27 -15.32 23.01
CA GLU C 219 -30.41 -15.14 21.82
C GLU C 219 -31.05 -14.22 20.80
N SER C 220 -32.37 -14.34 20.63
CA SER C 220 -33.08 -13.47 19.69
C SER C 220 -33.07 -12.03 20.19
N ARG C 221 -33.25 -11.85 21.50
CA ARG C 221 -33.13 -10.53 22.11
C ARG C 221 -31.74 -9.94 21.88
N PHE C 222 -30.71 -10.76 22.08
CA PHE C 222 -29.34 -10.33 21.81
C PHE C 222 -29.16 -9.90 20.36
N LEU C 223 -29.65 -10.70 19.43
CA LEU C 223 -29.53 -10.36 18.01
C LEU C 223 -30.19 -9.03 17.69
N ARG C 224 -31.36 -8.80 18.27
CA ARG C 224 -32.05 -7.53 18.05
C ARG C 224 -31.24 -6.34 18.56
N LEU C 225 -30.73 -6.44 19.78
CA LEU C 225 -30.01 -5.29 20.33
C LEU C 225 -28.65 -5.09 19.65
N ALA C 226 -28.12 -6.16 19.04
CA ALA C 226 -26.88 -6.10 18.25
C ALA C 226 -27.10 -5.40 16.91
N GLY C 227 -28.35 -5.19 16.51
CA GLY C 227 -28.68 -4.49 15.28
C GLY C 227 -29.22 -5.38 14.16
N THR C 228 -29.61 -6.60 14.49
CA THR C 228 -30.08 -7.56 13.48
C THR C 228 -31.52 -7.25 13.08
N ASP C 229 -31.83 -7.22 11.78
CA ASP C 229 -33.23 -7.14 11.37
C ASP C 229 -33.79 -8.52 11.00
N ALA C 230 -32.94 -9.36 10.41
CA ALA C 230 -33.27 -10.74 10.04
C ALA C 230 -32.03 -11.62 10.22
N VAL C 231 -32.24 -12.92 10.47
CA VAL C 231 -31.13 -13.80 10.82
C VAL C 231 -31.26 -15.10 10.02
N GLY C 232 -30.13 -15.66 9.62
CA GLY C 232 -30.15 -16.94 8.93
C GLY C 232 -28.75 -17.50 8.83
N MSE C 233 -28.62 -18.60 8.11
CA MSE C 233 -27.35 -19.31 8.05
C MSE C 233 -26.81 -19.41 6.64
O MSE C 233 -26.18 -20.39 6.27
CB MSE C 233 -27.55 -20.71 8.64
CG MSE C 233 -28.38 -20.66 9.92
SE MSE C 233 -28.95 -22.41 10.60
CE MSE C 233 -27.23 -23.04 11.26
N SER C 234 -27.06 -18.39 5.83
CA SER C 234 -26.55 -18.39 4.46
C SER C 234 -26.13 -17.00 4.00
N THR C 235 -25.95 -16.86 2.68
CA THR C 235 -25.90 -15.56 2.02
C THR C 235 -24.60 -14.77 2.20
N VAL C 236 -24.24 -14.48 3.45
CA VAL C 236 -23.10 -13.61 3.71
C VAL C 236 -21.77 -14.12 3.13
N PRO C 237 -21.45 -15.42 3.32
CA PRO C 237 -20.20 -15.89 2.70
C PRO C 237 -20.17 -15.68 1.18
N GLU C 238 -21.30 -15.89 0.50
CA GLU C 238 -21.41 -15.65 -0.93
C GLU C 238 -21.29 -14.16 -1.31
N VAL C 239 -21.95 -13.30 -0.54
CA VAL C 239 -21.85 -11.86 -0.75
C VAL C 239 -20.40 -11.40 -0.63
N VAL C 240 -19.71 -11.89 0.39
CA VAL C 240 -18.31 -11.49 0.61
C VAL C 240 -17.41 -11.97 -0.53
N THR C 241 -17.64 -13.19 -0.99
CA THR C 241 -16.85 -13.76 -2.08
C THR C 241 -17.13 -13.05 -3.42
N ALA C 242 -18.40 -12.72 -3.67
CA ALA C 242 -18.75 -11.98 -4.88
C ALA C 242 -18.12 -10.58 -4.87
N ARG C 243 -18.20 -9.91 -3.72
CA ARG C 243 -17.58 -8.59 -3.57
C ARG C 243 -16.08 -8.70 -3.78
N HIS C 244 -15.47 -9.79 -3.30
CA HIS C 244 -14.04 -9.98 -3.47
C HIS C 244 -13.68 -10.02 -4.95
N CYS C 245 -14.59 -10.62 -5.74
CA CYS C 245 -14.43 -10.73 -7.19
C CYS C 245 -14.83 -9.45 -7.91
N GLY C 246 -15.34 -8.47 -7.18
CA GLY C 246 -15.69 -7.19 -7.76
C GLY C 246 -17.12 -7.09 -8.26
N TRP C 247 -17.94 -8.11 -7.98
CA TRP C 247 -19.32 -8.07 -8.46
C TRP C 247 -20.18 -7.12 -7.61
N ARG C 248 -21.27 -6.65 -8.21
CA ARG C 248 -22.33 -5.94 -7.49
CA ARG C 248 -22.32 -5.94 -7.48
C ARG C 248 -23.23 -6.99 -6.84
N VAL C 249 -23.84 -6.64 -5.71
CA VAL C 249 -24.66 -7.61 -5.00
C VAL C 249 -26.05 -7.06 -4.69
N LEU C 250 -27.07 -7.87 -4.97
CA LEU C 250 -28.44 -7.60 -4.55
C LEU C 250 -28.90 -8.81 -3.75
N ALA C 251 -29.37 -8.57 -2.52
CA ALA C 251 -29.76 -9.68 -1.65
C ALA C 251 -31.17 -9.46 -1.10
N LEU C 252 -32.00 -10.50 -1.14
CA LEU C 252 -33.40 -10.40 -0.70
C LEU C 252 -33.77 -11.58 0.21
N SER C 253 -34.29 -11.26 1.40
CA SER C 253 -34.72 -12.27 2.36
C SER C 253 -36.24 -12.38 2.38
N LEU C 254 -36.74 -13.60 2.53
CA LEU C 254 -38.14 -13.87 2.81
C LEU C 254 -38.27 -14.16 4.31
N ILE C 255 -39.02 -13.33 5.04
CA ILE C 255 -39.22 -13.57 6.46
C ILE C 255 -40.19 -14.73 6.66
N THR C 256 -39.71 -15.86 7.19
CA THR C 256 -40.57 -17.03 7.32
C THR C 256 -41.31 -17.06 8.66
N ASN C 257 -40.80 -16.34 9.64
CA ASN C 257 -41.41 -16.30 10.96
C ASN C 257 -40.84 -15.18 11.82
N GLU C 258 -41.62 -14.74 12.80
CA GLU C 258 -41.18 -13.69 13.72
C GLU C 258 -40.57 -14.37 14.93
N CYS C 259 -39.31 -14.11 15.22
CA CYS C 259 -38.68 -14.75 16.38
C CYS C 259 -39.23 -14.11 17.66
N VAL C 260 -39.41 -14.91 18.71
CA VAL C 260 -39.90 -14.33 19.97
C VAL C 260 -38.75 -13.91 20.91
N VAL C 261 -38.89 -12.74 21.51
CA VAL C 261 -37.80 -12.17 22.31
C VAL C 261 -38.20 -11.99 23.77
N ASP C 262 -39.47 -12.18 24.07
CA ASP C 262 -39.97 -12.06 25.43
C ASP C 262 -39.47 -13.22 26.29
N PRO C 263 -39.16 -12.94 27.57
CA PRO C 263 -38.60 -13.95 28.47
C PRO C 263 -39.58 -15.08 28.72
N PRO C 264 -39.08 -16.29 29.02
CA PRO C 264 -39.99 -17.39 29.35
C PRO C 264 -40.77 -17.08 30.62
N ALA C 265 -41.77 -17.89 30.93
CA ALA C 265 -42.58 -17.65 32.12
C ALA C 265 -41.75 -17.72 33.40
N SER C 266 -41.99 -16.81 34.32
CA SER C 266 -41.31 -16.85 35.62
C SER C 266 -41.91 -17.93 36.50
N ALA C 267 -41.09 -18.57 37.33
CA ALA C 267 -41.61 -19.55 38.27
C ALA C 267 -42.44 -18.87 39.38
N HIS C 268 -42.42 -17.55 39.40
CA HIS C 268 -43.21 -16.78 40.36
C HIS C 268 -44.55 -16.29 39.78
N ASP C 269 -44.74 -16.44 38.47
CA ASP C 269 -45.99 -16.02 37.80
C ASP C 269 -47.15 -16.96 38.10
N GLU C 270 -48.37 -16.49 37.85
CA GLU C 270 -49.57 -17.30 37.92
C GLU C 270 -50.53 -16.95 36.79
N ALA C 290 -45.98 -20.06 0.08
CA ALA C 290 -45.26 -20.06 -1.19
C ALA C 290 -45.81 -19.01 -2.17
N LYS C 291 -46.73 -18.19 -1.69
CA LYS C 291 -47.16 -16.99 -2.42
C LYS C 291 -45.99 -16.03 -2.46
N ALA C 292 -45.20 -16.06 -1.40
CA ALA C 292 -43.99 -15.24 -1.31
C ALA C 292 -43.02 -15.51 -2.46
N SER C 293 -42.75 -16.79 -2.73
CA SER C 293 -41.85 -17.18 -3.80
C SER C 293 -42.27 -16.60 -5.14
N LYS C 294 -43.56 -16.70 -5.45
CA LYS C 294 -44.11 -16.12 -6.68
C LYS C 294 -43.71 -14.66 -6.81
N ASP C 295 -43.92 -13.88 -5.74
CA ASP C 295 -43.55 -12.47 -5.75
C ASP C 295 -42.04 -12.27 -5.95
N VAL C 296 -41.24 -13.07 -5.24
CA VAL C 296 -39.79 -13.00 -5.39
C VAL C 296 -39.39 -13.28 -6.84
N GLN C 297 -40.00 -14.29 -7.43
CA GLN C 297 -39.78 -14.64 -8.83
C GLN C 297 -40.02 -13.48 -9.79
N GLU C 298 -41.16 -12.82 -9.67
CA GLU C 298 -41.50 -11.72 -10.56
C GLU C 298 -40.60 -10.51 -10.34
N LEU C 299 -40.22 -10.28 -9.08
CA LEU C 299 -39.31 -9.18 -8.77
C LEU C 299 -38.00 -9.40 -9.50
N ILE C 300 -37.42 -10.58 -9.29
CA ILE C 300 -36.14 -10.92 -9.89
C ILE C 300 -36.23 -10.91 -11.43
N PHE C 301 -37.30 -11.50 -11.97
CA PHE C 301 -37.53 -11.49 -13.42
C PHE C 301 -37.49 -10.06 -13.98
N SER C 302 -38.18 -9.13 -13.32
CA SER C 302 -38.18 -7.74 -13.73
C SER C 302 -36.78 -7.15 -13.64
N VAL C 303 -36.15 -7.35 -12.49
CA VAL C 303 -34.85 -6.78 -12.19
C VAL C 303 -33.77 -7.09 -13.22
N VAL C 304 -33.69 -8.35 -13.64
CA VAL C 304 -32.58 -8.81 -14.48
C VAL C 304 -32.59 -8.20 -15.88
N ALA C 305 -33.76 -7.72 -16.31
CA ALA C 305 -33.87 -7.10 -17.64
C ALA C 305 -33.15 -5.76 -17.66
N GLU C 306 -32.90 -5.20 -16.47
CA GLU C 306 -32.28 -3.90 -16.36
C GLU C 306 -30.91 -4.03 -15.72
N ILE C 307 -30.32 -5.22 -15.85
CA ILE C 307 -29.09 -5.56 -15.14
C ILE C 307 -27.85 -5.56 -16.03
N ASP D 6 35.46 17.59 -7.45
CA ASP D 6 36.59 17.57 -8.40
C ASP D 6 37.08 16.15 -8.62
N ILE D 7 37.90 15.97 -9.65
CA ILE D 7 38.34 14.63 -10.01
C ILE D 7 39.43 14.09 -9.06
N ASN D 8 40.33 14.97 -8.63
CA ASN D 8 41.37 14.58 -7.68
C ASN D 8 40.79 13.98 -6.41
N GLU D 9 39.77 14.64 -5.86
CA GLU D 9 39.09 14.14 -4.66
C GLU D 9 38.42 12.79 -4.90
N GLN D 10 37.52 12.73 -5.87
CA GLN D 10 36.82 11.50 -6.21
C GLN D 10 37.76 10.31 -6.40
N ARG D 11 38.88 10.55 -7.08
CA ARG D 11 39.91 9.52 -7.26
C ARG D 11 40.41 9.02 -5.92
N ALA D 12 40.77 9.95 -5.05
CA ALA D 12 41.32 9.60 -3.74
C ALA D 12 40.30 8.78 -2.94
N LEU D 13 39.03 9.16 -3.05
CA LEU D 13 37.95 8.46 -2.39
C LEU D 13 37.79 7.03 -2.93
N ILE D 14 37.90 6.88 -4.25
CA ILE D 14 37.83 5.58 -4.90
C ILE D 14 38.99 4.65 -4.50
N LYS D 15 40.22 5.18 -4.48
CA LYS D 15 41.37 4.38 -4.07
C LYS D 15 41.28 3.98 -2.60
N SER D 16 40.90 4.93 -1.75
CA SER D 16 40.67 4.66 -0.35
C SER D 16 39.62 3.57 -0.18
N ALA D 17 38.51 3.72 -0.90
CA ALA D 17 37.47 2.71 -0.90
C ALA D 17 38.05 1.37 -1.36
N HIS D 18 38.80 1.39 -2.47
CA HIS D 18 39.47 0.20 -2.96
C HIS D 18 40.41 -0.44 -1.94
N ARG D 19 41.14 0.39 -1.21
CA ARG D 19 42.09 -0.09 -0.22
C ARG D 19 41.40 -0.82 0.93
N TYR D 20 40.34 -0.21 1.46
CA TYR D 20 39.55 -0.83 2.53
C TYR D 20 39.04 -2.20 2.10
N ILE D 21 38.61 -2.32 0.84
CA ILE D 21 38.04 -3.55 0.32
C ILE D 21 39.06 -4.68 0.19
N SER D 22 40.12 -4.44 -0.59
CA SER D 22 41.14 -5.46 -0.82
C SER D 22 41.74 -5.98 0.48
N GLU D 23 41.99 -5.05 1.41
CA GLU D 23 42.51 -5.41 2.72
C GLU D 23 41.55 -6.35 3.45
N LYS D 24 40.32 -5.89 3.63
CA LYS D 24 39.28 -6.67 4.31
C LYS D 24 39.09 -8.03 3.63
N LEU D 25 39.30 -8.08 2.31
CA LEU D 25 39.30 -9.34 1.57
C LEU D 25 40.54 -10.17 1.88
N GLU D 26 41.69 -9.51 1.95
CA GLU D 26 42.95 -10.19 2.25
C GLU D 26 42.95 -10.82 3.63
N ASP D 27 42.43 -10.08 4.62
CA ASP D 27 42.42 -10.54 6.01
C ASP D 27 41.19 -11.39 6.32
N HIS D 28 40.49 -11.85 5.29
CA HIS D 28 39.30 -12.69 5.46
C HIS D 28 39.43 -14.02 4.75
N PHE D 29 39.71 -13.96 3.44
CA PHE D 29 39.77 -15.16 2.61
C PHE D 29 41.12 -15.85 2.66
N SER D 30 41.09 -17.19 2.65
CA SER D 30 42.30 -17.99 2.70
C SER D 30 43.15 -17.73 1.47
N SER D 31 42.60 -18.05 0.31
CA SER D 31 43.27 -17.79 -0.96
C SER D 31 42.58 -16.62 -1.64
N GLU D 32 43.18 -16.15 -2.73
CA GLU D 32 42.66 -15.04 -3.53
C GLU D 32 41.14 -15.04 -3.66
N PHE D 33 40.55 -13.86 -3.55
CA PHE D 33 39.16 -13.70 -3.96
C PHE D 33 39.07 -12.64 -5.05
N LEU D 34 38.91 -13.11 -6.29
CA LEU D 34 38.80 -12.21 -7.44
C LEU D 34 37.43 -12.38 -8.09
N PRO D 35 36.46 -11.55 -7.69
CA PRO D 35 35.11 -11.69 -8.22
C PRO D 35 35.04 -11.38 -9.71
N LYS D 36 34.22 -12.13 -10.43
CA LYS D 36 34.09 -11.96 -11.88
C LYS D 36 32.87 -11.11 -12.21
N ALA D 37 31.94 -11.04 -11.27
CA ALA D 37 30.73 -10.27 -11.50
C ALA D 37 30.34 -9.45 -10.27
N LEU D 38 29.74 -8.30 -10.53
CA LEU D 38 29.06 -7.54 -9.49
C LEU D 38 27.57 -7.68 -9.75
N VAL D 39 26.84 -8.17 -8.75
CA VAL D 39 25.38 -8.26 -8.86
C VAL D 39 24.72 -7.18 -8.00
N ILE D 40 23.95 -6.29 -8.63
CA ILE D 40 23.20 -5.28 -7.90
C ILE D 40 21.75 -5.71 -7.73
N CYS D 41 21.29 -5.82 -6.48
CA CYS D 41 19.96 -6.35 -6.19
C CYS D 41 18.92 -5.25 -6.00
N GLY D 42 17.78 -5.39 -6.69
CA GLY D 42 16.74 -4.39 -6.69
C GLY D 42 15.75 -4.44 -5.53
N SER D 43 14.53 -3.99 -5.81
CA SER D 43 13.53 -3.71 -4.76
C SER D 43 13.12 -4.90 -3.89
N GLY D 44 13.28 -6.11 -4.40
CA GLY D 44 12.88 -7.29 -3.66
C GLY D 44 13.81 -8.48 -3.82
N LEU D 45 14.92 -8.29 -4.52
CA LEU D 45 15.89 -9.37 -4.69
C LEU D 45 16.93 -9.42 -3.57
N SER D 46 16.53 -8.96 -2.39
CA SER D 46 17.41 -9.05 -1.23
C SER D 46 17.63 -10.51 -0.85
N GLY D 47 16.75 -11.38 -1.34
CA GLY D 47 16.84 -12.81 -1.09
C GLY D 47 18.06 -13.49 -1.68
N ILE D 48 18.61 -12.94 -2.76
CA ILE D 48 19.72 -13.59 -3.47
C ILE D 48 20.97 -13.76 -2.61
N SER D 49 21.06 -13.03 -1.51
CA SER D 49 22.16 -13.20 -0.56
C SER D 49 22.11 -14.58 0.09
N THR D 50 20.93 -15.20 0.06
CA THR D 50 20.74 -16.57 0.55
C THR D 50 21.60 -17.57 -0.22
N LYS D 51 21.71 -17.36 -1.53
CA LYS D 51 22.39 -18.33 -2.38
C LYS D 51 23.91 -18.25 -2.41
N ILE D 52 24.48 -17.22 -1.78
CA ILE D 52 25.92 -17.20 -1.53
C ILE D 52 26.20 -18.43 -0.65
N ALA D 53 27.26 -19.16 -0.99
CA ALA D 53 27.54 -20.43 -0.34
C ALA D 53 27.98 -20.27 1.11
N ASP D 54 27.81 -21.34 1.88
CA ASP D 54 28.23 -21.36 3.28
C ASP D 54 29.75 -21.25 3.37
N GLU D 55 30.43 -22.06 2.56
CA GLU D 55 31.89 -22.06 2.52
C GLU D 55 32.41 -21.92 1.09
N PRO D 56 33.50 -21.16 0.89
CA PRO D 56 34.19 -20.34 1.89
C PRO D 56 33.31 -19.24 2.48
N LYS D 57 33.51 -18.96 3.78
CA LYS D 57 32.70 -17.98 4.49
C LYS D 57 32.68 -16.63 3.77
N PRO D 58 31.47 -16.07 3.59
CA PRO D 58 31.33 -14.80 2.88
C PRO D 58 31.76 -13.62 3.74
N LEU D 59 32.14 -12.52 3.11
CA LEU D 59 32.54 -11.32 3.82
C LEU D 59 31.50 -10.21 3.63
N ILE D 60 30.88 -9.78 4.72
CA ILE D 60 29.85 -8.75 4.66
C ILE D 60 30.39 -7.39 5.13
N LEU D 61 30.36 -6.40 4.25
CA LEU D 61 30.79 -5.04 4.59
C LEU D 61 29.61 -4.07 4.55
N SER D 62 29.41 -3.33 5.63
CA SER D 62 28.37 -2.30 5.64
C SER D 62 28.85 -1.08 4.86
N TYR D 63 27.95 -0.49 4.07
CA TYR D 63 28.28 0.74 3.36
C TYR D 63 28.69 1.83 4.35
N SER D 64 28.15 1.77 5.55
CA SER D 64 28.44 2.74 6.60
C SER D 64 29.92 2.74 6.99
N THR D 65 30.62 1.64 6.73
CA THR D 65 32.05 1.56 7.05
C THR D 65 32.95 1.93 5.86
N ILE D 66 32.58 1.49 4.66
CA ILE D 66 33.39 1.74 3.47
C ILE D 66 33.35 3.22 3.07
N PRO D 67 34.54 3.84 2.88
CA PRO D 67 34.58 5.26 2.49
C PRO D 67 33.84 5.56 1.18
N GLY D 68 33.07 6.65 1.20
CA GLY D 68 32.32 7.10 0.04
C GLY D 68 30.95 6.48 -0.15
N PHE D 69 30.65 5.42 0.58
CA PHE D 69 29.57 4.51 0.19
C PHE D 69 28.12 4.82 0.57
N LYS D 70 27.88 5.82 1.42
CA LYS D 70 26.53 6.18 1.84
C LYS D 70 25.79 5.02 2.47
N GLY D 79 22.75 -0.33 3.80
CA GLY D 79 23.03 -1.23 2.69
C GLY D 79 24.37 -1.91 2.85
N GLU D 80 24.57 -3.03 2.16
CA GLU D 80 25.79 -3.81 2.37
C GLU D 80 26.39 -4.42 1.11
N LEU D 81 27.69 -4.70 1.20
CA LEU D 81 28.44 -5.34 0.13
C LEU D 81 28.74 -6.77 0.57
N ILE D 82 28.37 -7.74 -0.26
CA ILE D 82 28.57 -9.14 0.09
C ILE D 82 29.54 -9.83 -0.88
N PHE D 83 30.62 -10.38 -0.33
CA PHE D 83 31.61 -11.10 -1.12
C PHE D 83 31.52 -12.58 -0.80
N GLY D 84 31.40 -13.40 -1.84
CA GLY D 84 31.37 -14.84 -1.64
C GLY D 84 31.28 -15.61 -2.93
N TYR D 85 31.10 -16.93 -2.80
CA TYR D 85 30.95 -17.78 -3.96
C TYR D 85 29.50 -18.15 -4.17
N MSE D 86 29.01 -17.92 -5.37
CA MSE D 86 27.66 -18.34 -5.74
C MSE D 86 27.76 -19.29 -6.91
O MSE D 86 28.35 -18.96 -7.95
CB MSE D 86 26.78 -17.15 -6.11
CG MSE D 86 25.45 -17.55 -6.73
SE MSE D 86 24.17 -16.08 -6.82
CE MSE D 86 25.26 -14.80 -7.76
N ASN D 87 27.21 -20.49 -6.73
CA ASN D 87 27.27 -21.55 -7.74
C ASN D 87 28.70 -21.78 -8.24
N GLY D 88 29.67 -21.70 -7.32
CA GLY D 88 31.06 -21.95 -7.65
C GLY D 88 31.77 -20.79 -8.35
N ALA D 89 31.11 -19.64 -8.44
CA ALA D 89 31.71 -18.44 -9.02
C ALA D 89 31.90 -17.36 -7.96
N PRO D 90 33.07 -16.70 -7.96
CA PRO D 90 33.30 -15.62 -7.00
C PRO D 90 32.61 -14.34 -7.47
N VAL D 91 31.76 -13.75 -6.62
CA VAL D 91 31.01 -12.55 -6.99
C VAL D 91 31.04 -11.50 -5.88
N VAL D 92 30.51 -10.32 -6.19
CA VAL D 92 30.18 -9.34 -5.17
C VAL D 92 28.70 -9.03 -5.33
N LEU D 93 27.98 -8.95 -4.22
CA LEU D 93 26.60 -8.51 -4.25
C LEU D 93 26.49 -7.14 -3.63
N MSE D 94 25.91 -6.19 -4.37
CA MSE D 94 25.50 -4.93 -3.78
C MSE D 94 24.09 -5.13 -3.23
O MSE D 94 23.11 -5.13 -3.97
CB MSE D 94 25.48 -3.81 -4.83
CG MSE D 94 26.76 -3.00 -4.92
SE MSE D 94 26.44 -1.26 -5.75
CE MSE D 94 27.83 -1.22 -7.09
N ASN D 95 24.00 -5.34 -1.92
CA ASN D 95 22.71 -5.54 -1.28
C ASN D 95 22.19 -4.19 -0.79
N GLY D 96 21.66 -3.42 -1.72
CA GLY D 96 21.24 -2.07 -1.45
C GLY D 96 21.92 -1.14 -2.42
N ARG D 97 21.12 -0.45 -3.22
CA ARG D 97 21.64 0.55 -4.12
C ARG D 97 21.20 1.94 -3.66
N LEU D 98 21.81 2.98 -4.22
CA LEU D 98 21.46 4.34 -3.87
C LEU D 98 20.59 4.89 -4.98
N HIS D 99 19.66 5.78 -4.63
CA HIS D 99 18.86 6.44 -5.65
C HIS D 99 19.10 7.94 -5.62
N SER D 100 19.07 8.57 -6.78
CA SER D 100 19.21 10.02 -6.84
C SER D 100 18.07 10.73 -6.14
N TYR D 101 16.86 10.16 -6.17
CA TYR D 101 15.73 10.78 -5.50
C TYR D 101 15.97 10.96 -4.00
N GLU D 102 16.89 10.17 -3.44
CA GLU D 102 17.20 10.28 -2.00
C GLU D 102 18.03 11.54 -1.73
N GLY D 103 18.50 12.22 -2.76
CA GLY D 103 19.38 13.36 -2.57
C GLY D 103 20.85 13.14 -2.92
N HIS D 104 21.21 11.94 -3.34
CA HIS D 104 22.60 11.68 -3.75
C HIS D 104 22.88 12.10 -5.18
N SER D 105 24.08 12.59 -5.45
CA SER D 105 24.50 12.88 -6.81
C SER D 105 24.65 11.56 -7.56
N LEU D 106 24.51 11.61 -8.88
CA LEU D 106 24.72 10.42 -9.70
C LEU D 106 26.13 9.87 -9.47
N ALA D 107 27.09 10.76 -9.25
CA ALA D 107 28.46 10.35 -8.97
C ALA D 107 28.52 9.47 -7.74
N GLU D 108 27.80 9.87 -6.69
CA GLU D 108 27.72 9.07 -5.47
C GLU D 108 27.05 7.72 -5.75
N THR D 109 26.02 7.71 -6.59
CA THR D 109 25.30 6.45 -6.83
C THR D 109 26.14 5.40 -7.56
N VAL D 110 27.14 5.84 -8.32
CA VAL D 110 27.93 4.90 -9.11
C VAL D 110 29.33 4.69 -8.55
N HIS D 111 29.68 5.45 -7.51
CA HIS D 111 30.95 5.31 -6.82
C HIS D 111 31.37 3.86 -6.52
N PRO D 112 30.44 3.02 -6.02
CA PRO D 112 30.88 1.65 -5.72
C PRO D 112 31.40 0.87 -6.93
N ILE D 113 30.93 1.18 -8.14
CA ILE D 113 31.37 0.48 -9.34
C ILE D 113 32.82 0.81 -9.64
N ARG D 114 33.14 2.10 -9.58
CA ARG D 114 34.51 2.59 -9.76
C ARG D 114 35.47 1.95 -8.75
N ALA D 115 35.05 1.90 -7.48
CA ALA D 115 35.87 1.32 -6.42
C ALA D 115 36.15 -0.16 -6.67
N LEU D 116 35.10 -0.90 -7.00
CA LEU D 116 35.20 -2.34 -7.22
C LEU D 116 35.98 -2.68 -8.49
N HIS D 117 35.98 -1.76 -9.45
CA HIS D 117 36.73 -1.94 -10.68
C HIS D 117 38.23 -2.06 -10.42
N LEU D 118 38.72 -1.33 -9.42
CA LEU D 118 40.15 -1.34 -9.09
C LEU D 118 40.62 -2.69 -8.54
N LEU D 119 39.69 -3.57 -8.19
CA LEU D 119 40.04 -4.93 -7.80
C LEU D 119 40.66 -5.64 -9.00
N GLY D 120 40.27 -5.22 -10.20
CA GLY D 120 40.86 -5.70 -11.43
C GLY D 120 40.37 -7.06 -11.92
N SER D 121 39.27 -7.54 -11.37
CA SER D 121 38.78 -8.88 -11.70
C SER D 121 37.38 -8.87 -12.30
N ILE D 122 36.58 -7.89 -11.92
CA ILE D 122 35.19 -7.82 -12.41
C ILE D 122 35.11 -7.47 -13.88
N ASN D 123 34.37 -8.27 -14.66
CA ASN D 123 34.13 -7.96 -16.06
C ASN D 123 32.64 -7.99 -16.45
N VAL D 124 31.78 -8.27 -15.48
CA VAL D 124 30.34 -8.29 -15.72
C VAL D 124 29.56 -7.60 -14.60
N LEU D 125 28.65 -6.70 -15.00
CA LEU D 125 27.62 -6.21 -14.10
C LEU D 125 26.32 -6.92 -14.39
N ILE D 126 25.76 -7.56 -13.36
CA ILE D 126 24.40 -8.09 -13.43
C ILE D 126 23.53 -7.20 -12.56
N VAL D 127 22.60 -6.50 -13.17
CA VAL D 127 21.81 -5.54 -12.42
C VAL D 127 20.33 -5.86 -12.56
N THR D 128 19.63 -5.89 -11.42
CA THR D 128 18.19 -6.10 -11.45
C THR D 128 17.48 -4.89 -10.89
N ASN D 129 16.23 -4.72 -11.27
CA ASN D 129 15.40 -3.66 -10.75
C ASN D 129 13.92 -4.01 -10.86
N ALA D 130 13.10 -3.22 -10.18
CA ALA D 130 11.66 -3.26 -10.33
C ALA D 130 11.38 -2.13 -11.32
N ALA D 131 10.32 -2.27 -12.13
CA ALA D 131 10.00 -1.26 -13.14
C ALA D 131 8.51 -1.29 -13.42
N GLY D 132 7.96 -0.16 -13.87
CA GLY D 132 6.56 -0.12 -14.27
C GLY D 132 6.45 -0.44 -15.74
N GLY D 133 5.38 -1.14 -16.12
CA GLY D 133 5.18 -1.54 -17.50
C GLY D 133 4.57 -0.42 -18.30
N ILE D 134 5.27 -0.02 -19.37
CA ILE D 134 4.80 1.06 -20.25
C ILE D 134 4.28 0.45 -21.54
N ASN D 135 4.96 -0.59 -22.00
CA ASN D 135 4.48 -1.37 -23.12
C ASN D 135 3.14 -2.00 -22.71
N ALA D 136 2.11 -1.78 -23.53
CA ALA D 136 0.75 -2.19 -23.18
C ALA D 136 0.60 -3.71 -23.00
N SER D 137 1.48 -4.49 -23.63
CA SER D 137 1.38 -5.94 -23.56
C SER D 137 1.99 -6.55 -22.27
N PHE D 138 2.81 -5.78 -21.56
CA PHE D 138 3.42 -6.27 -20.32
C PHE D 138 2.36 -6.39 -19.22
N LYS D 139 2.55 -7.34 -18.32
CA LYS D 139 1.69 -7.46 -17.15
C LYS D 139 2.56 -7.57 -15.92
N ALA D 140 2.04 -7.13 -14.78
CA ALA D 140 2.71 -7.30 -13.50
C ALA D 140 3.06 -8.78 -13.33
N GLY D 141 4.29 -9.06 -12.93
CA GLY D 141 4.74 -10.45 -12.84
C GLY D 141 5.69 -10.83 -13.95
N ASP D 142 5.60 -10.16 -15.10
CA ASP D 142 6.50 -10.44 -16.20
C ASP D 142 7.89 -9.90 -15.88
N LEU D 143 8.90 -10.42 -16.56
CA LEU D 143 10.26 -9.89 -16.46
C LEU D 143 10.59 -9.26 -17.80
N MSE D 144 11.52 -8.30 -17.80
CA MSE D 144 12.03 -7.81 -19.07
C MSE D 144 13.54 -7.81 -19.07
O MSE D 144 14.17 -7.20 -18.20
CB MSE D 144 11.50 -6.41 -19.38
CG MSE D 144 11.92 -5.97 -20.78
SE MSE D 144 11.51 -4.08 -21.03
CE MSE D 144 12.97 -3.38 -20.00
N CYS D 145 14.11 -8.51 -20.03
CA CYS D 145 15.53 -8.43 -20.25
C CYS D 145 15.82 -7.11 -20.95
N VAL D 146 16.65 -6.26 -20.36
CA VAL D 146 16.94 -4.95 -20.95
C VAL D 146 17.95 -5.07 -22.11
N TYR D 147 17.57 -4.61 -23.30
CA TYR D 147 18.53 -4.61 -24.41
C TYR D 147 18.84 -3.22 -24.97
N ASP D 148 18.20 -2.22 -24.39
CA ASP D 148 18.44 -0.83 -24.75
C ASP D 148 17.88 0.05 -23.65
N HIS D 149 18.28 1.31 -23.64
CA HIS D 149 17.72 2.21 -22.65
C HIS D 149 17.54 3.60 -23.20
N ILE D 150 16.73 4.40 -22.52
CA ILE D 150 16.67 5.83 -22.79
C ILE D 150 17.07 6.54 -21.51
N ASN D 151 18.09 7.38 -21.62
CA ASN D 151 18.55 8.17 -20.49
C ASN D 151 18.13 9.62 -20.69
N PHE D 152 16.83 9.88 -20.58
CA PHE D 152 16.32 11.24 -20.74
C PHE D 152 16.97 12.25 -19.78
N PRO D 153 17.13 11.91 -18.49
CA PRO D 153 17.83 12.86 -17.62
C PRO D 153 19.25 13.18 -18.11
N GLY D 154 19.93 12.18 -18.67
CA GLY D 154 21.27 12.39 -19.20
C GLY D 154 21.27 13.34 -20.39
N LEU D 155 20.26 13.23 -21.25
CA LEU D 155 20.17 14.14 -22.40
C LEU D 155 20.01 15.59 -21.92
N CYS D 156 19.33 15.71 -20.78
CA CYS D 156 18.92 17.00 -20.25
C CYS D 156 19.86 17.57 -19.19
N GLY D 157 20.98 16.92 -18.93
CA GLY D 157 21.99 17.54 -18.08
C GLY D 157 22.38 16.84 -16.79
N PHE D 158 21.71 15.73 -16.48
CA PHE D 158 22.03 14.94 -15.28
C PHE D 158 22.64 13.60 -15.71
N HIS D 159 23.96 13.52 -15.66
CA HIS D 159 24.65 12.41 -16.28
C HIS D 159 25.79 12.00 -15.37
N PRO D 160 25.97 10.67 -15.12
CA PRO D 160 27.03 10.22 -14.21
C PRO D 160 28.44 10.53 -14.73
N LEU D 161 28.60 10.74 -16.04
CA LEU D 161 29.94 10.98 -16.60
C LEU D 161 30.27 12.47 -16.76
N ARG D 162 29.36 13.34 -16.34
CA ARG D 162 29.61 14.78 -16.39
C ARG D 162 30.85 15.11 -15.56
N GLY D 163 31.70 16.00 -16.08
CA GLY D 163 32.92 16.39 -15.38
C GLY D 163 34.15 15.87 -16.10
N ALA D 164 35.33 16.12 -15.52
CA ALA D 164 36.57 15.59 -16.07
C ALA D 164 36.45 14.08 -16.25
N ASN D 165 37.01 13.56 -17.34
CA ASN D 165 36.95 12.13 -17.62
C ASN D 165 37.93 11.34 -16.76
N PHE D 166 37.49 10.19 -16.26
CA PHE D 166 38.40 9.24 -15.63
C PHE D 166 39.17 8.48 -16.71
N ASP D 167 40.28 9.06 -17.18
CA ASP D 167 41.02 8.48 -18.31
C ASP D 167 41.60 7.08 -18.03
N GLU D 168 41.89 6.79 -16.77
CA GLU D 168 42.37 5.45 -16.40
C GLU D 168 41.27 4.42 -16.62
N PHE D 169 40.03 4.80 -16.33
CA PHE D 169 38.90 3.88 -16.44
C PHE D 169 38.39 3.70 -17.87
N GLY D 170 38.26 4.80 -18.61
CA GLY D 170 37.73 4.71 -19.96
C GLY D 170 37.70 5.98 -20.77
N PRO D 171 37.00 5.94 -21.93
CA PRO D 171 36.97 6.97 -22.96
C PRO D 171 36.16 8.19 -22.57
N ARG D 172 36.57 9.36 -23.08
CA ARG D 172 35.81 10.58 -22.87
C ARG D 172 34.42 10.46 -23.50
N PHE D 173 34.35 9.88 -24.69
CA PHE D 173 33.07 9.76 -25.39
C PHE D 173 32.67 8.29 -25.56
N LEU D 174 31.71 7.86 -24.77
CA LEU D 174 31.34 6.44 -24.70
C LEU D 174 30.11 6.16 -25.53
N ALA D 175 30.19 5.19 -26.44
CA ALA D 175 29.00 4.81 -27.18
C ALA D 175 28.08 4.01 -26.27
N THR D 176 26.78 4.12 -26.50
CA THR D 176 25.84 3.27 -25.76
C THR D 176 24.94 2.45 -26.69
N SER D 177 25.21 2.46 -27.99
CA SER D 177 24.43 1.61 -28.90
C SER D 177 24.81 0.13 -28.75
N ASP D 178 25.88 -0.13 -27.99
CA ASP D 178 26.36 -1.49 -27.75
C ASP D 178 26.41 -1.82 -26.26
N ALA D 179 25.48 -1.27 -25.48
CA ALA D 179 25.57 -1.38 -24.02
C ALA D 179 25.17 -2.75 -23.43
N TYR D 180 24.27 -3.46 -24.11
CA TYR D 180 23.70 -4.67 -23.53
C TYR D 180 24.10 -5.93 -24.29
N ASP D 181 25.11 -6.61 -23.73
CA ASP D 181 25.79 -7.72 -24.36
C ASP D 181 24.82 -8.80 -24.83
N LEU D 182 24.94 -9.19 -26.08
CA LEU D 182 24.03 -10.17 -26.68
C LEU D 182 24.18 -11.55 -26.04
N GLU D 183 25.43 -12.03 -25.93
CA GLU D 183 25.64 -13.39 -25.44
C GLU D 183 25.13 -13.56 -24.01
N LEU D 184 25.20 -12.50 -23.20
CA LEU D 184 24.69 -12.57 -21.84
C LEU D 184 23.16 -12.67 -21.86
N ARG D 185 22.54 -11.99 -22.82
CA ARG D 185 21.09 -12.09 -22.99
C ARG D 185 20.67 -13.46 -23.51
N LYS D 186 21.45 -14.05 -24.41
CA LYS D 186 21.18 -15.41 -24.85
C LYS D 186 21.35 -16.42 -23.70
N LEU D 187 22.38 -16.23 -22.90
CA LEU D 187 22.59 -17.09 -21.74
C LEU D 187 21.40 -17.03 -20.77
N LEU D 188 20.83 -15.83 -20.58
CA LEU D 188 19.69 -15.67 -19.68
C LEU D 188 18.49 -16.49 -20.14
N PHE D 189 18.16 -16.37 -21.43
CA PHE D 189 17.05 -17.14 -22.00
C PHE D 189 17.29 -18.63 -22.01
N SER D 190 18.53 -19.06 -22.26
CA SER D 190 18.82 -20.49 -22.21
C SER D 190 18.61 -21.04 -20.79
N LYS D 191 18.90 -20.23 -19.78
CA LYS D 191 18.69 -20.69 -18.40
C LYS D 191 17.21 -20.71 -18.02
N LYS D 192 16.42 -19.83 -18.63
CA LYS D 192 14.97 -19.84 -18.44
C LYS D 192 14.41 -21.18 -18.89
N LYS D 193 14.80 -21.59 -20.10
CA LYS D 193 14.35 -22.86 -20.67
C LYS D 193 14.88 -24.06 -19.89
N GLU D 194 16.12 -23.96 -19.43
CA GLU D 194 16.77 -25.04 -18.70
C GLU D 194 16.08 -25.27 -17.36
N LEU D 195 15.76 -24.18 -16.67
CA LEU D 195 15.13 -24.25 -15.35
C LEU D 195 13.62 -24.43 -15.46
N ASN D 196 13.10 -24.49 -16.69
CA ASN D 196 11.66 -24.57 -16.96
C ASN D 196 10.85 -23.44 -16.30
N ILE D 197 11.44 -22.24 -16.25
CA ILE D 197 10.76 -21.06 -15.73
C ILE D 197 9.64 -20.67 -16.69
N GLU D 198 8.41 -20.62 -16.22
CA GLU D 198 7.29 -20.26 -17.09
C GLU D 198 7.05 -18.76 -17.15
N ARG D 199 7.55 -18.04 -16.14
CA ARG D 199 7.40 -16.59 -16.09
C ARG D 199 7.89 -15.97 -17.41
N LYS D 200 7.12 -15.04 -17.96
CA LYS D 200 7.51 -14.40 -19.22
C LYS D 200 8.75 -13.53 -19.05
N ILE D 201 9.63 -13.58 -20.04
CA ILE D 201 10.77 -12.66 -20.07
C ILE D 201 10.77 -11.96 -21.43
N HIS D 202 10.34 -10.69 -21.43
CA HIS D 202 10.36 -9.87 -22.62
C HIS D 202 11.77 -9.34 -22.85
N GLU D 203 11.97 -8.68 -23.99
CA GLU D 203 13.19 -7.96 -24.27
C GLU D 203 12.75 -6.57 -24.68
N GLY D 204 13.36 -5.53 -24.13
CA GLY D 204 12.90 -4.19 -24.44
C GLY D 204 13.74 -3.09 -23.86
N THR D 205 13.19 -1.88 -23.94
CA THR D 205 13.89 -0.66 -23.60
C THR D 205 13.45 -0.14 -22.25
N TYR D 206 14.42 0.10 -21.39
CA TYR D 206 14.19 0.62 -20.05
C TYR D 206 14.48 2.11 -20.07
N SER D 207 13.63 2.91 -19.43
CA SER D 207 13.88 4.34 -19.30
C SER D 207 14.09 4.69 -17.84
N TYR D 208 15.17 5.42 -17.57
CA TYR D 208 15.46 5.96 -16.24
C TYR D 208 14.79 7.32 -16.08
N VAL D 209 14.00 7.47 -15.01
CA VAL D 209 13.50 8.78 -14.61
C VAL D 209 13.86 9.00 -13.16
N HIS D 210 13.89 10.26 -12.73
CA HIS D 210 14.45 10.58 -11.42
C HIS D 210 13.59 10.11 -10.23
N GLY D 211 12.27 10.29 -10.34
CA GLY D 211 11.40 10.01 -9.20
C GLY D 211 11.44 11.18 -8.22
N PRO D 212 10.84 11.04 -7.02
CA PRO D 212 10.28 9.79 -6.48
C PRO D 212 8.78 9.60 -6.72
N THR D 213 8.14 10.48 -7.48
CA THR D 213 6.74 10.27 -7.81
C THR D 213 6.65 9.16 -8.83
N PHE D 214 5.57 8.38 -8.77
CA PHE D 214 5.24 7.54 -9.91
C PHE D 214 4.73 8.47 -11.02
N GLU D 215 4.82 8.01 -12.25
CA GLU D 215 4.51 8.84 -13.42
C GLU D 215 3.03 9.20 -13.53
N SER D 216 2.76 10.40 -14.00
CA SER D 216 1.39 10.80 -14.32
C SER D 216 0.99 10.08 -15.60
N ARG D 217 -0.29 10.17 -15.96
CA ARG D 217 -0.74 9.50 -17.18
C ARG D 217 -0.04 10.08 -18.41
N ALA D 218 0.04 11.40 -18.49
CA ALA D 218 0.67 12.07 -19.63
C ALA D 218 2.18 11.77 -19.70
N GLU D 219 2.83 11.65 -18.53
CA GLU D 219 4.25 11.29 -18.47
C GLU D 219 4.47 9.88 -18.99
N SER D 220 3.62 8.94 -18.56
CA SER D 220 3.72 7.56 -19.05
C SER D 220 3.44 7.48 -20.54
N ARG D 221 2.49 8.28 -21.02
CA ARG D 221 2.21 8.27 -22.46
C ARG D 221 3.38 8.88 -23.23
N PHE D 222 4.01 9.89 -22.65
CA PHE D 222 5.21 10.48 -23.25
C PHE D 222 6.30 9.44 -23.33
N LEU D 223 6.51 8.70 -22.24
CA LEU D 223 7.57 7.70 -22.23
C LEU D 223 7.28 6.64 -23.26
N ARG D 224 6.00 6.30 -23.41
CA ARG D 224 5.60 5.31 -24.38
C ARG D 224 5.88 5.75 -25.81
N LEU D 225 5.50 6.97 -26.17
CA LEU D 225 5.72 7.38 -27.56
C LEU D 225 7.20 7.61 -27.80
N ALA D 226 7.95 7.79 -26.72
CA ALA D 226 9.41 7.96 -26.82
C ALA D 226 10.13 6.63 -27.08
N GLY D 227 9.43 5.51 -26.91
CA GLY D 227 10.00 4.21 -27.17
C GLY D 227 10.29 3.39 -25.92
N THR D 228 9.74 3.82 -24.77
CA THR D 228 9.97 3.11 -23.51
C THR D 228 9.11 1.86 -23.39
N ASP D 229 9.71 0.76 -22.93
CA ASP D 229 8.92 -0.44 -22.60
C ASP D 229 8.68 -0.58 -21.09
N ALA D 230 9.66 -0.19 -20.29
CA ALA D 230 9.55 -0.22 -18.82
C ALA D 230 10.24 0.99 -18.24
N VAL D 231 9.75 1.48 -17.10
CA VAL D 231 10.32 2.68 -16.49
C VAL D 231 10.73 2.42 -15.05
N GLY D 232 11.87 2.98 -14.66
CA GLY D 232 12.31 2.85 -13.28
C GLY D 232 13.13 4.04 -12.85
N MSE D 233 13.58 4.05 -11.59
CA MSE D 233 14.29 5.19 -11.06
C MSE D 233 15.74 4.89 -10.70
O MSE D 233 16.30 5.51 -9.80
CB MSE D 233 13.56 5.73 -9.80
CG MSE D 233 12.07 5.99 -9.99
SE MSE D 233 11.24 6.36 -8.23
CE MSE D 233 9.41 6.36 -8.80
N SER D 234 16.35 3.94 -11.41
CA SER D 234 17.73 3.54 -11.14
C SER D 234 18.37 2.94 -12.39
N THR D 235 19.43 2.16 -12.18
CA THR D 235 19.99 1.27 -13.21
C THR D 235 20.82 1.90 -14.35
N VAL D 236 20.22 2.79 -15.13
CA VAL D 236 20.93 3.38 -16.28
C VAL D 236 22.27 4.06 -15.93
N PRO D 237 22.31 4.85 -14.84
CA PRO D 237 23.63 5.40 -14.49
C PRO D 237 24.67 4.32 -14.13
N GLU D 238 24.25 3.23 -13.50
CA GLU D 238 25.16 2.13 -13.17
C GLU D 238 25.64 1.43 -14.43
N VAL D 239 24.73 1.26 -15.39
CA VAL D 239 25.07 0.63 -16.67
C VAL D 239 26.09 1.46 -17.44
N VAL D 240 25.83 2.77 -17.52
CA VAL D 240 26.74 3.67 -18.22
C VAL D 240 28.12 3.69 -17.55
N THR D 241 28.14 3.67 -16.22
CA THR D 241 29.42 3.64 -15.51
C THR D 241 30.17 2.32 -15.68
N ALA D 242 29.46 1.19 -15.58
CA ALA D 242 30.10 -0.11 -15.81
C ALA D 242 30.64 -0.20 -17.23
N ARG D 243 29.89 0.35 -18.18
CA ARG D 243 30.33 0.34 -19.58
C ARG D 243 31.58 1.21 -19.77
N HIS D 244 31.62 2.36 -19.10
CA HIS D 244 32.82 3.21 -19.12
C HIS D 244 34.05 2.44 -18.64
N CYS D 245 33.85 1.58 -17.65
CA CYS D 245 34.92 0.75 -17.09
C CYS D 245 35.26 -0.44 -18.00
N GLY D 246 34.41 -0.70 -18.99
CA GLY D 246 34.65 -1.77 -19.94
C GLY D 246 33.95 -3.09 -19.63
N TRP D 247 33.11 -3.11 -18.61
CA TRP D 247 32.40 -4.33 -18.22
C TRP D 247 31.29 -4.69 -19.22
N ARG D 248 30.98 -5.98 -19.30
CA ARG D 248 29.74 -6.41 -19.95
C ARG D 248 28.59 -6.20 -18.97
N VAL D 249 27.39 -6.01 -19.49
CA VAL D 249 26.23 -5.74 -18.65
C VAL D 249 25.09 -6.69 -19.01
N LEU D 250 24.50 -7.30 -18.00
CA LEU D 250 23.22 -7.97 -18.13
C LEU D 250 22.23 -7.25 -17.21
N ALA D 251 21.13 -6.75 -17.76
CA ALA D 251 20.14 -6.03 -16.94
C ALA D 251 18.77 -6.71 -17.02
N LEU D 252 18.13 -6.89 -15.87
CA LEU D 252 16.85 -7.59 -15.82
C LEU D 252 15.83 -6.82 -14.99
N SER D 253 14.75 -6.37 -15.62
CA SER D 253 13.67 -5.69 -14.89
C SER D 253 12.54 -6.63 -14.51
N LEU D 254 12.03 -6.47 -13.29
CA LEU D 254 10.81 -7.14 -12.87
C LEU D 254 9.67 -6.15 -13.06
N ILE D 255 8.71 -6.48 -13.91
CA ILE D 255 7.54 -5.61 -14.08
C ILE D 255 6.64 -5.74 -12.86
N THR D 256 6.58 -4.70 -12.02
CA THR D 256 5.86 -4.84 -10.75
C THR D 256 4.45 -4.24 -10.79
N ASN D 257 4.14 -3.51 -11.85
CA ASN D 257 2.87 -2.80 -11.97
C ASN D 257 2.72 -2.33 -13.41
N GLU D 258 1.48 -2.10 -13.83
CA GLU D 258 1.20 -1.60 -15.18
C GLU D 258 0.90 -0.11 -15.08
N CYS D 259 1.70 0.70 -15.76
CA CYS D 259 1.59 2.15 -15.61
C CYS D 259 0.23 2.62 -16.13
N VAL D 260 -0.38 3.57 -15.42
CA VAL D 260 -1.66 4.13 -15.85
C VAL D 260 -1.41 5.14 -16.98
N VAL D 261 -1.93 4.87 -18.17
CA VAL D 261 -1.65 5.70 -19.34
C VAL D 261 -2.86 6.39 -19.98
N ASP D 262 -4.04 5.81 -19.81
CA ASP D 262 -5.27 6.41 -20.32
C ASP D 262 -5.45 7.82 -19.78
N PRO D 263 -6.07 8.71 -20.58
CA PRO D 263 -6.40 10.04 -20.06
C PRO D 263 -7.31 9.87 -18.85
N PRO D 264 -7.26 10.80 -17.88
CA PRO D 264 -8.11 10.66 -16.70
C PRO D 264 -9.53 10.91 -17.12
N ALA D 265 -10.49 10.50 -16.31
CA ALA D 265 -11.89 10.82 -16.57
C ALA D 265 -12.09 12.30 -16.85
N SER D 266 -12.92 12.60 -17.84
CA SER D 266 -13.25 13.98 -18.17
C SER D 266 -14.41 14.45 -17.31
N ALA D 267 -14.43 15.75 -17.00
CA ALA D 267 -15.56 16.34 -16.29
C ALA D 267 -16.86 16.16 -17.06
N HIS D 268 -16.75 15.93 -18.36
CA HIS D 268 -17.96 15.82 -19.20
C HIS D 268 -18.51 14.39 -19.30
N ASP D 269 -17.77 13.42 -18.75
CA ASP D 269 -18.19 12.01 -18.82
C ASP D 269 -19.40 11.69 -17.94
N GLU D 270 -20.34 10.93 -18.50
CA GLU D 270 -21.54 10.52 -17.75
C GLU D 270 -21.22 9.43 -16.73
N ASN D 271 -20.40 8.46 -17.12
CA ASN D 271 -19.98 7.39 -16.23
C ASN D 271 -18.46 7.29 -16.13
N PRO D 272 -17.86 8.16 -15.31
CA PRO D 272 -16.39 8.25 -15.27
C PRO D 272 -15.73 7.09 -14.55
N VAL D 273 -14.57 6.68 -15.05
CA VAL D 273 -13.67 5.78 -14.32
C VAL D 273 -12.93 6.61 -13.28
N PRO D 274 -13.03 6.22 -11.99
CA PRO D 274 -12.37 7.02 -10.93
C PRO D 274 -10.85 7.14 -11.14
N ILE D 275 -10.33 8.34 -10.89
CA ILE D 275 -8.94 8.62 -11.24
C ILE D 275 -7.94 7.84 -10.38
N GLN D 276 -8.40 7.37 -9.22
CA GLN D 276 -7.57 6.55 -8.33
C GLN D 276 -7.41 5.10 -8.80
N GLU D 277 -8.31 4.67 -9.67
CA GLU D 277 -8.31 3.28 -10.11
C GLU D 277 -6.97 2.91 -10.79
N GLY D 278 -6.37 1.81 -10.35
CA GLY D 278 -5.12 1.34 -10.94
C GLY D 278 -3.84 2.01 -10.47
N LYS D 279 -3.94 2.97 -9.53
CA LYS D 279 -2.77 3.78 -9.15
C LYS D 279 -1.65 2.96 -8.55
N ALA D 280 -0.41 3.37 -8.84
CA ALA D 280 0.77 2.71 -8.33
C ALA D 280 0.99 2.97 -6.84
N THR D 281 1.42 1.95 -6.10
CA THR D 281 1.78 2.11 -4.69
C THR D 281 3.08 1.35 -4.47
N HIS D 282 3.89 1.82 -3.52
CA HIS D 282 5.10 1.11 -3.12
C HIS D 282 4.78 -0.30 -2.60
N GLU D 283 3.66 -0.45 -1.92
CA GLU D 283 3.27 -1.78 -1.39
C GLU D 283 3.04 -2.80 -2.50
N GLU D 284 2.41 -2.38 -3.59
CA GLU D 284 2.22 -3.26 -4.76
C GLU D 284 3.57 -3.66 -5.37
N VAL D 285 4.50 -2.71 -5.44
CA VAL D 285 5.83 -2.98 -5.99
C VAL D 285 6.56 -4.01 -5.14
N LEU D 286 6.53 -3.82 -3.82
CA LEU D 286 7.22 -4.74 -2.90
C LEU D 286 6.64 -6.15 -2.98
N GLU D 287 5.33 -6.25 -3.07
CA GLU D 287 4.69 -7.57 -3.12
C GLU D 287 4.98 -8.29 -4.42
N ASN D 288 4.91 -7.58 -5.54
CA ASN D 288 5.21 -8.22 -6.83
C ASN D 288 6.68 -8.59 -6.98
N SER D 289 7.57 -7.75 -6.44
CA SER D 289 9.00 -8.06 -6.41
C SER D 289 9.22 -9.36 -5.65
N ALA D 290 8.57 -9.46 -4.49
CA ALA D 290 8.67 -10.66 -3.67
C ALA D 290 8.15 -11.91 -4.38
N LYS D 291 7.02 -11.80 -5.07
CA LYS D 291 6.46 -12.95 -5.81
C LYS D 291 7.40 -13.44 -6.90
N ALA D 292 8.07 -12.52 -7.57
CA ALA D 292 8.96 -12.90 -8.68
C ALA D 292 10.36 -13.32 -8.21
N SER D 293 10.65 -13.10 -6.94
CA SER D 293 12.03 -13.22 -6.43
C SER D 293 12.67 -14.60 -6.64
N LYS D 294 11.94 -15.67 -6.32
CA LYS D 294 12.49 -17.01 -6.48
C LYS D 294 12.96 -17.27 -7.91
N ASP D 295 12.17 -16.83 -8.89
CA ASP D 295 12.53 -17.06 -10.30
C ASP D 295 13.79 -16.25 -10.67
N VAL D 296 13.84 -15.00 -10.24
CA VAL D 296 14.99 -14.14 -10.50
C VAL D 296 16.26 -14.65 -9.84
N GLN D 297 16.17 -15.08 -8.58
CA GLN D 297 17.31 -15.69 -7.90
C GLN D 297 17.83 -16.93 -8.61
N GLU D 298 16.91 -17.80 -9.03
CA GLU D 298 17.27 -19.03 -9.72
C GLU D 298 17.98 -18.70 -11.03
N LEU D 299 17.51 -17.68 -11.73
CA LEU D 299 18.12 -17.31 -13.02
C LEU D 299 19.53 -16.81 -12.84
N ILE D 300 19.70 -15.84 -11.96
CA ILE D 300 21.01 -15.28 -11.66
C ILE D 300 21.98 -16.35 -11.14
N PHE D 301 21.49 -17.20 -10.25
CA PHE D 301 22.29 -18.33 -9.74
C PHE D 301 22.86 -19.16 -10.89
N SER D 302 22.02 -19.45 -11.89
CA SER D 302 22.44 -20.25 -13.04
C SER D 302 23.42 -19.51 -13.94
N VAL D 303 23.06 -18.27 -14.28
CA VAL D 303 23.83 -17.45 -15.20
C VAL D 303 25.27 -17.23 -14.69
N VAL D 304 25.39 -17.01 -13.39
CA VAL D 304 26.64 -16.60 -12.77
C VAL D 304 27.72 -17.69 -12.85
N ALA D 305 27.29 -18.94 -13.03
CA ALA D 305 28.24 -20.02 -13.23
C ALA D 305 28.93 -19.92 -14.58
N GLU D 306 28.27 -19.27 -15.55
CA GLU D 306 28.73 -19.35 -16.94
C GLU D 306 29.10 -18.01 -17.58
N ILE D 307 29.28 -16.95 -16.78
CA ILE D 307 29.74 -15.68 -17.34
C ILE D 307 31.26 -15.73 -17.54
N GLU E 9 29.76 40.73 -9.89
CA GLU E 9 30.99 39.93 -9.84
C GLU E 9 31.23 39.17 -11.15
N GLN E 10 30.16 38.57 -11.67
CA GLN E 10 30.22 37.92 -12.97
C GLN E 10 30.48 38.97 -14.04
N ARG E 11 29.72 40.06 -13.99
CA ARG E 11 29.87 41.18 -14.92
C ARG E 11 31.25 41.83 -14.81
N ALA E 12 31.79 41.84 -13.60
CA ALA E 12 33.12 42.39 -13.37
C ALA E 12 34.19 41.53 -14.05
N LEU E 13 33.95 40.21 -14.05
CA LEU E 13 34.87 39.26 -14.69
C LEU E 13 34.81 39.36 -16.22
N ILE E 14 33.63 39.66 -16.75
CA ILE E 14 33.48 39.95 -18.17
C ILE E 14 34.21 41.24 -18.53
N LYS E 15 34.07 42.26 -17.69
CA LYS E 15 34.78 43.52 -17.88
C LYS E 15 36.28 43.28 -17.83
N SER E 16 36.71 42.45 -16.90
CA SER E 16 38.12 42.15 -16.75
C SER E 16 38.68 41.46 -17.99
N ALA E 17 37.87 40.62 -18.61
CA ALA E 17 38.28 39.99 -19.86
C ALA E 17 38.32 41.02 -21.00
N HIS E 18 37.26 41.80 -21.14
CA HIS E 18 37.26 42.88 -22.13
C HIS E 18 38.46 43.79 -21.97
N ARG E 19 38.73 44.22 -20.74
CA ARG E 19 39.87 45.11 -20.48
CA ARG E 19 39.87 45.09 -20.45
C ARG E 19 41.16 44.50 -20.99
N TYR E 20 41.40 43.23 -20.64
CA TYR E 20 42.61 42.54 -21.06
C TYR E 20 42.73 42.44 -22.58
N ILE E 21 41.67 41.95 -23.23
CA ILE E 21 41.66 41.79 -24.68
C ILE E 21 41.82 43.14 -25.37
N SER E 22 41.13 44.15 -24.86
CA SER E 22 41.16 45.48 -25.44
C SER E 22 42.56 46.10 -25.44
N GLU E 23 43.26 45.96 -24.32
CA GLU E 23 44.60 46.49 -24.18
C GLU E 23 45.58 45.79 -25.13
N LYS E 24 45.44 44.46 -25.23
CA LYS E 24 46.33 43.66 -26.07
C LYS E 24 46.16 43.96 -27.56
N LEU E 25 44.92 44.20 -27.98
CA LEU E 25 44.63 44.66 -29.33
C LEU E 25 45.29 46.00 -29.62
N GLU E 26 45.06 46.99 -28.74
CA GLU E 26 45.67 48.30 -28.89
C GLU E 26 47.19 48.27 -28.72
N ASP E 27 47.73 47.11 -28.37
CA ASP E 27 49.17 46.92 -28.22
C ASP E 27 49.77 46.07 -29.33
N HIS E 28 48.93 45.62 -30.26
CA HIS E 28 49.39 44.72 -31.31
C HIS E 28 49.15 45.27 -32.71
N PHE E 29 48.01 45.92 -32.91
CA PHE E 29 47.63 46.38 -34.24
C PHE E 29 47.95 47.85 -34.49
N SER E 30 48.55 48.12 -35.66
CA SER E 30 48.92 49.47 -36.07
C SER E 30 47.69 50.36 -36.11
N SER E 31 46.65 49.88 -36.79
CA SER E 31 45.36 50.56 -36.82
C SER E 31 44.37 49.87 -35.90
N GLU E 32 43.35 50.60 -35.49
CA GLU E 32 42.33 50.13 -34.55
C GLU E 32 41.69 48.84 -35.03
N PHE E 33 41.76 47.77 -34.23
CA PHE E 33 41.17 46.51 -34.63
C PHE E 33 39.78 46.27 -34.05
N LEU E 34 38.78 46.30 -34.92
CA LEU E 34 37.40 46.11 -34.51
C LEU E 34 36.76 44.98 -35.31
N PRO E 35 36.80 43.76 -34.76
CA PRO E 35 36.28 42.59 -35.48
C PRO E 35 34.79 42.69 -35.68
N LYS E 36 34.30 42.25 -36.84
CA LYS E 36 32.87 42.35 -37.16
C LYS E 36 32.16 41.01 -37.00
N ALA E 37 32.92 39.93 -36.98
CA ALA E 37 32.34 38.61 -36.78
C ALA E 37 33.18 37.77 -35.83
N LEU E 38 32.49 36.90 -35.09
CA LEU E 38 33.16 35.87 -34.29
C LEU E 38 32.89 34.52 -34.95
N VAL E 39 33.95 33.79 -35.26
CA VAL E 39 33.81 32.43 -35.78
C VAL E 39 34.22 31.46 -34.70
N ILE E 40 33.30 30.56 -34.33
CA ILE E 40 33.62 29.52 -33.37
C ILE E 40 33.92 28.23 -34.13
N CYS E 41 35.14 27.73 -33.99
CA CYS E 41 35.56 26.52 -34.70
C CYS E 41 35.25 25.28 -33.88
N GLY E 42 34.39 24.42 -34.42
CA GLY E 42 34.01 23.18 -33.74
C GLY E 42 34.93 22.00 -34.02
N SER E 43 34.50 20.82 -33.58
CA SER E 43 35.34 19.63 -33.56
C SER E 43 35.99 19.32 -34.90
N GLY E 44 37.29 19.58 -35.02
CA GLY E 44 38.05 19.23 -36.20
C GLY E 44 38.14 20.33 -37.24
N LEU E 45 37.65 21.52 -36.88
CA LEU E 45 37.59 22.64 -37.81
C LEU E 45 38.60 23.73 -37.47
N SER E 46 39.66 23.36 -36.74
CA SER E 46 40.69 24.31 -36.33
C SER E 46 41.40 24.88 -37.55
N GLY E 47 41.34 24.15 -38.65
CA GLY E 47 41.99 24.53 -39.89
C GLY E 47 41.42 25.76 -40.59
N ILE E 48 40.34 26.34 -40.05
CA ILE E 48 39.81 27.58 -40.62
C ILE E 48 40.74 28.74 -40.29
N SER E 49 41.59 28.54 -39.29
CA SER E 49 42.62 29.51 -38.94
C SER E 49 43.60 29.82 -40.08
N THR E 50 43.72 28.91 -41.04
CA THR E 50 44.64 29.07 -42.17
C THR E 50 44.19 30.16 -43.13
N LYS E 51 42.92 30.52 -43.04
CA LYS E 51 42.31 31.51 -43.93
C LYS E 51 42.52 32.93 -43.44
N ILE E 52 43.02 33.05 -42.21
CA ILE E 52 43.40 34.34 -41.67
C ILE E 52 44.67 34.79 -42.36
N ALA E 53 44.64 35.99 -42.95
CA ALA E 53 45.78 36.55 -43.65
C ALA E 53 47.00 36.64 -42.74
N ASP E 54 48.18 36.59 -43.34
CA ASP E 54 49.42 36.68 -42.59
C ASP E 54 49.80 38.14 -42.32
N GLU E 55 49.14 39.06 -43.02
CA GLU E 55 49.40 40.49 -42.88
C GLU E 55 48.12 41.33 -43.02
N PRO E 56 47.85 42.23 -42.05
CA PRO E 56 48.58 42.51 -40.80
C PRO E 56 48.70 41.28 -39.91
N LYS E 57 49.83 41.14 -39.23
CA LYS E 57 50.09 39.95 -38.42
C LYS E 57 48.96 39.69 -37.42
N PRO E 58 48.43 38.46 -37.43
CA PRO E 58 47.33 38.13 -36.51
C PRO E 58 47.79 38.15 -35.06
N LEU E 59 46.86 38.37 -34.15
CA LEU E 59 47.15 38.34 -32.72
C LEU E 59 46.55 37.09 -32.09
N ILE E 60 47.35 36.39 -31.28
CA ILE E 60 46.90 35.13 -30.67
C ILE E 60 46.95 35.15 -29.14
N LEU E 61 45.77 35.03 -28.52
CA LEU E 61 45.68 34.97 -27.05
C LEU E 61 45.14 33.62 -26.61
N SER E 62 45.99 32.84 -25.92
CA SER E 62 45.56 31.57 -25.35
C SER E 62 44.50 31.81 -24.28
N TYR E 63 43.54 30.89 -24.18
CA TYR E 63 42.48 31.02 -23.18
C TYR E 63 43.05 31.06 -21.77
N SER E 64 44.22 30.47 -21.58
CA SER E 64 44.88 30.42 -20.27
C SER E 64 45.34 31.78 -19.76
N THR E 65 45.40 32.77 -20.65
CA THR E 65 45.89 34.10 -20.28
C THR E 65 44.76 35.08 -19.98
N ILE E 66 43.56 34.77 -20.49
CA ILE E 66 42.44 35.69 -20.39
C ILE E 66 41.60 35.40 -19.14
N PRO E 67 41.32 36.46 -18.36
CA PRO E 67 40.47 36.39 -17.17
C PRO E 67 39.17 35.65 -17.47
N GLY E 68 38.87 34.61 -16.70
CA GLY E 68 37.60 33.91 -16.81
C GLY E 68 37.55 32.79 -17.84
N PHE E 69 38.47 32.77 -18.79
CA PHE E 69 38.47 31.72 -19.82
C PHE E 69 38.99 30.40 -19.25
N LYS E 70 38.84 29.31 -20.01
CA LYS E 70 39.35 28.01 -19.58
C LYS E 70 39.57 27.04 -20.73
N GLY E 79 43.15 25.78 -26.45
CA GLY E 79 42.11 26.72 -26.85
C GLY E 79 42.65 28.14 -26.92
N GLU E 80 42.34 28.84 -28.02
CA GLU E 80 42.90 30.16 -28.25
C GLU E 80 42.00 31.10 -29.04
N LEU E 81 42.22 32.40 -28.82
CA LEU E 81 41.51 33.46 -29.50
C LEU E 81 42.43 34.08 -30.56
N ILE E 82 42.03 34.02 -31.83
CA ILE E 82 42.83 34.61 -32.89
C ILE E 82 42.13 35.78 -33.56
N PHE E 83 42.79 36.94 -33.54
CA PHE E 83 42.25 38.16 -34.12
C PHE E 83 43.03 38.48 -35.39
N GLY E 84 42.31 38.65 -36.50
CA GLY E 84 43.00 39.00 -37.73
C GLY E 84 42.05 39.28 -38.86
N TYR E 85 42.61 39.47 -40.04
CA TYR E 85 41.82 39.79 -41.23
C TYR E 85 41.57 38.53 -42.05
N MSE E 86 40.32 38.30 -42.39
CA MSE E 86 39.94 37.15 -43.21
C MSE E 86 39.18 37.65 -44.42
O MSE E 86 38.07 38.20 -44.29
CB MSE E 86 39.08 36.16 -42.41
CG MSE E 86 39.34 34.71 -42.81
SE MSE E 86 38.23 33.39 -41.88
CE MSE E 86 36.62 33.73 -42.78
N ASN E 87 39.78 37.48 -45.59
CA ASN E 87 39.22 37.94 -46.85
C ASN E 87 38.88 39.44 -46.79
N GLY E 88 39.80 40.22 -46.23
CA GLY E 88 39.62 41.65 -46.09
C GLY E 88 38.83 42.06 -44.86
N ALA E 89 38.16 41.09 -44.21
CA ALA E 89 37.33 41.41 -43.05
C ALA E 89 38.01 41.11 -41.71
N PRO E 90 37.91 42.04 -40.76
CA PRO E 90 38.47 41.82 -39.42
C PRO E 90 37.57 40.87 -38.64
N VAL E 91 38.13 39.77 -38.17
CA VAL E 91 37.34 38.78 -37.44
C VAL E 91 38.08 38.34 -36.19
N VAL E 92 37.38 37.66 -35.30
CA VAL E 92 38.02 36.92 -34.21
C VAL E 92 37.59 35.47 -34.31
N LEU E 93 38.55 34.55 -34.16
CA LEU E 93 38.25 33.13 -34.15
C LEU E 93 38.32 32.60 -32.72
N MSE E 94 37.35 31.76 -32.35
CA MSE E 94 37.51 30.91 -31.17
C MSE E 94 37.98 29.56 -31.67
O MSE E 94 37.19 28.78 -32.21
CB MSE E 94 36.20 30.79 -30.40
CG MSE E 94 36.00 31.87 -29.36
SE MSE E 94 34.33 31.65 -28.41
CE MSE E 94 34.58 29.88 -27.60
N ASN E 95 39.27 29.29 -31.51
CA ASN E 95 39.81 27.99 -31.87
C ASN E 95 39.66 27.04 -30.68
N GLY E 96 38.60 26.23 -30.71
CA GLY E 96 38.25 25.40 -29.59
C GLY E 96 37.10 26.05 -28.82
N ARG E 97 36.25 25.23 -28.24
CA ARG E 97 35.11 25.74 -27.48
C ARG E 97 34.96 24.93 -26.20
N LEU E 98 34.05 25.39 -25.33
CA LEU E 98 33.82 24.69 -24.06
C LEU E 98 32.49 23.93 -24.12
N HIS E 99 32.41 22.85 -23.36
CA HIS E 99 31.21 22.02 -23.35
C HIS E 99 30.77 21.79 -21.91
N SER E 100 29.46 21.70 -21.70
CA SER E 100 28.90 21.46 -20.36
C SER E 100 29.30 20.09 -19.80
N TYR E 101 29.48 19.08 -20.66
CA TYR E 101 29.87 17.76 -20.19
C TYR E 101 31.26 17.74 -19.54
N GLU E 102 32.06 18.76 -19.81
CA GLU E 102 33.41 18.86 -19.25
C GLU E 102 33.34 19.30 -17.79
N GLY E 103 32.15 19.70 -17.35
CA GLY E 103 31.95 20.12 -15.98
C GLY E 103 31.77 21.62 -15.88
N HIS E 104 31.81 22.29 -17.03
CA HIS E 104 31.68 23.73 -17.06
C HIS E 104 30.22 24.17 -17.06
N SER E 105 29.92 25.23 -16.32
CA SER E 105 28.57 25.82 -16.36
C SER E 105 28.36 26.46 -17.72
N LEU E 106 27.10 26.60 -18.13
CA LEU E 106 26.77 27.22 -19.42
C LEU E 106 27.29 28.65 -19.47
N ALA E 107 27.16 29.35 -18.34
CA ALA E 107 27.70 30.71 -18.22
C ALA E 107 29.20 30.74 -18.57
N GLU E 108 29.93 29.74 -18.09
CA GLU E 108 31.36 29.67 -18.36
C GLU E 108 31.64 29.38 -19.82
N THR E 109 30.79 28.57 -20.46
CA THR E 109 31.01 28.22 -21.85
C THR E 109 30.74 29.40 -22.79
N VAL E 110 29.91 30.33 -22.36
CA VAL E 110 29.62 31.48 -23.21
C VAL E 110 30.31 32.76 -22.73
N HIS E 111 31.11 32.65 -21.66
CA HIS E 111 31.91 33.76 -21.15
C HIS E 111 32.67 34.53 -22.25
N PRO E 112 33.31 33.82 -23.20
CA PRO E 112 34.03 34.58 -24.24
C PRO E 112 33.14 35.42 -25.15
N ILE E 113 31.89 35.02 -25.39
CA ILE E 113 30.98 35.86 -26.23
C ILE E 113 30.65 37.17 -25.49
N ARG E 114 30.36 37.06 -24.22
CA ARG E 114 29.99 38.25 -23.40
C ARG E 114 31.17 39.23 -23.34
N ALA E 115 32.38 38.71 -23.21
CA ALA E 115 33.59 39.56 -23.16
C ALA E 115 33.79 40.28 -24.49
N LEU E 116 33.73 39.54 -25.59
CA LEU E 116 33.98 40.12 -26.93
C LEU E 116 32.84 41.07 -27.31
N HIS E 117 31.66 40.84 -26.76
CA HIS E 117 30.51 41.72 -27.02
C HIS E 117 30.84 43.14 -26.56
N LEU E 118 31.67 43.22 -25.53
CA LEU E 118 32.00 44.54 -24.99
C LEU E 118 32.88 45.39 -25.91
N LEU E 119 33.39 44.80 -26.99
CA LEU E 119 34.15 45.55 -27.98
C LEU E 119 33.20 46.40 -28.83
N GLY E 120 31.93 46.02 -28.81
CA GLY E 120 30.88 46.76 -29.50
C GLY E 120 30.95 46.74 -31.02
N SER E 121 31.67 45.79 -31.59
CA SER E 121 31.82 45.76 -33.06
C SER E 121 31.31 44.49 -33.73
N ILE E 122 31.34 43.37 -33.00
CA ILE E 122 30.85 42.10 -33.55
C ILE E 122 29.36 42.22 -33.78
N ASN E 123 28.88 41.82 -34.96
CA ASN E 123 27.43 41.73 -35.13
C ASN E 123 26.98 40.41 -35.73
N VAL E 124 27.93 39.49 -35.93
CA VAL E 124 27.61 38.16 -36.44
C VAL E 124 28.41 37.07 -35.74
N LEU E 125 27.71 36.02 -35.29
CA LEU E 125 28.34 34.79 -34.85
C LEU E 125 28.21 33.77 -35.98
N ILE E 126 29.33 33.24 -36.43
CA ILE E 126 29.33 32.09 -37.30
C ILE E 126 29.84 30.92 -36.48
N VAL E 127 28.98 29.95 -36.25
CA VAL E 127 29.32 28.85 -35.36
C VAL E 127 29.28 27.55 -36.14
N THR E 128 30.36 26.77 -36.03
CA THR E 128 30.43 25.46 -36.65
C THR E 128 30.47 24.39 -35.57
N ASN E 129 30.03 23.19 -35.92
CA ASN E 129 30.13 22.03 -35.05
C ASN E 129 30.15 20.74 -35.85
N ALA E 130 30.46 19.64 -35.16
CA ALA E 130 30.26 18.31 -35.70
C ALA E 130 28.95 17.83 -35.09
N ALA E 131 28.25 16.93 -35.77
CA ALA E 131 26.98 16.45 -35.26
C ALA E 131 26.64 15.08 -35.82
N GLY E 132 25.83 14.31 -35.07
CA GLY E 132 25.38 13.02 -35.53
C GLY E 132 24.14 13.17 -36.38
N GLY E 133 24.11 12.45 -37.50
CA GLY E 133 22.96 12.48 -38.38
C GLY E 133 21.79 11.71 -37.81
N ILE E 134 20.71 12.42 -37.50
CA ILE E 134 19.47 11.79 -37.04
C ILE E 134 18.46 11.60 -38.18
N ASN E 135 18.31 12.64 -38.99
CA ASN E 135 17.52 12.52 -40.21
C ASN E 135 18.05 11.36 -41.07
N ALA E 136 17.16 10.41 -41.40
CA ALA E 136 17.54 9.18 -42.10
C ALA E 136 18.18 9.38 -43.47
N SER E 137 17.99 10.56 -44.05
CA SER E 137 18.51 10.81 -45.40
C SER E 137 19.94 11.35 -45.34
N PHE E 138 20.37 11.77 -44.14
CA PHE E 138 21.70 12.36 -43.99
C PHE E 138 22.80 11.30 -44.07
N LYS E 139 23.94 11.70 -44.62
CA LYS E 139 25.09 10.83 -44.74
C LYS E 139 26.29 11.53 -44.13
N ALA E 140 27.22 10.77 -43.60
CA ALA E 140 28.46 11.35 -43.10
C ALA E 140 29.16 12.13 -44.21
N GLY E 141 29.50 13.39 -43.96
CA GLY E 141 30.11 14.21 -45.00
C GLY E 141 29.20 15.35 -45.45
N ASP E 142 27.90 15.18 -45.26
CA ASP E 142 26.94 16.24 -45.52
C ASP E 142 27.11 17.37 -44.51
N LEU E 143 26.78 18.59 -44.93
CA LEU E 143 26.67 19.73 -44.03
C LEU E 143 25.19 19.99 -43.75
N MSE E 144 24.90 20.69 -42.66
CA MSE E 144 23.54 21.14 -42.42
C MSE E 144 23.56 22.55 -41.87
O MSE E 144 24.15 22.80 -40.81
CB MSE E 144 22.79 20.22 -41.44
CG MSE E 144 21.33 20.61 -41.27
SE MSE E 144 20.48 19.74 -39.73
CE MSE E 144 21.15 20.89 -38.30
N CYS E 145 22.94 23.45 -42.60
CA CYS E 145 22.72 24.80 -42.10
C CYS E 145 21.60 24.71 -41.07
N VAL E 146 21.87 25.15 -39.85
CA VAL E 146 20.87 25.07 -38.78
C VAL E 146 19.84 26.20 -38.94
N TYR E 147 18.56 25.86 -38.98
CA TYR E 147 17.53 26.91 -38.96
C TYR E 147 16.64 26.94 -37.71
N ASP E 148 16.85 25.99 -36.81
CA ASP E 148 16.08 25.90 -35.57
C ASP E 148 16.74 24.89 -34.63
N HIS E 149 16.35 24.89 -33.36
CA HIS E 149 16.97 23.97 -32.42
C HIS E 149 16.04 23.47 -31.32
N ILE E 150 16.43 22.34 -30.72
CA ILE E 150 15.80 21.90 -29.47
C ILE E 150 16.88 21.87 -28.39
N ASN E 151 16.65 22.64 -27.33
CA ASN E 151 17.57 22.75 -26.21
C ASN E 151 17.08 21.83 -25.07
N PHE E 152 17.47 20.56 -25.11
CA PHE E 152 17.04 19.62 -24.08
C PHE E 152 17.44 20.01 -22.64
N PRO E 153 18.72 20.36 -22.40
CA PRO E 153 19.00 20.80 -21.02
C PRO E 153 18.24 22.07 -20.60
N GLY E 154 17.84 22.89 -21.58
CA GLY E 154 17.04 24.08 -21.29
C GLY E 154 15.69 23.76 -20.69
N LEU E 155 15.13 22.61 -21.05
CA LEU E 155 13.90 22.11 -20.40
C LEU E 155 14.01 22.07 -18.88
N CYS E 156 15.20 21.75 -18.36
CA CYS E 156 15.43 21.67 -16.92
C CYS E 156 15.97 22.93 -16.30
N GLY E 157 16.16 23.96 -17.12
CA GLY E 157 16.59 25.24 -16.61
C GLY E 157 18.08 25.50 -16.72
N PHE E 158 18.81 24.58 -17.36
CA PHE E 158 20.22 24.83 -17.59
C PHE E 158 20.34 25.85 -18.71
N HIS E 159 20.80 27.04 -18.38
CA HIS E 159 20.84 28.13 -19.35
C HIS E 159 22.04 29.05 -19.13
N PRO E 160 22.57 29.61 -20.23
CA PRO E 160 23.76 30.46 -20.13
C PRO E 160 23.49 31.83 -19.50
N LEU E 161 22.23 32.29 -19.50
CA LEU E 161 21.90 33.61 -18.98
C LEU E 161 20.87 33.54 -17.86
N ASP E 178 13.48 32.72 -34.91
CA ASP E 178 14.18 33.89 -35.43
C ASP E 178 15.65 33.89 -35.03
N ALA E 179 16.10 32.78 -34.43
CA ALA E 179 17.49 32.67 -34.00
C ALA E 179 18.48 32.63 -35.16
N TYR E 180 18.14 31.93 -36.23
CA TYR E 180 19.10 31.69 -37.30
C TYR E 180 18.78 32.53 -38.52
N ASP E 181 19.49 33.66 -38.63
CA ASP E 181 19.22 34.70 -39.62
C ASP E 181 18.96 34.14 -41.01
N LEU E 182 17.81 34.45 -41.58
CA LEU E 182 17.45 33.98 -42.92
C LEU E 182 18.40 34.47 -44.00
N GLU E 183 18.71 35.76 -43.98
CA GLU E 183 19.55 36.36 -45.02
C GLU E 183 20.95 35.73 -45.05
N LEU E 184 21.49 35.43 -43.87
CA LEU E 184 22.80 34.78 -43.78
C LEU E 184 22.75 33.35 -44.31
N ARG E 185 21.62 32.67 -44.09
CA ARG E 185 21.49 31.31 -44.61
C ARG E 185 21.46 31.34 -46.14
N LYS E 186 20.76 32.33 -46.69
CA LYS E 186 20.75 32.52 -48.15
C LYS E 186 22.15 32.83 -48.65
N LEU E 187 22.88 33.63 -47.87
CA LEU E 187 24.24 33.99 -48.22
C LEU E 187 25.10 32.73 -48.31
N LEU E 188 24.91 31.82 -47.37
CA LEU E 188 25.68 30.58 -47.35
C LEU E 188 25.44 29.73 -48.59
N PHE E 189 24.17 29.52 -48.93
CA PHE E 189 23.84 28.74 -50.13
C PHE E 189 24.31 29.44 -51.40
N SER E 190 24.32 30.77 -51.38
CA SER E 190 24.77 31.54 -52.54
C SER E 190 26.26 31.30 -52.76
N LYS E 191 27.01 31.25 -51.67
CA LYS E 191 28.44 30.99 -51.77
C LYS E 191 28.74 29.56 -52.18
N LYS E 192 27.89 28.62 -51.75
CA LYS E 192 28.00 27.23 -52.19
C LYS E 192 27.92 27.13 -53.70
N LYS E 193 27.02 27.92 -54.28
CA LYS E 193 26.85 27.95 -55.74
C LYS E 193 28.08 28.56 -56.42
N GLU E 194 28.49 29.73 -55.94
CA GLU E 194 29.66 30.44 -56.46
C GLU E 194 30.93 29.60 -56.46
N LEU E 195 31.20 28.93 -55.34
CA LEU E 195 32.44 28.18 -55.20
C LEU E 195 32.35 26.80 -55.85
N ASN E 196 31.21 26.55 -56.50
CA ASN E 196 30.91 25.24 -57.08
C ASN E 196 31.19 24.11 -56.10
N ILE E 197 30.82 24.30 -54.84
CA ILE E 197 31.00 23.25 -53.86
C ILE E 197 29.87 22.22 -53.99
N GLU E 198 30.25 20.97 -54.21
CA GLU E 198 29.31 19.89 -54.45
C GLU E 198 28.73 19.27 -53.19
N ARG E 199 29.48 19.38 -52.10
CA ARG E 199 29.05 18.84 -50.81
C ARG E 199 27.60 19.26 -50.50
N LYS E 200 26.77 18.31 -50.07
CA LYS E 200 25.38 18.62 -49.71
C LYS E 200 25.30 19.53 -48.49
N ILE E 201 24.45 20.54 -48.57
CA ILE E 201 24.13 21.35 -47.39
C ILE E 201 22.63 21.24 -47.17
N HIS E 202 22.26 20.51 -46.12
CA HIS E 202 20.86 20.35 -45.74
C HIS E 202 20.46 21.56 -44.91
N GLU E 203 19.19 21.65 -44.57
CA GLU E 203 18.70 22.72 -43.71
C GLU E 203 17.81 22.01 -42.71
N GLY E 204 18.05 22.22 -41.42
CA GLY E 204 17.24 21.52 -40.43
C GLY E 204 17.45 21.89 -38.98
N THR E 205 16.93 21.04 -38.11
CA THR E 205 16.87 21.28 -36.68
C THR E 205 18.00 20.54 -35.94
N TYR E 206 18.72 21.29 -35.12
CA TYR E 206 19.83 20.76 -34.33
C TYR E 206 19.32 20.53 -32.93
N SER E 207 19.56 19.34 -32.38
CA SER E 207 19.19 19.11 -31.00
C SER E 207 20.44 19.15 -30.14
N TYR E 208 20.40 19.98 -29.10
CA TYR E 208 21.48 20.04 -28.12
C TYR E 208 21.17 19.09 -26.98
N VAL E 209 22.04 18.09 -26.78
CA VAL E 209 21.92 17.16 -25.65
C VAL E 209 23.22 17.25 -24.86
N HIS E 210 23.17 16.88 -23.59
CA HIS E 210 24.28 17.18 -22.68
C HIS E 210 25.58 16.39 -22.98
N GLY E 211 25.45 15.09 -23.19
CA GLY E 211 26.63 14.24 -23.37
C GLY E 211 27.12 13.78 -22.02
N PRO E 212 28.30 13.15 -21.94
CA PRO E 212 29.25 12.92 -23.03
C PRO E 212 29.07 11.57 -23.74
N THR E 213 28.02 10.82 -23.44
CA THR E 213 27.80 9.55 -24.16
C THR E 213 27.22 9.82 -25.55
N PHE E 214 27.58 8.98 -26.52
CA PHE E 214 26.82 8.95 -27.77
C PHE E 214 25.47 8.30 -27.51
N GLU E 215 24.47 8.67 -28.29
CA GLU E 215 23.10 8.25 -28.03
C GLU E 215 22.90 6.75 -28.21
N SER E 216 22.01 6.18 -27.41
CA SER E 216 21.59 4.80 -27.58
C SER E 216 20.67 4.73 -28.80
N ARG E 217 20.35 3.52 -29.26
CA ARG E 217 19.48 3.36 -30.41
C ARG E 217 18.13 3.96 -30.10
N ALA E 218 17.58 3.63 -28.93
CA ALA E 218 16.27 4.16 -28.54
C ALA E 218 16.33 5.67 -28.37
N GLU E 219 17.44 6.20 -27.84
CA GLU E 219 17.57 7.66 -27.72
C GLU E 219 17.58 8.35 -29.09
N SER E 220 18.33 7.81 -30.05
CA SER E 220 18.31 8.36 -31.41
C SER E 220 16.95 8.30 -32.11
N ARG E 221 16.23 7.19 -31.95
CA ARG E 221 14.88 7.11 -32.51
C ARG E 221 13.98 8.16 -31.87
N PHE E 222 14.15 8.36 -30.57
CA PHE E 222 13.36 9.35 -29.86
C PHE E 222 13.64 10.75 -30.40
N LEU E 223 14.92 11.06 -30.57
CA LEU E 223 15.29 12.36 -31.13
C LEU E 223 14.71 12.55 -32.52
N ARG E 224 14.69 11.47 -33.29
CA ARG E 224 14.13 11.52 -34.64
C ARG E 224 12.65 11.84 -34.59
N LEU E 225 11.91 11.14 -33.74
CA LEU E 225 10.48 11.44 -33.61
C LEU E 225 10.21 12.83 -33.02
N ALA E 226 11.14 13.33 -32.20
CA ALA E 226 10.99 14.66 -31.61
C ALA E 226 11.21 15.78 -32.63
N GLY E 227 11.75 15.41 -33.80
CA GLY E 227 11.93 16.38 -34.87
C GLY E 227 13.38 16.79 -35.09
N THR E 228 14.32 16.07 -34.48
CA THR E 228 15.75 16.33 -34.67
C THR E 228 16.27 15.92 -36.05
N ASP E 229 17.09 16.77 -36.67
CA ASP E 229 17.79 16.36 -37.89
C ASP E 229 19.26 16.04 -37.60
N ALA E 230 19.87 16.79 -36.69
CA ALA E 230 21.22 16.51 -36.26
C ALA E 230 21.36 16.76 -34.77
N VAL E 231 22.23 16.01 -34.13
CA VAL E 231 22.38 16.08 -32.69
C VAL E 231 23.82 16.38 -32.32
N GLY E 232 24.01 17.20 -31.30
CA GLY E 232 25.34 17.53 -30.82
C GLY E 232 25.31 17.97 -29.37
N MSE E 233 26.49 18.29 -28.84
CA MSE E 233 26.60 18.59 -27.41
C MSE E 233 27.11 19.99 -27.18
O MSE E 233 27.71 20.26 -26.13
CB MSE E 233 27.52 17.59 -26.73
CG MSE E 233 27.23 16.14 -27.05
SE MSE E 233 28.66 14.98 -26.38
CE MSE E 233 28.17 13.33 -27.24
N SER E 234 26.85 20.91 -28.12
CA SER E 234 27.29 22.29 -27.96
C SER E 234 26.36 23.29 -28.67
N THR E 235 26.89 24.49 -28.92
CA THR E 235 26.34 25.42 -29.92
C THR E 235 25.12 26.22 -29.47
N VAL E 236 24.07 25.52 -29.06
CA VAL E 236 22.84 26.21 -28.67
C VAL E 236 23.03 27.28 -27.57
N PRO E 237 23.82 26.98 -26.52
CA PRO E 237 24.03 28.07 -25.56
C PRO E 237 24.77 29.27 -26.16
N GLU E 238 25.68 29.02 -27.10
CA GLU E 238 26.38 30.12 -27.76
C GLU E 238 25.43 30.97 -28.61
N VAL E 239 24.56 30.29 -29.36
CA VAL E 239 23.54 30.95 -30.18
C VAL E 239 22.60 31.82 -29.34
N VAL E 240 22.11 31.28 -28.23
CA VAL E 240 21.21 32.02 -27.36
C VAL E 240 21.92 33.24 -26.80
N THR E 241 23.20 33.09 -26.51
CA THR E 241 23.93 34.21 -25.90
C THR E 241 24.21 35.28 -26.94
N ALA E 242 24.58 34.85 -28.14
CA ALA E 242 24.81 35.77 -29.24
C ALA E 242 23.55 36.58 -29.53
N ARG E 243 22.41 35.89 -29.62
CA ARG E 243 21.13 36.59 -29.82
C ARG E 243 20.86 37.61 -28.71
N HIS E 244 21.09 37.19 -27.46
CA HIS E 244 20.94 38.09 -26.32
C HIS E 244 21.77 39.36 -26.44
N CYS E 245 22.94 39.24 -27.05
CA CYS E 245 23.86 40.33 -27.27
C CYS E 245 23.52 41.12 -28.53
N GLY E 246 22.50 40.66 -29.25
CA GLY E 246 22.02 41.35 -30.44
C GLY E 246 22.76 41.06 -31.73
N TRP E 247 23.44 39.91 -31.77
CA TRP E 247 24.17 39.51 -32.97
C TRP E 247 23.25 38.68 -33.86
N ARG E 248 23.53 38.70 -35.16
CA ARG E 248 22.97 37.70 -36.07
C ARG E 248 23.77 36.42 -35.91
N VAL E 249 23.17 35.30 -36.28
CA VAL E 249 23.81 33.99 -36.12
C VAL E 249 23.67 33.15 -37.39
N LEU E 250 24.79 32.62 -37.86
CA LEU E 250 24.80 31.59 -38.88
C LEU E 250 25.43 30.36 -38.27
N ALA E 251 24.74 29.22 -38.33
CA ALA E 251 25.23 28.00 -37.69
C ALA E 251 25.31 26.87 -38.71
N LEU E 252 26.47 26.21 -38.76
CA LEU E 252 26.74 25.18 -39.78
C LEU E 252 27.28 23.90 -39.14
N SER E 253 26.55 22.81 -39.32
CA SER E 253 26.91 21.52 -38.74
C SER E 253 27.53 20.62 -39.79
N LEU E 254 28.61 19.92 -39.43
CA LEU E 254 29.14 18.91 -40.31
C LEU E 254 28.63 17.58 -39.78
N ILE E 255 27.97 16.81 -40.64
CA ILE E 255 27.49 15.48 -40.22
C ILE E 255 28.66 14.50 -40.29
N THR E 256 29.15 14.11 -39.11
CA THR E 256 30.36 13.28 -39.04
C THR E 256 30.06 11.79 -38.95
N ASN E 257 28.81 11.45 -38.66
CA ASN E 257 28.44 10.05 -38.47
C ASN E 257 26.93 9.91 -38.51
N GLU E 258 26.43 8.75 -38.92
CA GLU E 258 25.01 8.48 -38.91
C GLU E 258 24.66 7.75 -37.62
N CYS E 259 23.81 8.36 -36.79
CA CYS E 259 23.44 7.76 -35.51
C CYS E 259 22.78 6.40 -35.73
N VAL E 260 23.14 5.41 -34.92
CA VAL E 260 22.50 4.11 -35.11
C VAL E 260 21.13 4.05 -34.42
N VAL E 261 20.13 3.64 -35.18
CA VAL E 261 18.73 3.70 -34.74
C VAL E 261 18.04 2.33 -34.73
N ASP E 262 18.55 1.38 -35.50
CA ASP E 262 17.98 0.04 -35.53
C ASP E 262 17.95 -0.54 -34.11
N PRO E 263 16.86 -1.24 -33.77
CA PRO E 263 16.84 -1.98 -32.50
C PRO E 263 18.04 -2.93 -32.44
N PRO E 264 18.58 -3.16 -31.25
CA PRO E 264 19.75 -4.04 -31.15
C PRO E 264 19.33 -5.48 -31.45
N ALA E 265 20.28 -6.35 -31.80
CA ALA E 265 20.00 -7.78 -32.03
C ALA E 265 19.22 -8.40 -30.87
N SER E 266 18.18 -9.15 -31.19
CA SER E 266 17.43 -9.85 -30.15
C SER E 266 18.12 -11.15 -29.81
N ALA E 267 17.98 -11.59 -28.56
CA ALA E 267 18.50 -12.90 -28.17
C ALA E 267 17.82 -14.02 -28.95
N HIS E 268 16.69 -13.71 -29.60
CA HIS E 268 15.94 -14.69 -30.38
C HIS E 268 16.27 -14.65 -31.87
N ASP E 269 17.10 -13.69 -32.29
CA ASP E 269 17.48 -13.53 -33.70
C ASP E 269 18.38 -14.67 -34.19
N GLU E 270 18.04 -15.27 -35.33
CA GLU E 270 18.89 -16.30 -35.94
C GLU E 270 20.14 -15.71 -36.58
N ASN E 271 20.01 -14.50 -37.13
CA ASN E 271 21.14 -13.80 -37.73
C ASN E 271 21.40 -12.43 -37.11
N PRO E 272 21.84 -12.40 -35.85
CA PRO E 272 22.01 -11.13 -35.15
C PRO E 272 23.11 -10.26 -35.78
N VAL E 273 22.81 -8.98 -35.98
CA VAL E 273 23.83 -8.01 -36.36
C VAL E 273 24.55 -7.65 -35.07
N PRO E 274 25.90 -7.74 -35.06
CA PRO E 274 26.64 -7.43 -33.82
C PRO E 274 26.33 -6.02 -33.30
N ILE E 275 26.16 -5.88 -31.99
CA ILE E 275 25.69 -4.62 -31.44
C ILE E 275 26.75 -3.52 -31.54
N GLN E 276 28.00 -3.93 -31.73
CA GLN E 276 29.10 -2.97 -31.90
C GLN E 276 29.12 -2.34 -33.27
N GLU E 277 28.46 -2.99 -34.23
CA GLU E 277 28.53 -2.57 -35.63
C GLU E 277 27.97 -1.16 -35.80
N GLY E 278 28.76 -0.30 -36.43
CA GLY E 278 28.37 1.07 -36.72
C GLY E 278 28.48 2.06 -35.56
N LYS E 279 28.99 1.63 -34.41
CA LYS E 279 29.00 2.48 -33.21
C LYS E 279 29.84 3.74 -33.36
N ALA E 280 29.35 4.83 -32.77
CA ALA E 280 30.02 6.12 -32.86
C ALA E 280 31.33 6.09 -32.10
N THR E 281 32.29 6.87 -32.58
CA THR E 281 33.61 6.86 -32.03
C THR E 281 34.18 8.29 -32.22
N HIS E 282 34.91 8.81 -31.23
CA HIS E 282 35.48 10.16 -31.36
C HIS E 282 36.48 10.28 -32.54
N GLU E 283 37.21 9.22 -32.85
N GLU E 283 37.21 9.20 -32.80
CA GLU E 283 38.18 9.28 -33.94
CA GLU E 283 38.17 9.15 -33.89
C GLU E 283 37.48 9.38 -35.29
C GLU E 283 37.49 9.33 -35.26
N GLU E 284 36.31 8.75 -35.41
CA GLU E 284 35.53 8.85 -36.64
C GLU E 284 35.07 10.30 -36.81
N VAL E 285 34.63 10.90 -35.71
CA VAL E 285 34.19 12.30 -35.75
C VAL E 285 35.33 13.20 -36.25
N LEU E 286 36.51 13.05 -35.65
CA LEU E 286 37.67 13.86 -36.05
C LEU E 286 38.11 13.63 -37.50
N GLU E 287 38.11 12.38 -37.93
CA GLU E 287 38.50 12.04 -39.30
C GLU E 287 37.56 12.67 -40.31
N ASN E 288 36.26 12.51 -40.06
CA ASN E 288 35.26 13.06 -40.97
C ASN E 288 35.20 14.58 -40.97
N SER E 289 35.46 15.18 -39.82
CA SER E 289 35.61 16.62 -39.73
C SER E 289 36.75 17.10 -40.64
N ALA E 290 37.91 16.45 -40.49
CA ALA E 290 39.09 16.80 -41.26
C ALA E 290 38.82 16.78 -42.75
N LYS E 291 38.08 15.76 -43.19
CA LYS E 291 37.82 15.57 -44.62
C LYS E 291 36.99 16.72 -45.17
N ALA E 292 36.05 17.19 -44.37
CA ALA E 292 35.13 18.20 -44.84
C ALA E 292 35.65 19.61 -44.54
N SER E 293 36.75 19.70 -43.80
CA SER E 293 37.29 20.98 -43.34
C SER E 293 37.57 21.99 -44.47
N LYS E 294 38.12 21.53 -45.59
CA LYS E 294 38.49 22.44 -46.68
C LYS E 294 37.28 23.17 -47.26
N ASP E 295 36.17 22.46 -47.45
CA ASP E 295 34.95 23.07 -47.97
C ASP E 295 34.33 24.06 -46.97
N VAL E 296 34.36 23.72 -45.68
CA VAL E 296 33.83 24.62 -44.65
C VAL E 296 34.67 25.89 -44.58
N GLN E 297 35.98 25.75 -44.71
CA GLN E 297 36.87 26.91 -44.67
C GLN E 297 36.56 27.88 -45.81
N GLU E 298 36.45 27.31 -47.02
CA GLU E 298 36.15 28.09 -48.21
C GLU E 298 34.82 28.83 -48.06
N LEU E 299 33.82 28.16 -47.51
CA LEU E 299 32.50 28.77 -47.31
C LEU E 299 32.55 29.95 -46.35
N ILE E 300 33.22 29.75 -45.22
CA ILE E 300 33.32 30.81 -44.23
C ILE E 300 34.13 32.00 -44.75
N PHE E 301 35.24 31.70 -45.42
CA PHE E 301 36.07 32.72 -46.08
C PHE E 301 35.23 33.61 -46.99
N SER E 302 34.39 32.98 -47.82
CA SER E 302 33.54 33.70 -48.76
C SER E 302 32.44 34.50 -48.07
N VAL E 303 31.93 33.95 -46.98
CA VAL E 303 30.81 34.56 -46.28
C VAL E 303 31.20 35.84 -45.54
N VAL E 304 32.29 35.79 -44.78
CA VAL E 304 32.66 36.92 -43.91
C VAL E 304 32.96 38.19 -44.70
N ALA E 305 33.27 38.06 -45.99
CA ALA E 305 33.54 39.23 -46.81
C ALA E 305 32.24 39.97 -47.16
N GLU E 306 31.10 39.32 -46.96
CA GLU E 306 29.81 39.98 -47.18
C GLU E 306 29.14 40.36 -45.84
N ILE E 307 29.79 40.00 -44.73
CA ILE E 307 29.38 40.44 -43.39
C ILE E 307 30.55 40.50 -42.42
N ASP F 6 19.22 20.96 4.79
CA ASP F 6 18.87 19.68 5.40
C ASP F 6 17.42 19.65 5.85
N ILE F 7 16.87 18.44 6.01
CA ILE F 7 15.45 18.30 6.34
C ILE F 7 15.13 18.80 7.75
N ASN F 8 16.08 18.67 8.67
CA ASN F 8 15.85 19.12 10.05
C ASN F 8 15.59 20.63 10.15
N GLU F 9 16.37 21.40 9.40
CA GLU F 9 16.20 22.84 9.39
C GLU F 9 14.95 23.24 8.60
N GLN F 10 14.65 22.51 7.52
CA GLN F 10 13.42 22.79 6.77
C GLN F 10 12.22 22.55 7.67
N ARG F 11 12.26 21.47 8.45
CA ARG F 11 11.14 21.13 9.34
C ARG F 11 10.95 22.21 10.38
N ALA F 12 12.06 22.69 10.94
CA ALA F 12 12.02 23.76 11.93
C ALA F 12 11.42 25.06 11.36
N LEU F 13 11.83 25.43 10.14
CA LEU F 13 11.30 26.61 9.44
C LEU F 13 9.81 26.49 9.08
N ILE F 14 9.38 25.30 8.66
CA ILE F 14 7.97 25.06 8.43
C ILE F 14 7.19 25.25 9.73
N LYS F 15 7.71 24.71 10.83
CA LYS F 15 7.06 24.88 12.13
C LYS F 15 7.05 26.33 12.60
N SER F 16 8.14 27.04 12.34
CA SER F 16 8.25 28.45 12.69
C SER F 16 7.25 29.30 11.93
N ALA F 17 7.13 29.01 10.64
CA ALA F 17 6.18 29.72 9.78
C ALA F 17 4.76 29.50 10.28
N HIS F 18 4.42 28.25 10.59
CA HIS F 18 3.10 27.93 11.09
C HIS F 18 2.80 28.60 12.43
N ARG F 19 3.79 28.58 13.32
CA ARG F 19 3.69 29.19 14.64
C ARG F 19 3.35 30.68 14.49
N TYR F 20 4.06 31.35 13.58
CA TYR F 20 3.84 32.77 13.35
C TYR F 20 2.44 33.03 12.77
N ILE F 21 2.12 32.31 11.69
CA ILE F 21 0.81 32.45 11.05
C ILE F 21 -0.35 32.17 12.02
N SER F 22 -0.26 31.05 12.73
CA SER F 22 -1.28 30.66 13.70
C SER F 22 -1.54 31.75 14.75
N GLU F 23 -0.47 32.37 15.26
CA GLU F 23 -0.60 33.41 16.27
C GLU F 23 -1.24 34.68 15.70
N LYS F 24 -0.86 35.04 14.48
CA LYS F 24 -1.42 36.23 13.84
C LYS F 24 -2.92 36.05 13.57
N LEU F 25 -3.32 34.84 13.19
CA LEU F 25 -4.72 34.52 12.98
C LEU F 25 -5.50 34.63 14.29
N GLU F 26 -4.93 34.03 15.34
CA GLU F 26 -5.54 34.04 16.66
C GLU F 26 -5.77 35.46 17.16
N ASP F 27 -4.82 36.34 16.87
CA ASP F 27 -4.89 37.71 17.36
C ASP F 27 -5.85 38.56 16.53
N HIS F 28 -5.95 38.24 15.24
CA HIS F 28 -6.72 39.03 14.29
C HIS F 28 -8.21 38.71 14.28
N PHE F 29 -8.53 37.45 14.10
CA PHE F 29 -9.92 37.03 13.96
C PHE F 29 -10.62 36.80 15.31
N SER F 30 -11.90 37.19 15.38
CA SER F 30 -12.70 37.00 16.60
C SER F 30 -13.00 35.53 16.86
N SER F 31 -13.44 34.83 15.82
CA SER F 31 -13.64 33.38 15.91
C SER F 31 -12.45 32.68 15.26
N GLU F 32 -12.32 31.38 15.50
CA GLU F 32 -11.21 30.62 14.96
C GLU F 32 -11.24 30.68 13.43
N PHE F 33 -10.10 30.97 12.82
CA PHE F 33 -10.02 30.97 11.37
C PHE F 33 -9.38 29.67 10.87
N LEU F 34 -10.18 28.87 10.18
CA LEU F 34 -9.72 27.60 9.63
C LEU F 34 -9.97 27.56 8.13
N PRO F 35 -8.98 28.02 7.34
CA PRO F 35 -9.15 28.05 5.89
C PRO F 35 -9.35 26.65 5.31
N LYS F 36 -10.25 26.52 4.33
CA LYS F 36 -10.50 25.22 3.72
C LYS F 36 -9.74 25.07 2.42
N ALA F 37 -9.34 26.20 1.84
CA ALA F 37 -8.67 26.20 0.55
C ALA F 37 -7.55 27.22 0.55
N LEU F 38 -6.47 26.86 -0.15
CA LEU F 38 -5.42 27.79 -0.50
C LEU F 38 -5.58 28.10 -1.97
N VAL F 39 -5.67 29.37 -2.31
CA VAL F 39 -5.80 29.78 -3.71
C VAL F 39 -4.50 30.47 -4.14
N ILE F 40 -3.85 29.94 -5.16
CA ILE F 40 -2.62 30.57 -5.65
C ILE F 40 -2.93 31.37 -6.89
N CYS F 41 -2.65 32.67 -6.84
CA CYS F 41 -2.99 33.58 -7.94
C CYS F 41 -1.80 33.77 -8.87
N GLY F 42 -1.93 33.26 -10.10
CA GLY F 42 -0.85 33.34 -11.06
C GLY F 42 -0.68 34.73 -11.68
N SER F 43 0.18 34.80 -12.69
CA SER F 43 0.48 36.08 -13.35
C SER F 43 -0.75 36.69 -13.99
N GLY F 44 -1.00 37.97 -13.68
CA GLY F 44 -2.11 38.70 -14.25
C GLY F 44 -3.42 38.42 -13.54
N LEU F 45 -3.36 37.64 -12.46
CA LEU F 45 -4.56 37.16 -11.78
C LEU F 45 -4.65 37.64 -10.32
N SER F 46 -3.91 38.70 -10.00
CA SER F 46 -3.89 39.22 -8.63
C SER F 46 -5.26 39.75 -8.21
N GLY F 47 -6.09 40.04 -9.21
CA GLY F 47 -7.45 40.53 -9.00
C GLY F 47 -8.34 39.61 -8.17
N ILE F 48 -7.98 38.33 -8.09
CA ILE F 48 -8.69 37.39 -7.21
C ILE F 48 -8.80 37.94 -5.77
N SER F 49 -7.81 38.74 -5.35
CA SER F 49 -7.82 39.42 -4.05
C SER F 49 -9.10 40.21 -3.78
N THR F 50 -9.62 40.87 -4.81
CA THR F 50 -10.79 41.72 -4.68
C THR F 50 -12.04 40.92 -4.33
N LYS F 51 -11.98 39.60 -4.48
CA LYS F 51 -13.12 38.74 -4.18
C LYS F 51 -13.23 38.41 -2.69
N ILE F 52 -12.20 38.79 -1.92
CA ILE F 52 -12.20 38.58 -0.48
C ILE F 52 -13.14 39.60 0.15
N ALA F 53 -14.03 39.14 1.04
CA ALA F 53 -15.00 40.04 1.66
C ALA F 53 -14.33 41.06 2.59
N ASP F 54 -14.97 42.21 2.75
CA ASP F 54 -14.42 43.26 3.60
C ASP F 54 -14.72 42.99 5.09
N GLU F 55 -15.72 42.15 5.33
CA GLU F 55 -16.16 41.82 6.69
C GLU F 55 -16.39 40.32 6.80
N PRO F 56 -15.76 39.66 7.79
CA PRO F 56 -14.78 40.18 8.75
C PRO F 56 -13.52 40.65 8.03
N LYS F 57 -12.87 41.66 8.59
CA LYS F 57 -11.67 42.25 8.00
C LYS F 57 -10.62 41.17 7.75
N PRO F 58 -10.07 41.13 6.53
CA PRO F 58 -9.08 40.09 6.23
C PRO F 58 -7.73 40.40 6.88
N LEU F 59 -6.89 39.38 7.00
CA LEU F 59 -5.54 39.54 7.53
C LEU F 59 -4.55 39.42 6.38
N ILE F 60 -3.70 40.42 6.21
CA ILE F 60 -2.69 40.35 5.18
C ILE F 60 -1.30 40.20 5.82
N LEU F 61 -0.57 39.16 5.43
CA LEU F 61 0.78 38.95 5.93
C LEU F 61 1.79 39.05 4.79
N SER F 62 2.64 40.08 4.82
CA SER F 62 3.70 40.17 3.82
C SER F 62 4.63 38.97 4.00
N TYR F 63 5.10 38.39 2.90
CA TYR F 63 6.04 37.26 2.96
C TYR F 63 7.28 37.57 3.80
N SER F 64 7.60 38.86 3.94
CA SER F 64 8.83 39.26 4.63
C SER F 64 8.74 39.01 6.13
N THR F 65 7.53 39.01 6.66
CA THR F 65 7.34 38.80 8.09
C THR F 65 7.22 37.32 8.45
N ILE F 66 7.09 36.46 7.43
CA ILE F 66 6.88 35.05 7.68
C ILE F 66 8.20 34.27 7.58
N PRO F 67 8.63 33.64 8.70
CA PRO F 67 9.87 32.85 8.75
C PRO F 67 9.99 31.87 7.59
N GLY F 68 11.14 31.87 6.91
CA GLY F 68 11.39 30.94 5.84
C GLY F 68 10.80 31.28 4.47
N PHE F 69 9.87 32.23 4.41
CA PHE F 69 9.32 32.63 3.10
C PHE F 69 10.32 33.51 2.35
N LYS F 70 10.33 33.39 1.02
CA LYS F 70 11.14 34.26 0.17
C LYS F 70 10.34 35.46 -0.30
N GLY F 79 5.41 39.70 -2.25
CA GLY F 79 4.19 38.91 -2.20
C GLY F 79 3.58 38.85 -0.82
N GLU F 80 2.37 38.32 -0.72
CA GLU F 80 1.68 38.29 0.55
C GLU F 80 0.69 37.15 0.65
N LEU F 81 0.34 36.82 1.88
CA LEU F 81 -0.69 35.84 2.19
C LEU F 81 -1.90 36.63 2.66
N ILE F 82 -3.07 36.33 2.09
CA ILE F 82 -4.30 37.02 2.47
C ILE F 82 -5.28 36.00 3.04
N PHE F 83 -5.67 36.21 4.29
CA PHE F 83 -6.58 35.29 4.96
C PHE F 83 -7.92 36.00 5.10
N GLY F 84 -8.99 35.38 4.61
CA GLY F 84 -10.29 36.00 4.78
C GLY F 84 -11.39 35.15 4.19
N TYR F 85 -12.57 35.76 4.06
CA TYR F 85 -13.74 35.02 3.62
C TYR F 85 -14.06 35.39 2.19
N MSE F 86 -14.23 34.36 1.37
CA MSE F 86 -14.61 34.57 -0.02
C MSE F 86 -15.90 33.80 -0.28
O MSE F 86 -15.91 32.57 -0.17
CB MSE F 86 -13.49 34.09 -0.97
CG MSE F 86 -13.90 34.13 -2.42
SE MSE F 86 -12.41 33.65 -3.64
CE MSE F 86 -11.60 32.25 -2.57
N ASN F 87 -16.97 34.51 -0.59
CA ASN F 87 -18.28 33.89 -0.80
C ASN F 87 -18.65 32.98 0.37
N GLY F 88 -18.34 33.42 1.59
CA GLY F 88 -18.70 32.69 2.79
C GLY F 88 -17.66 31.70 3.28
N ALA F 89 -16.68 31.37 2.44
CA ALA F 89 -15.71 30.32 2.77
C ALA F 89 -14.41 30.93 3.26
N PRO F 90 -13.87 30.41 4.37
CA PRO F 90 -12.56 30.94 4.79
C PRO F 90 -11.47 30.36 3.89
N VAL F 91 -10.63 31.23 3.34
CA VAL F 91 -9.60 30.79 2.42
C VAL F 91 -8.32 31.52 2.74
N VAL F 92 -7.21 31.02 2.19
CA VAL F 92 -5.97 31.80 2.18
C VAL F 92 -5.56 31.94 0.73
N LEU F 93 -5.18 33.17 0.35
CA LEU F 93 -4.71 33.42 -1.01
C LEU F 93 -3.22 33.71 -0.94
N MSE F 94 -2.48 33.09 -1.84
CA MSE F 94 -1.08 33.45 -2.06
C MSE F 94 -1.07 34.38 -3.23
O MSE F 94 -1.33 33.98 -4.37
CB MSE F 94 -0.22 32.23 -2.39
CG MSE F 94 0.27 31.51 -1.15
SE MSE F 94 1.41 30.00 -1.59
CE MSE F 94 2.49 30.84 -2.97
N ASN F 95 -0.82 35.64 -2.92
CA ASN F 95 -0.81 36.71 -3.89
C ASN F 95 0.61 36.84 -4.40
N GLY F 96 0.93 36.04 -5.41
CA GLY F 96 2.30 35.89 -5.87
C GLY F 96 2.83 34.54 -5.44
N ARG F 97 2.99 33.63 -6.40
CA ARG F 97 3.66 32.36 -6.15
C ARG F 97 5.15 32.64 -5.99
N LEU F 98 5.88 31.71 -5.39
CA LEU F 98 7.31 31.89 -5.17
C LEU F 98 8.09 31.97 -6.48
N LEU F 106 13.63 23.99 -5.32
CA LEU F 106 12.18 23.77 -5.39
C LEU F 106 11.58 23.59 -4.01
N ALA F 107 12.33 22.97 -3.10
CA ALA F 107 11.86 22.74 -1.73
C ALA F 107 11.37 24.03 -1.07
N GLU F 108 12.12 25.11 -1.28
CA GLU F 108 11.78 26.40 -0.70
C GLU F 108 10.55 27.02 -1.40
N THR F 109 10.39 26.69 -2.66
CA THR F 109 9.24 27.12 -3.43
C THR F 109 7.95 26.58 -2.84
N VAL F 110 8.02 25.40 -2.24
CA VAL F 110 6.82 24.75 -1.70
C VAL F 110 6.72 24.74 -0.16
N HIS F 111 7.71 25.34 0.49
CA HIS F 111 7.65 25.61 1.93
C HIS F 111 6.29 26.19 2.39
N PRO F 112 5.71 27.16 1.63
CA PRO F 112 4.44 27.71 2.13
C PRO F 112 3.29 26.72 2.20
N ILE F 113 3.25 25.76 1.28
CA ILE F 113 2.23 24.71 1.31
C ILE F 113 2.32 23.91 2.60
N ARG F 114 3.53 23.48 2.94
CA ARG F 114 3.73 22.68 4.15
C ARG F 114 3.43 23.47 5.42
N ALA F 115 3.84 24.73 5.45
CA ALA F 115 3.58 25.58 6.61
C ALA F 115 2.07 25.71 6.83
N LEU F 116 1.35 25.92 5.73
CA LEU F 116 -0.10 26.09 5.82
C LEU F 116 -0.82 24.77 6.09
N HIS F 117 -0.25 23.66 5.65
CA HIS F 117 -0.79 22.33 5.98
C HIS F 117 -0.88 22.14 7.49
N LEU F 118 0.00 22.78 8.24
CA LEU F 118 0.01 22.63 9.70
C LEU F 118 -1.16 23.30 10.39
N LEU F 119 -1.92 24.13 9.67
CA LEU F 119 -3.14 24.69 10.29
C LEU F 119 -4.18 23.60 10.50
N GLY F 120 -4.09 22.53 9.72
CA GLY F 120 -4.95 21.36 9.88
C GLY F 120 -6.32 21.43 9.22
N SER F 121 -6.54 22.40 8.35
CA SER F 121 -7.90 22.64 7.85
C SER F 121 -8.00 22.66 6.33
N ILE F 122 -6.93 23.07 5.66
CA ILE F 122 -6.94 23.12 4.20
C ILE F 122 -6.95 21.72 3.59
N ASN F 123 -7.89 21.46 2.69
CA ASN F 123 -7.88 20.20 1.95
C ASN F 123 -7.97 20.41 0.45
N VAL F 124 -7.88 21.66 0.02
CA VAL F 124 -7.95 21.96 -1.42
C VAL F 124 -6.95 23.02 -1.82
N LEU F 125 -6.17 22.72 -2.87
CA LEU F 125 -5.35 23.72 -3.54
C LEU F 125 -6.08 24.13 -4.82
N ILE F 126 -6.26 25.43 -5.00
CA ILE F 126 -6.74 25.94 -6.27
C ILE F 126 -5.64 26.78 -6.85
N VAL F 127 -5.05 26.34 -7.95
CA VAL F 127 -3.93 27.09 -8.51
C VAL F 127 -4.23 27.64 -9.90
N THR F 128 -3.92 28.91 -10.11
CA THR F 128 -4.12 29.51 -11.42
C THR F 128 -2.77 29.94 -11.98
N ASN F 129 -2.66 29.95 -13.31
CA ASN F 129 -1.44 30.39 -13.97
C ASN F 129 -1.74 30.94 -15.36
N ALA F 130 -0.77 31.62 -15.94
CA ALA F 130 -0.83 32.01 -17.35
C ALA F 130 0.04 31.02 -18.10
N ALA F 131 -0.44 30.52 -19.25
CA ALA F 131 0.32 29.50 -19.96
C ALA F 131 0.33 29.72 -21.47
N GLY F 132 1.36 29.19 -22.14
CA GLY F 132 1.41 29.22 -23.59
C GLY F 132 0.57 28.08 -24.15
N GLY F 133 -0.23 28.38 -25.18
CA GLY F 133 -1.04 27.36 -25.81
C GLY F 133 -0.22 26.50 -26.75
N ILE F 134 -0.29 25.19 -26.56
CA ILE F 134 0.41 24.26 -27.46
C ILE F 134 -0.57 23.49 -28.34
N ASN F 135 -1.72 23.13 -27.78
CA ASN F 135 -2.75 22.46 -28.55
C ASN F 135 -3.20 23.38 -29.69
N ALA F 136 -3.27 22.87 -30.91
CA ALA F 136 -3.55 23.73 -32.08
C ALA F 136 -4.92 24.40 -32.04
N SER F 137 -5.83 23.86 -31.25
CA SER F 137 -7.17 24.44 -31.21
C SER F 137 -7.31 25.51 -30.13
N PHE F 138 -6.25 25.76 -29.37
CA PHE F 138 -6.32 26.77 -28.31
C PHE F 138 -6.05 28.16 -28.87
N LYS F 139 -6.76 29.16 -28.34
CA LYS F 139 -6.53 30.55 -28.73
C LYS F 139 -6.24 31.39 -27.49
N ALA F 140 -5.51 32.48 -27.68
CA ALA F 140 -5.26 33.44 -26.59
C ALA F 140 -6.59 33.84 -26.00
N GLY F 141 -6.70 33.82 -24.67
CA GLY F 141 -7.95 34.18 -24.03
C GLY F 141 -8.74 32.98 -23.55
N ASP F 142 -8.52 31.81 -24.16
CA ASP F 142 -9.15 30.57 -23.68
C ASP F 142 -8.62 30.22 -22.31
N LEU F 143 -9.42 29.49 -21.53
CA LEU F 143 -8.93 28.90 -20.28
C LEU F 143 -8.70 27.42 -20.52
N MSE F 144 -7.89 26.79 -19.67
CA MSE F 144 -7.80 25.34 -19.72
C MSE F 144 -7.82 24.79 -18.31
O MSE F 144 -6.98 25.14 -17.47
CB MSE F 144 -6.52 24.86 -20.43
CG MSE F 144 -6.43 23.32 -20.49
SE MSE F 144 -4.68 22.64 -21.06
CE MSE F 144 -3.66 22.88 -19.42
N CYS F 145 -8.78 23.94 -18.02
CA CYS F 145 -8.80 23.23 -16.76
C CYS F 145 -7.73 22.13 -16.88
N VAL F 146 -6.80 22.08 -15.93
CA VAL F 146 -5.75 21.08 -16.00
C VAL F 146 -6.24 19.73 -15.46
N TYR F 147 -6.16 18.68 -16.27
CA TYR F 147 -6.46 17.35 -15.74
C TYR F 147 -5.28 16.40 -15.69
N ASP F 148 -4.11 16.87 -16.07
CA ASP F 148 -2.93 16.01 -16.11
C ASP F 148 -1.73 16.88 -16.34
N HIS F 149 -0.53 16.37 -16.06
CA HIS F 149 0.64 17.17 -16.32
C HIS F 149 1.85 16.35 -16.75
N ILE F 150 2.83 17.03 -17.33
CA ILE F 150 4.15 16.44 -17.51
C ILE F 150 5.16 17.28 -16.76
N ASN F 151 5.80 16.69 -15.77
CA ASN F 151 6.79 17.40 -14.96
C ASN F 151 8.18 17.13 -15.55
N PHE F 152 8.55 17.85 -16.60
CA PHE F 152 9.83 17.60 -17.26
C PHE F 152 11.05 17.71 -16.34
N PRO F 153 11.18 18.81 -15.57
CA PRO F 153 12.36 18.84 -14.69
C PRO F 153 12.33 17.72 -13.67
N GLY F 154 11.14 17.31 -13.25
CA GLY F 154 10.98 16.26 -12.26
C GLY F 154 11.40 14.89 -12.77
N LEU F 155 11.23 14.64 -14.07
CA LEU F 155 11.74 13.41 -14.68
C LEU F 155 13.27 13.34 -14.66
N CYS F 156 13.92 14.51 -14.71
CA CYS F 156 15.38 14.57 -14.88
C CYS F 156 16.17 14.73 -13.60
N GLY F 157 15.65 15.50 -12.66
CA GLY F 157 16.36 15.65 -11.41
C GLY F 157 16.08 16.88 -10.56
N PHE F 158 15.17 17.74 -11.00
CA PHE F 158 14.74 18.89 -10.20
C PHE F 158 13.31 18.66 -9.76
N HIS F 159 13.13 18.28 -8.50
CA HIS F 159 11.85 17.76 -8.07
C HIS F 159 11.60 18.23 -6.63
N PRO F 160 10.38 18.71 -6.35
CA PRO F 160 10.11 19.26 -5.02
C PRO F 160 10.22 18.20 -3.93
N LEU F 161 10.10 16.93 -4.30
CA LEU F 161 10.15 15.86 -3.30
C LEU F 161 11.53 15.20 -3.18
N ARG F 162 12.50 15.66 -3.97
CA ARG F 162 13.86 15.12 -3.92
C ARG F 162 14.48 15.33 -2.53
N GLY F 163 15.22 14.34 -2.05
CA GLY F 163 15.89 14.41 -0.76
C GLY F 163 15.13 13.52 0.20
N ALA F 164 15.44 13.63 1.49
CA ALA F 164 14.76 12.85 2.51
C ALA F 164 13.26 13.17 2.49
N ASN F 165 12.42 12.15 2.65
CA ASN F 165 10.96 12.36 2.64
C ASN F 165 10.46 12.99 3.93
N PHE F 166 9.49 13.90 3.84
CA PHE F 166 8.83 14.40 5.05
C PHE F 166 7.78 13.35 5.43
N ASP F 167 8.19 12.33 6.17
CA ASP F 167 7.32 11.19 6.49
C ASP F 167 6.06 11.59 7.23
N GLU F 168 6.11 12.65 8.01
CA GLU F 168 4.94 13.06 8.77
C GLU F 168 3.85 13.64 7.87
N PHE F 169 4.20 13.98 6.63
CA PHE F 169 3.23 14.59 5.70
C PHE F 169 2.67 13.64 4.63
N GLY F 170 3.52 12.83 4.05
CA GLY F 170 3.06 11.96 2.97
C GLY F 170 4.06 10.88 2.63
N PRO F 171 3.74 10.07 1.61
CA PRO F 171 4.51 8.87 1.28
C PRO F 171 5.82 9.16 0.56
N ARG F 172 6.79 8.27 0.71
CA ARG F 172 8.04 8.37 -0.02
C ARG F 172 7.80 8.34 -1.52
N PHE F 173 6.89 7.47 -1.97
CA PHE F 173 6.56 7.34 -3.39
C PHE F 173 5.11 7.73 -3.64
N LEU F 174 4.90 8.90 -4.24
CA LEU F 174 3.57 9.47 -4.42
C LEU F 174 3.09 9.20 -5.85
N ALA F 175 1.93 8.58 -6.01
CA ALA F 175 1.35 8.45 -7.34
C ALA F 175 0.85 9.80 -7.80
N THR F 176 0.92 10.06 -9.11
CA THR F 176 0.37 11.30 -9.65
C THR F 176 -0.65 11.06 -10.77
N SER F 177 -1.02 9.80 -11.03
CA SER F 177 -2.08 9.50 -11.99
C SER F 177 -3.46 9.94 -11.47
N ASP F 178 -3.53 10.28 -10.19
CA ASP F 178 -4.79 10.75 -9.60
C ASP F 178 -4.68 12.19 -9.09
N ALA F 179 -3.89 13.03 -9.74
CA ALA F 179 -3.56 14.34 -9.16
C ALA F 179 -4.67 15.38 -9.26
N TYR F 180 -5.50 15.29 -10.29
CA TYR F 180 -6.50 16.34 -10.55
C TYR F 180 -7.92 15.86 -10.32
N ASP F 181 -8.38 16.08 -9.09
CA ASP F 181 -9.69 15.69 -8.59
C ASP F 181 -10.80 15.89 -9.61
N LEU F 182 -11.53 14.82 -9.90
CA LEU F 182 -12.63 14.89 -10.86
C LEU F 182 -13.78 15.74 -10.35
N GLU F 183 -14.15 15.58 -9.09
CA GLU F 183 -15.30 16.30 -8.56
C GLU F 183 -15.06 17.82 -8.59
N LEU F 184 -13.84 18.24 -8.28
CA LEU F 184 -13.53 19.67 -8.40
C LEU F 184 -13.61 20.17 -9.85
N ARG F 185 -13.19 19.34 -10.81
CA ARG F 185 -13.33 19.75 -12.21
C ARG F 185 -14.78 19.84 -12.68
N LYS F 186 -15.60 18.91 -12.23
CA LYS F 186 -17.02 18.96 -12.56
C LYS F 186 -17.69 20.18 -11.94
N LEU F 187 -17.21 20.57 -10.76
CA LEU F 187 -17.75 21.74 -10.08
C LEU F 187 -17.38 23.01 -10.86
N LEU F 188 -16.14 23.08 -11.34
CA LEU F 188 -15.71 24.21 -12.16
C LEU F 188 -16.59 24.38 -13.39
N PHE F 189 -16.86 23.28 -14.10
CA PHE F 189 -17.71 23.35 -15.28
C PHE F 189 -19.16 23.66 -14.99
N SER F 190 -19.65 23.23 -13.83
CA SER F 190 -21.02 23.55 -13.48
C SER F 190 -21.18 25.04 -13.13
N LYS F 191 -20.11 25.65 -12.64
CA LYS F 191 -20.15 27.09 -12.36
C LYS F 191 -19.97 27.90 -13.65
N LYS F 192 -19.15 27.38 -14.57
CA LYS F 192 -19.08 27.97 -15.90
C LYS F 192 -20.48 28.08 -16.47
N LYS F 193 -21.25 27.00 -16.31
CA LYS F 193 -22.61 26.94 -16.84
C LYS F 193 -23.54 27.85 -16.07
N GLU F 194 -23.42 27.84 -14.75
CA GLU F 194 -24.30 28.64 -13.91
C GLU F 194 -24.06 30.14 -14.11
N LEU F 195 -22.81 30.50 -14.39
CA LEU F 195 -22.44 31.90 -14.59
C LEU F 195 -22.60 32.33 -16.05
N ASN F 196 -22.94 31.37 -16.92
CA ASN F 196 -22.96 31.60 -18.36
C ASN F 196 -21.68 32.25 -18.87
N ILE F 197 -20.54 31.80 -18.38
CA ILE F 197 -19.28 32.28 -18.92
C ILE F 197 -19.10 31.68 -20.31
N GLU F 198 -19.03 32.55 -21.32
CA GLU F 198 -18.90 32.14 -22.73
C GLU F 198 -17.51 31.66 -23.10
N ARG F 199 -16.50 32.25 -22.45
CA ARG F 199 -15.09 31.90 -22.65
C ARG F 199 -14.90 30.39 -22.65
N LYS F 200 -14.14 29.88 -23.62
CA LYS F 200 -13.85 28.46 -23.67
C LYS F 200 -13.06 28.00 -22.46
N ILE F 201 -13.46 26.86 -21.89
CA ILE F 201 -12.65 26.20 -20.89
C ILE F 201 -12.33 24.80 -21.40
N HIS F 202 -11.11 24.61 -21.88
CA HIS F 202 -10.66 23.31 -22.34
C HIS F 202 -10.25 22.47 -21.14
N GLU F 203 -9.99 21.20 -21.39
CA GLU F 203 -9.52 20.29 -20.36
C GLU F 203 -8.31 19.63 -20.98
N GLY F 204 -7.16 19.69 -20.33
CA GLY F 204 -5.96 19.14 -20.94
C GLY F 204 -4.74 19.04 -20.06
N THR F 205 -3.62 18.77 -20.71
CA THR F 205 -2.37 18.47 -20.03
C THR F 205 -1.47 19.70 -20.00
N TYR F 206 -0.99 20.05 -18.82
CA TYR F 206 -0.06 21.15 -18.63
C TYR F 206 1.37 20.61 -18.52
N SER F 207 2.28 21.10 -19.37
CA SER F 207 3.68 20.70 -19.22
C SER F 207 4.47 21.78 -18.49
N TYR F 208 5.16 21.37 -17.43
CA TYR F 208 6.01 22.25 -16.65
C TYR F 208 7.42 22.17 -17.20
N VAL F 209 7.99 23.32 -17.56
CA VAL F 209 9.37 23.37 -18.01
C VAL F 209 10.08 24.48 -17.25
N HIS F 210 11.41 24.48 -17.27
CA HIS F 210 12.11 25.61 -16.68
C HIS F 210 12.64 26.54 -17.76
N GLU F 215 9.66 30.06 -26.75
CA GLU F 215 10.40 28.87 -27.15
C GLU F 215 10.51 28.78 -28.66
N SER F 216 11.51 28.06 -29.16
CA SER F 216 11.67 27.88 -30.60
C SER F 216 10.50 27.10 -31.19
N ARG F 217 10.35 27.16 -32.51
CA ARG F 217 9.28 26.43 -33.18
C ARG F 217 9.45 24.94 -33.01
N ALA F 218 10.70 24.46 -33.10
CA ALA F 218 11.01 23.05 -32.95
C ALA F 218 10.69 22.56 -31.56
N GLU F 219 10.96 23.38 -30.54
CA GLU F 219 10.64 23.01 -29.17
C GLU F 219 9.14 22.97 -28.95
N SER F 220 8.41 23.92 -29.53
CA SER F 220 6.96 23.91 -29.38
C SER F 220 6.37 22.69 -30.08
N ARG F 221 6.92 22.36 -31.25
CA ARG F 221 6.50 21.17 -31.94
C ARG F 221 6.79 19.90 -31.14
N PHE F 222 7.96 19.83 -30.50
CA PHE F 222 8.27 18.72 -29.60
C PHE F 222 7.28 18.58 -28.44
N LEU F 223 6.94 19.71 -27.81
CA LEU F 223 6.00 19.69 -26.71
C LEU F 223 4.65 19.19 -27.17
N ARG F 224 4.21 19.63 -28.34
CA ARG F 224 2.92 19.18 -28.85
C ARG F 224 2.91 17.67 -29.05
N LEU F 225 3.93 17.13 -29.71
CA LEU F 225 3.92 15.69 -29.97
C LEU F 225 4.19 14.88 -28.70
N ALA F 226 4.82 15.51 -27.70
CA ALA F 226 4.96 14.88 -26.41
C ALA F 226 3.63 14.79 -25.66
N GLY F 227 2.60 15.46 -26.18
CA GLY F 227 1.28 15.44 -25.55
C GLY F 227 0.93 16.69 -24.74
N THR F 228 1.66 17.77 -24.94
CA THR F 228 1.40 19.01 -24.19
C THR F 228 0.20 19.77 -24.76
N ASP F 229 -0.73 20.19 -23.91
CA ASP F 229 -1.78 21.10 -24.35
C ASP F 229 -1.43 22.55 -24.04
N ALA F 230 -0.84 22.79 -22.88
CA ALA F 230 -0.37 24.13 -22.52
C ALA F 230 0.94 24.00 -21.77
N VAL F 231 1.79 25.02 -21.86
CA VAL F 231 3.11 24.96 -21.24
C VAL F 231 3.37 26.20 -20.37
N GLY F 232 4.04 26.01 -19.26
CA GLY F 232 4.44 27.13 -18.42
C GLY F 232 5.52 26.73 -17.46
N MSE F 233 5.86 27.65 -16.56
CA MSE F 233 6.97 27.44 -15.65
C MSE F 233 6.50 27.54 -14.20
O MSE F 233 7.24 28.04 -13.35
CB MSE F 233 8.04 28.50 -15.94
CG MSE F 233 8.47 28.48 -17.40
SE MSE F 233 9.90 29.73 -17.80
CE MSE F 233 8.82 31.36 -17.80
N SER F 234 5.30 27.08 -13.93
CA SER F 234 4.82 27.09 -12.54
C SER F 234 3.96 25.88 -12.27
N THR F 235 3.23 25.95 -11.15
CA THR F 235 2.08 25.09 -10.88
C THR F 235 2.41 23.67 -10.45
N VAL F 236 3.14 22.95 -11.30
CA VAL F 236 3.37 21.53 -11.02
C VAL F 236 4.08 21.23 -9.67
N PRO F 237 5.13 21.98 -9.32
CA PRO F 237 5.73 21.71 -8.00
C PRO F 237 4.73 21.90 -6.84
N GLU F 238 3.89 22.92 -6.89
CA GLU F 238 2.83 23.12 -5.90
C GLU F 238 1.78 22.01 -5.92
N VAL F 239 1.37 21.57 -7.10
CA VAL F 239 0.40 20.48 -7.21
C VAL F 239 0.96 19.21 -6.57
N VAL F 240 2.22 18.91 -6.87
CA VAL F 240 2.83 17.69 -6.34
C VAL F 240 2.98 17.78 -4.81
N THR F 241 3.29 18.95 -4.30
CA THR F 241 3.47 19.09 -2.85
C THR F 241 2.13 19.02 -2.13
N ALA F 242 1.11 19.67 -2.69
CA ALA F 242 -0.22 19.58 -2.10
C ALA F 242 -0.72 18.13 -2.10
N ARG F 243 -0.48 17.40 -3.20
CA ARG F 243 -0.86 15.99 -3.27
C ARG F 243 -0.07 15.16 -2.26
N HIS F 244 1.18 15.51 -2.03
CA HIS F 244 1.98 14.85 -0.98
C HIS F 244 1.37 15.05 0.41
N CYS F 245 0.83 16.25 0.67
CA CYS F 245 0.12 16.54 1.92
C CYS F 245 -1.29 15.96 1.94
N GLY F 246 -1.71 15.39 0.81
CA GLY F 246 -3.01 14.74 0.72
C GLY F 246 -4.16 15.65 0.35
N TRP F 247 -3.86 16.84 -0.16
CA TRP F 247 -4.94 17.77 -0.53
C TRP F 247 -5.53 17.41 -1.89
N ARG F 248 -6.77 17.86 -2.13
CA ARG F 248 -7.33 17.83 -3.48
C ARG F 248 -6.86 19.06 -4.25
N VAL F 249 -6.77 18.93 -5.58
CA VAL F 249 -6.20 20.00 -6.39
C VAL F 249 -7.11 20.36 -7.55
N LEU F 250 -7.34 21.67 -7.72
CA LEU F 250 -7.98 22.19 -8.92
C LEU F 250 -7.02 23.17 -9.57
N ALA F 251 -6.73 23.00 -10.86
CA ALA F 251 -5.80 23.90 -11.52
C ALA F 251 -6.39 24.47 -12.80
N LEU F 252 -6.16 25.76 -13.01
CA LEU F 252 -6.76 26.46 -14.14
C LEU F 252 -5.74 27.38 -14.80
N SER F 253 -5.52 27.16 -16.10
CA SER F 253 -4.59 27.97 -16.88
C SER F 253 -5.31 29.02 -17.72
N LEU F 254 -4.72 30.20 -17.83
CA LEU F 254 -5.18 31.18 -18.81
C LEU F 254 -4.21 31.15 -19.97
N ILE F 255 -4.72 30.86 -21.16
CA ILE F 255 -3.88 30.80 -22.35
C ILE F 255 -3.60 32.22 -22.82
N THR F 256 -2.35 32.66 -22.69
CA THR F 256 -1.97 34.04 -23.01
C THR F 256 -1.56 34.22 -24.47
N ASN F 257 -1.04 33.15 -25.06
CA ASN F 257 -0.71 33.16 -26.48
CA ASN F 257 -0.61 33.14 -26.46
C ASN F 257 -0.75 31.75 -27.08
N GLU F 258 -0.77 31.69 -28.40
CA GLU F 258 -0.71 30.41 -29.11
C GLU F 258 0.71 30.28 -29.66
N CYS F 259 1.42 29.23 -29.26
CA CYS F 259 2.80 29.04 -29.68
C CYS F 259 2.88 28.67 -31.17
N VAL F 260 3.95 29.10 -31.84
CA VAL F 260 4.12 28.84 -33.27
C VAL F 260 4.87 27.54 -33.51
N VAL F 261 4.32 26.70 -34.40
CA VAL F 261 4.80 25.33 -34.59
C VAL F 261 5.40 25.08 -35.99
N ASP F 262 5.04 25.95 -36.94
CA ASP F 262 5.56 25.88 -38.29
C ASP F 262 7.08 26.10 -38.32
N PRO F 263 7.78 25.39 -39.23
CA PRO F 263 9.22 25.61 -39.35
C PRO F 263 9.49 27.03 -39.87
N PRO F 264 10.67 27.59 -39.57
CA PRO F 264 11.00 28.92 -40.08
C PRO F 264 11.14 28.91 -41.59
N ALA F 265 11.24 30.09 -42.20
CA ALA F 265 11.41 30.19 -43.64
C ALA F 265 12.66 29.43 -44.08
N SER F 266 12.56 28.73 -45.21
CA SER F 266 13.69 28.03 -45.80
C SER F 266 14.51 28.99 -46.67
N ALA F 267 15.83 28.81 -46.69
CA ALA F 267 16.68 29.65 -47.52
C ALA F 267 16.40 29.46 -49.02
N HIS F 268 15.59 28.46 -49.35
CA HIS F 268 15.29 28.16 -50.76
C HIS F 268 13.98 28.79 -51.28
N ASP F 269 13.05 29.08 -50.38
CA ASP F 269 11.76 29.66 -50.78
C ASP F 269 11.92 31.04 -51.42
N GLU F 287 -7.18 44.98 -21.15
CA GLU F 287 -8.59 44.93 -21.56
C GLU F 287 -9.01 43.49 -21.87
N ASN F 288 -8.29 42.84 -22.77
CA ASN F 288 -8.49 41.42 -23.03
C ASN F 288 -8.02 40.62 -21.81
N SER F 289 -6.89 41.06 -21.25
CA SER F 289 -6.35 40.45 -20.04
C SER F 289 -7.31 40.66 -18.87
N ALA F 290 -7.86 41.87 -18.79
CA ALA F 290 -8.78 42.23 -17.71
C ALA F 290 -10.05 41.39 -17.73
N LYS F 291 -10.60 41.18 -18.93
CA LYS F 291 -11.85 40.43 -19.07
C LYS F 291 -11.64 38.99 -18.66
N ALA F 292 -10.56 38.38 -19.13
CA ALA F 292 -10.22 37.00 -18.79
C ALA F 292 -10.00 36.84 -17.30
N SER F 293 -9.29 37.79 -16.69
CA SER F 293 -9.06 37.77 -15.26
C SER F 293 -10.38 37.89 -14.50
N LYS F 294 -11.29 38.73 -15.00
CA LYS F 294 -12.60 38.85 -14.36
C LYS F 294 -13.37 37.54 -14.40
N ASP F 295 -13.28 36.81 -15.51
CA ASP F 295 -13.92 35.48 -15.60
C ASP F 295 -13.34 34.49 -14.59
N VAL F 296 -12.01 34.45 -14.49
CA VAL F 296 -11.37 33.58 -13.53
C VAL F 296 -11.80 33.93 -12.11
N GLN F 297 -11.85 35.22 -11.81
CA GLN F 297 -12.25 35.68 -10.49
C GLN F 297 -13.64 35.16 -10.14
N GLU F 298 -14.58 35.34 -11.06
CA GLU F 298 -15.97 34.94 -10.80
C GLU F 298 -16.08 33.44 -10.65
N LEU F 299 -15.33 32.70 -11.47
CA LEU F 299 -15.31 31.25 -11.38
C LEU F 299 -14.83 30.76 -10.02
N ILE F 300 -13.72 31.32 -9.55
CA ILE F 300 -13.12 30.90 -8.28
C ILE F 300 -14.06 31.28 -7.14
N PHE F 301 -14.62 32.49 -7.21
CA PHE F 301 -15.58 32.96 -6.20
C PHE F 301 -16.75 31.97 -6.04
N SER F 302 -17.26 31.48 -7.17
CA SER F 302 -18.39 30.56 -7.13
C SER F 302 -17.98 29.19 -6.61
N VAL F 303 -16.82 28.72 -7.05
CA VAL F 303 -16.36 27.38 -6.71
C VAL F 303 -16.09 27.21 -5.21
N VAL F 304 -15.47 28.20 -4.57
CA VAL F 304 -15.03 27.99 -3.19
C VAL F 304 -16.16 27.81 -2.17
N ALA F 305 -17.36 28.30 -2.50
CA ALA F 305 -18.51 28.12 -1.62
C ALA F 305 -19.02 26.68 -1.64
N GLU F 306 -18.60 25.89 -2.62
CA GLU F 306 -19.07 24.51 -2.76
C GLU F 306 -17.96 23.52 -2.44
N ILE F 307 -16.92 24.04 -1.81
CA ILE F 307 -15.76 23.25 -1.40
C ILE F 307 -15.91 22.72 0.03
O5' DIH G . -5.07 -2.75 6.76
C5' DIH G . -5.39 -4.04 7.14
C4' DIH G . -4.29 -4.56 8.24
C6' DIH G . -4.09 -3.50 9.38
C3' DIH G . -4.77 -5.64 8.84
O3' DIH G . -3.70 -6.49 9.26
C2' DIH G . -5.59 -5.13 10.16
N1' DIH G . -5.24 -3.87 10.33
C10 DIH G . -5.35 -3.34 11.38
C9 DIH G . -6.51 -2.35 11.08
C8 DIH G . -6.43 -1.02 10.70
N7 DIH G . -7.66 -0.55 10.49
C5 DIH G . -8.57 -1.53 10.72
C6 DIH G . -9.98 -1.60 10.66
O6 DIH G . -10.71 -0.52 10.32
N1 DIH G . -10.56 -2.72 10.94
C2 DIH G . -9.87 -3.81 11.28
N3 DIH G . -8.57 -3.79 11.35
C4 DIH G . -7.91 -2.68 11.07
S SO4 H . -1.57 -4.91 12.73
O1 SO4 H . -0.45 -5.86 12.64
O2 SO4 H . -2.26 -4.83 11.47
O3 SO4 H . -1.05 -3.59 13.07
O4 SO4 H . -2.49 -5.37 13.79
C1 GOL I . -9.86 10.83 25.17
O1 GOL I . -10.69 9.96 24.43
C2 GOL I . -8.87 10.00 25.98
O2 GOL I . -9.31 8.67 26.00
C3 GOL I . -8.75 10.46 27.41
O3 GOL I . -8.14 9.43 28.15
O5' DIH J . -13.15 -20.87 38.18
C5' DIH J . -13.10 -21.16 36.85
C4' DIH J . -14.24 -22.28 36.51
C6' DIH J . -15.62 -21.86 37.12
C3' DIH J . -14.42 -22.34 35.22
O3' DIH J . -14.69 -23.69 34.81
C2' DIH J . -15.72 -21.40 34.91
N1' DIH J . -16.53 -21.70 35.89
C10 DIH J . -17.49 -21.02 36.03
C9 DIH J . -17.28 -19.53 36.44
C8 DIH J . -17.32 -18.97 37.71
N7 DIH J . -17.12 -17.65 37.64
C5 DIH J . -16.95 -17.29 36.34
C6 DIH J . -16.71 -16.06 35.67
O6 DIH J . -16.60 -14.90 36.37
N1 DIH J . -16.61 -16.06 34.40
C2 DIH J . -16.71 -17.18 33.69
N3 DIH J . -16.93 -18.34 34.25
C4 DIH J . -17.05 -18.42 35.55
S SO4 K . -18.41 -25.38 36.24
O1 SO4 K . -19.14 -24.65 35.19
O2 SO4 K . -18.10 -26.71 35.75
O3 SO4 K . -17.18 -24.66 36.52
O4 SO4 K . -19.20 -25.47 37.45
C1 GOL L . -35.27 -13.22 40.46
O1 GOL L . -34.35 -12.99 39.42
C2 GOL L . -35.03 -12.20 41.57
O2 GOL L . -33.64 -11.91 41.62
C3 GOL L . -35.79 -10.93 41.19
O3 GOL L . -35.45 -10.58 39.86
S SO4 M . -31.42 -20.24 2.68
O1 SO4 M . -30.52 -19.94 1.56
O2 SO4 M . -31.48 -21.68 2.85
O3 SO4 M . -30.90 -19.64 3.91
O4 SO4 M . -32.74 -19.68 2.40
O5' DIH N . 8.33 1.24 -5.38
C5' DIH N . 9.09 2.34 -5.70
C4' DIH N . 10.63 1.87 -6.00
C6' DIH N . 10.64 0.73 -7.07
C3' DIH N . 11.29 2.86 -6.54
O3' DIH N . 12.60 2.97 -5.95
C2' DIH N . 11.48 2.56 -8.15
N1' DIH N . 10.70 1.54 -8.37
C10 DIH N . 10.89 0.94 -9.36
C9 DIH N . 9.48 1.05 -10.01
C8 DIH N . 8.46 0.13 -9.99
N7 DIH N . 7.40 0.65 -10.65
C5 DIH N . 7.72 1.89 -11.10
C6 DIH N . 7.03 2.88 -11.84
O6 DIH N . 5.76 2.68 -12.26
N1 DIH N . 7.63 3.99 -12.11
C2 DIH N . 8.88 4.22 -11.72
N3 DIH N . 9.55 3.35 -11.03
C4 DIH N . 9.00 2.19 -10.72
S SO4 O . 14.84 -0.55 -7.79
O1 SO4 O . 15.18 0.21 -8.99
O2 SO4 O . 14.49 -1.91 -8.12
O3 SO4 O . 15.99 -0.55 -6.90
O4 SO4 O . 13.68 0.10 -7.15
C1 GOL P . 8.10 -10.75 -25.61
O1 GOL P . 7.13 -9.87 -25.10
C2 GOL P . 8.78 -10.09 -26.79
O2 GOL P . 8.25 -8.78 -26.91
C3 GOL P . 10.27 -9.98 -26.51
O3 GOL P . 10.48 -8.80 -25.76
O5' DIH Q . 32.97 13.23 -30.85
C5' DIH Q . 32.39 13.72 -29.71
C4' DIH Q . 32.36 15.36 -29.76
C6' DIH Q . 31.81 15.85 -31.14
C3' DIH Q . 31.53 15.84 -28.87
O3' DIH Q . 31.96 17.11 -28.40
C2' DIH Q . 30.07 16.02 -29.61
N1' DIH Q . 30.30 15.82 -30.87
C10 DIH Q . 29.57 16.30 -31.65
C9 DIH Q . 28.92 15.01 -32.23
C8 DIH Q . 29.28 14.32 -33.39
N7 DIH Q . 28.50 13.23 -33.50
C5 DIH Q . 27.64 13.18 -32.46
C6 DIH Q . 26.61 12.28 -32.06
O6 DIH Q . 26.34 11.19 -32.82
N1 DIH Q . 25.96 12.50 -30.98
C2 DIH Q . 26.22 13.57 -30.21
N3 DIH Q . 27.15 14.42 -30.53
C4 DIH Q . 27.86 14.26 -31.62
S SO4 R . 31.63 20.23 -31.39
O1 SO4 R . 31.94 20.61 -32.77
O2 SO4 R . 31.89 18.82 -31.19
O3 SO4 R . 32.46 21.00 -30.48
O4 SO4 R . 30.21 20.51 -31.14
C1 GOL S . 17.22 20.23 -47.40
O1 GOL S . 18.08 19.72 -48.39
C2 GOL S . 16.37 19.10 -46.82
O2 GOL S . 15.40 18.69 -47.75
C3 GOL S . 17.26 17.92 -46.44
O3 GOL S . 18.19 17.66 -47.46
S SO4 T . 2.31 31.91 -13.56
O1 SO4 T . 1.14 32.50 -14.21
O2 SO4 T . 2.76 30.76 -14.36
O3 SO4 T . 1.96 31.47 -12.21
O4 SO4 T . 3.40 32.87 -13.52
#